data_4NNJ
#
_entry.id   4NNJ
#
_cell.length_a   73.040
_cell.length_b   195.651
_cell.length_c   230.629
_cell.angle_alpha   90.00
_cell.angle_beta   90.00
_cell.angle_gamma   90.00
#
_symmetry.space_group_name_H-M   'P 2 21 21'
#
loop_
_entity.id
_entity.type
_entity.pdbx_description
1 polymer 'Ubiquitin-activating enzyme E1 1'
2 polymer Uba1
3 non-polymer 'SULFATE ION'
4 non-polymer GLYCEROL
5 non-polymer 'ADENOSINE MONOPHOSPHATE'
6 water water
#
loop_
_entity_poly.entity_id
_entity_poly.type
_entity_poly.pdbx_seq_one_letter_code
_entity_poly.pdbx_strand_id
1 'polypeptide(L)'
;MGSSHHHHHHSSGENLYFQGSHMASAAGEIDESLYSRQLYVLGKEAMLKMQTSNVLILGLKGLGVEIAKNVVLAGVKSMT
VFDPEPVQLADLSTQFFLTEKDIGQKRGDVTRAKLAELNAYVPVNVLDSLDDVTQLSQFQVVVATDTVSLEDKVKINEFC
HSSGIRFISSETRGLFGNTFVDLGDEFTVLDPTGEEPRTGMVSDIEPDGTVTMLDDNRHGLEDGNFVRFSEVEGLDKLND
GTLFKVEVLGPFAFRIGSVKEYGEYKKGGIFTEVKVPRKISFKSLKQQLSNPEFVFSDFAKFDRAAQLHLGFQALHQFAV
RHNGELPRTMNDEDANELIKLVTDLSVQQPEVLGEGVDVNEDLIKELSYQARGDIPGVVAFFGGLVAQEVLKACSGKFTP
LKQFMYFDSLESLPDPKNFPRNEKTTQPVNSRYDNQIAVFGLDFQKKIANSKVFLVGSGAIGCEMLKNWALLGLGSGSDG
YIVVTDNDSIEKSNLNRQFLFRPKDVGKNKSEVAAEAVCAMNPDLKGKINAKIDKVGPETEEIFNDSFWESLDFVTNALD
NVDARTYVDRRCVFYRKPLLESGTLGTKGNTQVIIPRLTESYSSSRDPPEKSIPLCTLRSFPNKIDHTIAWAKSLFQGYF
TDSAENVNMYLTQPNFVEQTLKQSGDVKGVLESISDSLSSKPHNFEDCIKWARLEFEKKFNHDIKQLLFNFPKDAKTSNG
EPFWSGAKRAPTPLEFDIYNNDHFHFVVAGASLRAYNYGIKSDDSNSKPNVDEYKSVIDHMIIPEFTPNANLKIQVNDDD
PDPNANAANGSDEIDQLVSSLPDPSTLAGFKLEPVDFEKDDDTNHHIEFITACSNCRAQNYFIETADRQKTKFIAGRIIP
AIATTTSLVTGLVNLELYKLIDNKTDIEQYKNGFVNLALPFFGFSEPIASPKGEYNNKKYDKIWDRFDIKGDIKLSDLIE
HFEKDEGLEITMLSYGVSLLYASFFPPKKLKERLNLPITQLVKLVTKKDIPAHVSTMILEICADDKEGEDVEVPFITIHL
;
A,C
2 'polypeptide(L)' SAAMQIFVKTLTGKTITLEVESSDTIDNVKSKIQDKEGIPPDQQRLIFAGKQLEDGRTLSDYNIQKESTLHLVLRLRGG B,D,E
#
# COMPACT_ATOMS: atom_id res chain seq x y z
N ALA A 27 15.34 -0.28 8.64
CA ALA A 27 15.02 -0.15 10.05
C ALA A 27 13.53 -0.33 10.31
N GLY A 28 12.73 0.65 9.86
CA GLY A 28 11.29 0.67 10.14
C GLY A 28 11.01 1.40 11.44
N GLU A 29 11.94 2.26 11.84
CA GLU A 29 11.85 2.96 13.14
C GLU A 29 11.64 4.49 12.98
N ILE A 30 10.70 5.04 13.73
CA ILE A 30 10.47 6.49 13.71
C ILE A 30 10.53 7.07 15.11
N ASP A 31 11.37 8.09 15.30
CA ASP A 31 11.57 8.72 16.60
C ASP A 31 10.37 9.63 17.00
N GLU A 32 9.47 9.13 17.84
CA GLU A 32 8.25 9.88 18.16
C GLU A 32 8.56 11.14 18.95
N SER A 33 9.65 11.11 19.72
CA SER A 33 9.94 12.21 20.59
C SER A 33 10.31 13.42 19.75
N LEU A 34 10.90 13.18 18.58
CA LEU A 34 11.26 14.30 17.70
C LEU A 34 10.11 14.66 16.75
N TYR A 35 9.43 13.65 16.23
CA TYR A 35 8.51 13.83 15.13
C TYR A 35 7.03 13.87 15.52
N SER A 36 6.76 13.76 16.81
CA SER A 36 5.41 13.74 17.37
C SER A 36 4.36 14.56 16.60
N ARG A 37 4.55 15.87 16.45
CA ARG A 37 3.50 16.70 15.85
C ARG A 37 3.38 16.49 14.35
N GLN A 38 4.47 16.10 13.69
CA GLN A 38 4.44 15.88 12.24
C GLN A 38 3.80 14.52 11.96
N LEU A 39 4.01 13.61 12.91
CA LEU A 39 3.49 12.27 12.83
C LEU A 39 1.96 12.27 12.74
N TYR A 40 1.32 13.16 13.47
CA TYR A 40 -0.13 13.24 13.40
C TYR A 40 -0.62 13.91 12.13
N VAL A 41 0.27 14.48 11.33
CA VAL A 41 -0.11 15.04 10.04
C VAL A 41 0.08 14.01 8.92
N LEU A 42 1.23 13.34 8.90
CA LEU A 42 1.64 12.49 7.79
C LEU A 42 1.35 11.01 8.01
N GLY A 43 1.49 10.54 9.24
CA GLY A 43 1.33 9.13 9.57
C GLY A 43 2.62 8.32 9.46
N LYS A 44 2.64 7.16 10.13
CA LYS A 44 3.80 6.27 10.14
C LYS A 44 4.24 5.84 8.73
N GLU A 45 3.32 5.30 7.93
CA GLU A 45 3.69 4.75 6.62
C GLU A 45 4.25 5.82 5.66
N ALA A 46 3.67 7.01 5.63
CA ALA A 46 4.25 8.02 4.76
C ALA A 46 5.69 8.36 5.18
N MET A 47 5.94 8.46 6.49
CA MET A 47 7.27 8.82 6.96
C MET A 47 8.25 7.67 6.73
N LEU A 48 7.80 6.43 6.85
CA LEU A 48 8.66 5.32 6.50
C LEU A 48 9.08 5.44 5.04
N LYS A 49 8.17 5.81 4.13
CA LYS A 49 8.57 5.97 2.74
C LYS A 49 9.51 7.16 2.58
N MET A 50 9.21 8.25 3.25
CA MET A 50 10.10 9.41 3.20
C MET A 50 11.50 9.02 3.64
N GLN A 51 11.62 8.13 4.63
CA GLN A 51 12.94 7.73 5.13
C GLN A 51 13.70 6.77 4.19
N THR A 52 13.09 6.40 3.06
CA THR A 52 13.80 5.61 2.06
C THR A 52 14.06 6.42 0.81
N SER A 53 13.79 7.72 0.85
CA SER A 53 13.85 8.57 -0.35
C SER A 53 15.02 9.52 -0.33
N ASN A 54 15.83 9.48 -1.39
CA ASN A 54 16.93 10.42 -1.56
C ASN A 54 16.51 11.60 -2.46
N VAL A 55 16.76 12.83 -1.97
CA VAL A 55 16.27 14.05 -2.62
C VAL A 55 17.46 14.85 -3.07
N LEU A 56 17.29 15.55 -4.20
CA LEU A 56 18.35 16.36 -4.80
C LEU A 56 17.77 17.70 -5.20
N ILE A 57 18.43 18.77 -4.76
CA ILE A 57 17.99 20.13 -5.00
C ILE A 57 19.05 20.87 -5.77
N LEU A 58 18.62 21.44 -6.88
CA LEU A 58 19.51 22.12 -7.82
C LEU A 58 19.27 23.59 -7.65
N GLY A 59 20.31 24.32 -7.23
CA GLY A 59 20.23 25.75 -6.97
C GLY A 59 19.96 26.03 -5.51
N LEU A 60 20.84 26.80 -4.88
CA LEU A 60 20.68 27.07 -3.46
C LEU A 60 20.71 28.57 -3.15
N LYS A 61 19.91 29.32 -3.89
CA LYS A 61 19.57 30.66 -3.45
C LYS A 61 18.39 30.59 -2.46
N GLY A 62 17.69 31.71 -2.21
CA GLY A 62 16.60 31.70 -1.26
C GLY A 62 15.66 30.52 -1.45
N LEU A 63 15.15 30.37 -2.68
CA LEU A 63 14.16 29.35 -2.96
C LEU A 63 14.65 27.94 -2.60
N GLY A 64 15.83 27.55 -3.07
CA GLY A 64 16.32 26.21 -2.82
C GLY A 64 16.59 25.92 -1.34
N VAL A 65 17.12 26.91 -0.62
CA VAL A 65 17.46 26.70 0.78
C VAL A 65 16.16 26.64 1.58
N GLU A 66 15.14 27.38 1.15
CA GLU A 66 13.88 27.28 1.86
C GLU A 66 13.27 25.87 1.68
N ILE A 67 13.28 25.38 0.44
CA ILE A 67 12.78 24.03 0.15
C ILE A 67 13.62 23.03 0.93
N ALA A 68 14.94 23.19 0.90
CA ALA A 68 15.83 22.22 1.54
C ALA A 68 15.63 22.17 3.05
N LYS A 69 15.52 23.33 3.69
CA LYS A 69 15.23 23.41 5.13
C LYS A 69 13.99 22.60 5.48
N ASN A 70 12.89 22.83 4.76
CA ASN A 70 11.65 22.15 5.09
C ASN A 70 11.72 20.62 4.87
N VAL A 71 12.48 20.19 3.86
CA VAL A 71 12.54 18.77 3.58
C VAL A 71 13.49 18.05 4.55
N VAL A 72 14.59 18.72 4.91
CA VAL A 72 15.52 18.15 5.86
C VAL A 72 14.82 18.02 7.22
N LEU A 73 14.01 19.00 7.57
CA LEU A 73 13.27 18.96 8.82
C LEU A 73 12.30 17.77 8.88
N ALA A 74 11.61 17.53 7.76
CA ALA A 74 10.57 16.50 7.67
C ALA A 74 11.14 15.10 7.75
N GLY A 75 12.38 14.90 7.29
CA GLY A 75 13.03 13.60 7.43
C GLY A 75 12.94 12.68 6.22
N VAL A 76 13.94 12.77 5.37
CA VAL A 76 14.07 11.94 4.20
C VAL A 76 15.38 11.19 4.37
N LYS A 77 15.65 10.18 3.54
CA LYS A 77 16.84 9.36 3.72
C LYS A 77 18.11 10.19 3.62
N SER A 78 18.10 11.13 2.69
CA SER A 78 19.25 11.97 2.48
C SER A 78 18.85 13.18 1.63
N MET A 79 19.65 14.23 1.75
CA MET A 79 19.47 15.45 1.00
C MET A 79 20.78 15.76 0.31
N THR A 80 20.72 16.07 -0.98
CA THR A 80 21.90 16.47 -1.69
C THR A 80 21.63 17.79 -2.37
N VAL A 81 22.59 18.72 -2.26
CA VAL A 81 22.44 20.06 -2.82
C VAL A 81 23.49 20.28 -3.90
N PHE A 82 23.07 20.95 -4.95
CA PHE A 82 23.99 21.29 -6.01
C PHE A 82 23.90 22.78 -6.29
N ASP A 83 24.99 23.50 -6.07
CA ASP A 83 25.07 24.90 -6.48
C ASP A 83 26.52 25.38 -6.43
N PRO A 84 27.21 25.28 -7.58
CA PRO A 84 28.63 25.64 -7.61
C PRO A 84 28.86 27.15 -7.81
N GLU A 85 27.81 27.94 -7.82
CA GLU A 85 27.95 29.37 -8.06
C GLU A 85 28.53 30.10 -6.82
N PRO A 86 29.38 31.10 -7.05
CA PRO A 86 29.89 31.83 -5.89
C PRO A 86 28.86 32.73 -5.26
N VAL A 87 28.92 32.80 -3.93
CA VAL A 87 28.07 33.69 -3.18
C VAL A 87 28.39 35.12 -3.58
N GLN A 88 27.34 35.87 -3.89
CA GLN A 88 27.44 37.31 -4.02
C GLN A 88 26.51 37.97 -2.98
N LEU A 89 26.83 39.20 -2.63
CA LEU A 89 26.12 39.93 -1.60
C LEU A 89 24.60 39.92 -1.79
N ALA A 90 24.14 40.04 -3.03
CA ALA A 90 22.71 40.16 -3.30
C ALA A 90 21.95 38.86 -3.05
N ASP A 91 22.64 37.74 -2.97
CA ASP A 91 21.97 36.45 -2.74
C ASP A 91 21.39 36.41 -1.33
N LEU A 92 21.96 37.22 -0.43
CA LEU A 92 21.46 37.26 0.95
C LEU A 92 20.03 37.83 1.09
N SER A 93 19.42 38.27 -0.01
CA SER A 93 18.08 38.80 0.06
C SER A 93 17.12 37.82 0.74
N THR A 94 17.19 36.55 0.39
CA THR A 94 16.34 35.55 1.05
C THR A 94 17.10 34.29 1.50
N GLN A 95 18.41 34.26 1.30
CA GLN A 95 19.18 33.07 1.67
C GLN A 95 19.74 33.23 3.08
N PHE A 96 18.95 32.76 4.03
CA PHE A 96 19.16 33.01 5.46
C PHE A 96 20.35 32.26 6.05
N PHE A 97 20.98 31.38 5.26
CA PHE A 97 22.15 30.64 5.69
C PHE A 97 23.44 31.16 5.03
N LEU A 98 23.37 32.22 4.26
CA LEU A 98 24.58 32.87 3.76
C LEU A 98 24.94 34.08 4.62
N THR A 99 26.24 34.31 4.78
CA THR A 99 26.74 35.45 5.53
C THR A 99 27.68 36.20 4.63
N GLU A 100 27.93 37.48 4.95
CA GLU A 100 28.78 38.31 4.11
C GLU A 100 30.21 37.78 4.10
N LYS A 101 30.61 37.05 5.14
CA LYS A 101 31.93 36.46 5.17
C LYS A 101 32.08 35.34 4.14
N ASP A 102 30.96 34.86 3.60
CA ASP A 102 30.98 33.70 2.70
C ASP A 102 31.20 34.11 1.27
N ILE A 103 31.10 35.39 1.01
CA ILE A 103 31.19 35.89 -0.36
C ILE A 103 32.41 35.36 -1.10
N GLY A 104 32.17 34.86 -2.31
CA GLY A 104 33.23 34.27 -3.10
C GLY A 104 33.19 32.74 -3.12
N GLN A 105 32.81 32.13 -2.00
CA GLN A 105 32.75 30.67 -1.89
C GLN A 105 31.50 30.14 -2.58
N LYS A 106 31.47 28.83 -2.82
CA LYS A 106 30.36 28.18 -3.52
C LYS A 106 29.10 28.08 -2.65
N ARG A 107 27.94 28.42 -3.22
CA ARG A 107 26.70 28.48 -2.43
C ARG A 107 26.41 27.16 -1.77
N GLY A 108 26.61 26.08 -2.51
CA GLY A 108 26.34 24.75 -1.99
C GLY A 108 27.27 24.30 -0.85
N ASP A 109 28.55 24.59 -0.96
CA ASP A 109 29.50 24.21 0.07
C ASP A 109 29.19 24.87 1.42
N VAL A 110 28.98 26.17 1.40
CA VAL A 110 28.75 26.94 2.64
C VAL A 110 27.43 26.58 3.34
N THR A 111 26.44 26.18 2.56
CA THR A 111 25.11 25.92 3.09
C THR A 111 25.05 24.53 3.72
N ARG A 112 25.88 23.62 3.21
CA ARG A 112 25.76 22.22 3.56
C ARG A 112 25.72 21.97 5.08
N ALA A 113 26.70 22.49 5.81
CA ALA A 113 26.77 22.23 7.26
C ALA A 113 25.59 22.78 8.04
N LYS A 114 25.02 23.88 7.56
CA LYS A 114 23.95 24.52 8.30
C LYS A 114 22.65 23.74 8.12
N LEU A 115 22.44 23.20 6.92
CA LEU A 115 21.28 22.32 6.69
C LEU A 115 21.46 21.04 7.52
N ALA A 116 22.66 20.49 7.53
CA ALA A 116 22.95 19.33 8.36
C ALA A 116 22.51 19.52 9.83
N GLU A 117 22.75 20.70 10.42
CA GLU A 117 22.39 20.95 11.81
C GLU A 117 20.89 20.87 12.12
N LEU A 118 20.03 20.97 11.11
CA LEU A 118 18.60 21.00 11.32
C LEU A 118 18.04 19.69 11.81
N ASN A 119 18.70 18.59 11.46
CA ASN A 119 18.17 17.25 11.71
C ASN A 119 19.27 16.19 11.59
N ALA A 120 19.80 15.75 12.71
CA ALA A 120 20.88 14.78 12.69
C ALA A 120 20.54 13.48 11.92
N TYR A 121 19.27 13.17 11.72
CA TYR A 121 18.92 11.91 11.07
C TYR A 121 19.07 11.96 9.53
N VAL A 122 19.33 13.14 8.98
CA VAL A 122 19.35 13.35 7.54
C VAL A 122 20.71 13.81 7.03
N PRO A 123 21.46 12.91 6.42
CA PRO A 123 22.75 13.31 5.85
C PRO A 123 22.55 14.39 4.81
N VAL A 124 23.40 15.42 4.79
CA VAL A 124 23.34 16.43 3.74
C VAL A 124 24.66 16.44 2.98
N ASN A 125 24.60 16.21 1.66
CA ASN A 125 25.80 16.09 0.81
C ASN A 125 25.84 17.15 -0.30
N VAL A 126 27.05 17.50 -0.75
CA VAL A 126 27.16 18.35 -1.92
C VAL A 126 27.56 17.54 -3.15
N LEU A 127 26.74 17.68 -4.19
CA LEU A 127 27.07 17.17 -5.51
C LEU A 127 27.97 18.21 -6.16
N ASP A 128 29.21 17.83 -6.45
CA ASP A 128 30.21 18.76 -6.97
C ASP A 128 29.88 19.22 -8.38
N SER A 129 29.56 18.29 -9.28
CA SER A 129 29.29 18.66 -10.66
C SER A 129 28.13 17.84 -11.23
N LEU A 130 27.38 18.45 -12.14
CA LEU A 130 26.24 17.77 -12.74
C LEU A 130 26.44 17.61 -14.24
N ASP A 131 27.69 17.50 -14.67
CA ASP A 131 28.00 17.35 -16.09
C ASP A 131 27.49 16.04 -16.63
N ASP A 132 27.64 14.99 -15.84
CA ASP A 132 27.07 13.68 -16.14
C ASP A 132 25.62 13.58 -15.62
N VAL A 133 24.64 13.74 -16.51
CA VAL A 133 23.22 13.64 -16.16
C VAL A 133 22.85 12.30 -15.49
N THR A 134 23.62 11.28 -15.83
CA THR A 134 23.45 9.94 -15.30
C THR A 134 23.47 9.89 -13.79
N GLN A 135 24.18 10.80 -13.14
CA GLN A 135 24.21 10.80 -11.68
C GLN A 135 22.81 10.99 -11.07
N LEU A 136 21.87 11.51 -11.85
CA LEU A 136 20.53 11.75 -11.36
C LEU A 136 19.87 10.48 -10.89
N SER A 137 20.37 9.34 -11.35
CA SER A 137 19.74 8.07 -11.03
C SER A 137 19.87 7.62 -9.57
N GLN A 138 20.76 8.25 -8.82
CA GLN A 138 20.87 8.00 -7.40
C GLN A 138 19.64 8.53 -6.63
N PHE A 139 18.79 9.33 -7.25
CA PHE A 139 17.77 10.05 -6.54
C PHE A 139 16.33 9.62 -6.87
N GLN A 140 15.40 9.83 -5.93
CA GLN A 140 14.00 9.49 -6.15
C GLN A 140 13.19 10.73 -6.51
N VAL A 141 13.67 11.90 -6.09
CA VAL A 141 12.99 13.17 -6.35
C VAL A 141 14.05 14.23 -6.63
N VAL A 142 13.90 14.91 -7.78
CA VAL A 142 14.80 15.98 -8.19
C VAL A 142 14.03 17.30 -8.28
N VAL A 143 14.59 18.36 -7.72
CA VAL A 143 13.93 19.66 -7.71
C VAL A 143 14.81 20.71 -8.36
N ALA A 144 14.32 21.31 -9.44
CA ALA A 144 15.07 22.33 -10.17
C ALA A 144 14.59 23.76 -9.81
N THR A 145 15.44 24.55 -9.16
CA THR A 145 15.01 25.90 -8.77
C THR A 145 15.28 26.96 -9.84
N ASP A 146 15.33 28.20 -9.41
CA ASP A 146 15.42 29.36 -10.28
C ASP A 146 16.77 29.47 -10.94
N THR A 147 17.74 28.69 -10.48
CA THR A 147 19.09 28.79 -11.02
C THR A 147 19.32 27.91 -12.26
N VAL A 148 18.33 27.09 -12.62
CA VAL A 148 18.52 26.13 -13.70
C VAL A 148 17.89 26.72 -14.95
N SER A 149 18.62 26.80 -16.06
CA SER A 149 18.01 27.30 -17.29
C SER A 149 16.82 26.44 -17.72
N LEU A 150 15.92 27.00 -18.52
CA LEU A 150 14.75 26.24 -18.97
C LEU A 150 15.19 25.09 -19.90
N GLU A 151 16.18 25.33 -20.74
CA GLU A 151 16.72 24.30 -21.60
C GLU A 151 17.17 23.10 -20.75
N ASP A 152 17.93 23.39 -19.69
CA ASP A 152 18.38 22.35 -18.79
C ASP A 152 17.22 21.70 -18.01
N LYS A 153 16.19 22.47 -17.66
CA LYS A 153 15.02 21.90 -16.97
C LYS A 153 14.35 20.83 -17.83
N VAL A 154 14.21 21.14 -19.10
CA VAL A 154 13.64 20.20 -20.04
C VAL A 154 14.49 18.93 -20.20
N LYS A 155 15.80 19.09 -20.29
CA LYS A 155 16.68 17.91 -20.35
C LYS A 155 16.55 17.04 -19.09
N ILE A 156 16.63 17.68 -17.94
CA ILE A 156 16.60 16.98 -16.68
C ILE A 156 15.25 16.33 -16.51
N ASN A 157 14.18 17.07 -16.83
CA ASN A 157 12.86 16.47 -16.75
C ASN A 157 12.72 15.26 -17.66
N GLU A 158 13.22 15.32 -18.88
CA GLU A 158 13.14 14.18 -19.79
C GLU A 158 13.88 12.97 -19.23
N PHE A 159 15.09 13.19 -18.74
CA PHE A 159 15.82 12.08 -18.11
C PHE A 159 15.05 11.52 -16.88
N CYS A 160 14.52 12.41 -16.04
CA CYS A 160 13.78 12.00 -14.86
C CYS A 160 12.49 11.26 -15.25
N HIS A 161 11.67 11.89 -16.08
CA HIS A 161 10.42 11.26 -16.50
C HIS A 161 10.62 9.87 -17.11
N SER A 162 11.61 9.71 -17.98
CA SER A 162 11.79 8.46 -18.69
C SER A 162 12.51 7.43 -17.84
N SER A 163 13.09 7.84 -16.71
CA SER A 163 13.78 6.95 -15.77
C SER A 163 12.99 6.58 -14.54
N GLY A 164 11.84 7.21 -14.32
CA GLY A 164 11.05 6.90 -13.13
C GLY A 164 11.34 7.79 -11.94
N ILE A 165 12.09 8.87 -12.15
CA ILE A 165 12.42 9.84 -11.11
C ILE A 165 11.40 10.99 -11.07
N ARG A 166 10.93 11.32 -9.87
CA ARG A 166 9.93 12.35 -9.71
C ARG A 166 10.61 13.69 -9.88
N PHE A 167 9.94 14.60 -10.56
CA PHE A 167 10.54 15.89 -10.92
C PHE A 167 9.63 17.08 -10.55
N ILE A 168 10.26 18.12 -9.98
CA ILE A 168 9.56 19.33 -9.58
C ILE A 168 10.44 20.53 -9.91
N SER A 169 9.86 21.61 -10.38
CA SER A 169 10.65 22.82 -10.53
C SER A 169 9.86 24.01 -10.06
N SER A 170 10.54 25.10 -9.81
CA SER A 170 9.90 26.28 -9.26
C SER A 170 10.78 27.48 -9.51
N GLU A 171 10.13 28.62 -9.70
CA GLU A 171 10.82 29.90 -9.95
C GLU A 171 10.11 31.04 -9.25
N THR A 172 10.89 31.98 -8.73
CA THR A 172 10.34 33.24 -8.20
C THR A 172 11.01 34.42 -8.88
N ARG A 173 10.23 35.46 -9.14
CA ARG A 173 10.74 36.68 -9.77
C ARG A 173 9.91 37.82 -9.20
N GLY A 174 10.52 38.56 -8.27
CA GLY A 174 9.81 39.61 -7.55
C GLY A 174 8.56 39.05 -6.89
N LEU A 175 7.43 39.73 -7.10
CA LEU A 175 6.16 39.33 -6.50
C LEU A 175 5.44 38.20 -7.28
N PHE A 176 6.09 37.68 -8.32
CA PHE A 176 5.53 36.56 -9.10
C PHE A 176 6.25 35.24 -8.82
N GLY A 177 5.56 34.13 -9.07
CA GLY A 177 6.14 32.83 -8.85
C GLY A 177 5.37 31.72 -9.56
N ASN A 178 6.05 30.58 -9.75
CA ASN A 178 5.39 29.38 -10.26
C ASN A 178 6.02 28.10 -9.70
N THR A 179 5.30 27.00 -9.90
CA THR A 179 5.83 25.68 -9.61
C THR A 179 5.30 24.73 -10.65
N PHE A 180 6.07 23.71 -10.97
CA PHE A 180 5.66 22.70 -11.94
C PHE A 180 5.91 21.34 -11.32
N VAL A 181 4.96 20.42 -11.44
CA VAL A 181 5.13 19.08 -10.85
C VAL A 181 4.95 17.96 -11.88
N ASP A 182 5.87 17.00 -11.90
CA ASP A 182 5.73 15.86 -12.81
C ASP A 182 6.20 14.55 -12.13
N LEU A 183 5.24 13.74 -11.67
CA LEU A 183 5.61 12.54 -10.91
C LEU A 183 5.66 11.29 -11.79
N GLY A 184 5.60 11.48 -13.10
CA GLY A 184 5.77 10.39 -14.04
C GLY A 184 4.48 9.83 -14.57
N ASP A 185 4.62 8.74 -15.31
CA ASP A 185 3.50 8.09 -16.01
C ASP A 185 2.64 7.34 -15.07
N GLU A 186 3.26 6.76 -14.06
CA GLU A 186 2.59 5.92 -13.08
C GLU A 186 2.84 6.49 -11.66
N PHE A 187 1.80 7.00 -11.01
CA PHE A 187 1.94 7.43 -9.64
C PHE A 187 0.67 7.11 -8.86
N THR A 188 0.81 6.57 -7.66
CA THR A 188 -0.37 6.15 -6.92
C THR A 188 -0.65 7.01 -5.67
N VAL A 189 -1.80 7.68 -5.62
CA VAL A 189 -2.18 8.44 -4.43
C VAL A 189 -2.87 7.47 -3.47
N LEU A 190 -2.37 7.38 -2.25
CA LEU A 190 -2.86 6.40 -1.27
C LEU A 190 -3.92 6.98 -0.34
N ASP A 191 -3.89 8.31 -0.13
CA ASP A 191 -4.82 9.03 0.79
C ASP A 191 -4.92 10.44 0.25
N PRO A 192 -6.05 10.77 -0.34
CA PRO A 192 -6.13 12.06 -1.03
C PRO A 192 -6.16 13.30 -0.13
N THR A 193 -6.57 13.16 1.13
CA THR A 193 -6.78 14.32 2.01
C THR A 193 -6.07 14.29 3.37
N GLY A 194 -5.85 13.12 3.97
CA GLY A 194 -5.27 13.09 5.29
C GLY A 194 -6.31 13.31 6.38
N GLU A 195 -7.58 13.40 5.99
CA GLU A 195 -8.66 13.54 6.96
C GLU A 195 -9.00 12.20 7.65
N GLU A 196 -9.50 12.26 8.89
CA GLU A 196 -9.98 11.06 9.57
C GLU A 196 -11.08 10.43 8.73
N PRO A 197 -10.97 9.12 8.51
CA PRO A 197 -12.11 8.44 7.86
C PRO A 197 -13.43 8.59 8.64
N ARG A 198 -14.50 8.86 7.90
CA ARG A 198 -15.82 9.00 8.49
C ARG A 198 -16.25 7.65 9.02
N THR A 199 -17.02 7.69 10.09
CA THR A 199 -17.52 6.48 10.70
C THR A 199 -18.93 6.76 11.20
N GLY A 200 -19.76 5.74 11.35
CA GLY A 200 -21.11 5.97 11.88
C GLY A 200 -21.96 4.77 12.23
N MET A 201 -22.93 4.98 13.13
CA MET A 201 -23.86 3.93 13.54
C MET A 201 -25.09 3.82 12.66
N VAL A 202 -25.42 2.57 12.33
CA VAL A 202 -26.52 2.23 11.43
C VAL A 202 -27.77 1.79 12.21
N SER A 203 -28.94 2.22 11.75
CA SER A 203 -30.19 1.73 12.35
C SER A 203 -30.95 0.78 11.42
N ASP A 204 -30.66 0.80 10.12
CA ASP A 204 -31.33 -0.08 9.18
C ASP A 204 -30.62 -0.19 7.83
N ILE A 205 -30.70 -1.38 7.23
CA ILE A 205 -30.28 -1.61 5.84
C ILE A 205 -31.32 -2.39 5.05
N GLU A 206 -32.02 -1.68 4.16
CA GLU A 206 -33.03 -2.28 3.31
C GLU A 206 -32.41 -3.19 2.26
N PRO A 207 -33.18 -4.18 1.79
CA PRO A 207 -32.69 -5.11 0.75
C PRO A 207 -32.07 -4.43 -0.50
N ASP A 208 -32.56 -3.25 -0.89
CA ASP A 208 -31.99 -2.53 -2.03
C ASP A 208 -30.68 -1.81 -1.68
N GLY A 209 -30.31 -1.86 -0.40
CA GLY A 209 -29.03 -1.35 0.03
C GLY A 209 -29.04 0.04 0.63
N THR A 210 -30.23 0.58 0.85
CA THR A 210 -30.37 1.89 1.48
C THR A 210 -30.00 1.74 2.93
N VAL A 211 -28.95 2.45 3.35
CA VAL A 211 -28.50 2.49 4.73
C VAL A 211 -29.00 3.74 5.45
N THR A 212 -29.65 3.53 6.59
CA THR A 212 -30.17 4.62 7.40
C THR A 212 -29.37 4.77 8.70
N MET A 213 -28.93 5.99 8.96
CA MET A 213 -28.18 6.29 10.19
C MET A 213 -29.07 6.19 11.45
N LEU A 214 -28.44 5.94 12.58
CA LEU A 214 -29.13 5.94 13.86
C LEU A 214 -29.47 7.38 14.20
N ASP A 215 -30.74 7.64 14.45
CA ASP A 215 -31.19 8.93 14.94
C ASP A 215 -30.70 10.17 14.17
N ASP A 216 -30.09 11.09 14.88
CA ASP A 216 -29.75 12.38 14.32
C ASP A 216 -28.33 12.37 13.72
N ASN A 217 -27.69 11.20 13.65
CA ASN A 217 -26.29 11.15 13.21
C ASN A 217 -26.12 11.27 11.69
N ARG A 218 -25.29 12.21 11.25
CA ARG A 218 -25.03 12.40 9.83
C ARG A 218 -23.91 11.50 9.37
N HIS A 219 -23.98 10.97 8.16
CA HIS A 219 -22.91 10.08 7.72
C HIS A 219 -21.66 10.82 7.30
N GLY A 220 -21.80 12.01 6.69
CA GLY A 220 -20.68 12.83 6.22
C GLY A 220 -19.99 12.39 4.93
N LEU A 221 -20.43 11.27 4.39
CA LEU A 221 -19.95 10.79 3.12
C LEU A 221 -20.32 11.65 1.90
N GLU A 222 -19.75 11.30 0.76
CA GLU A 222 -19.85 12.01 -0.50
C GLU A 222 -19.99 10.90 -1.57
N ASP A 223 -20.74 11.14 -2.65
CA ASP A 223 -20.83 10.16 -3.74
C ASP A 223 -19.45 9.68 -4.20
N GLY A 224 -19.31 8.35 -4.33
CA GLY A 224 -18.06 7.73 -4.77
C GLY A 224 -17.13 7.34 -3.63
N ASN A 225 -17.47 7.71 -2.41
CA ASN A 225 -16.74 7.21 -1.26
C ASN A 225 -16.93 5.69 -1.13
N PHE A 226 -16.01 5.03 -0.44
CA PHE A 226 -16.15 3.61 -0.17
C PHE A 226 -16.25 3.37 1.33
N VAL A 227 -17.04 2.38 1.73
CA VAL A 227 -17.16 2.00 3.15
C VAL A 227 -17.09 0.50 3.33
N ARG A 228 -16.61 0.08 4.50
CA ARG A 228 -16.72 -1.30 4.98
C ARG A 228 -17.67 -1.30 6.17
N PHE A 229 -18.05 -2.48 6.62
CA PHE A 229 -18.98 -2.60 7.75
C PHE A 229 -18.53 -3.58 8.81
N SER A 230 -19.12 -3.44 10.00
CA SER A 230 -19.01 -4.45 11.04
C SER A 230 -20.19 -4.40 11.98
N GLU A 231 -20.45 -5.52 12.65
CA GLU A 231 -21.52 -5.62 13.65
C GLU A 231 -22.94 -5.62 13.07
N VAL A 232 -23.03 -5.67 11.73
CA VAL A 232 -24.32 -5.73 11.07
C VAL A 232 -24.85 -7.15 11.19
N GLU A 233 -25.79 -7.35 12.09
CA GLU A 233 -26.37 -8.68 12.32
C GLU A 233 -27.43 -9.02 11.28
N GLY A 234 -27.35 -10.22 10.71
CA GLY A 234 -28.27 -10.63 9.67
C GLY A 234 -27.72 -10.59 8.25
N LEU A 235 -26.57 -9.97 8.07
CA LEU A 235 -26.00 -9.80 6.74
C LEU A 235 -24.55 -10.29 6.69
N ASP A 236 -24.27 -11.33 7.48
CA ASP A 236 -22.93 -11.60 8.00
C ASP A 236 -21.72 -11.26 7.10
N LYS A 237 -21.76 -11.56 5.82
CA LYS A 237 -20.55 -11.36 5.03
C LYS A 237 -20.36 -9.91 4.60
N LEU A 238 -21.39 -9.09 4.75
CA LEU A 238 -21.23 -7.65 4.62
C LEU A 238 -20.16 -7.09 5.60
N ASN A 239 -19.81 -7.88 6.61
CA ASN A 239 -18.84 -7.46 7.59
C ASN A 239 -17.42 -7.95 7.32
N ASP A 240 -17.21 -8.66 6.22
CA ASP A 240 -15.93 -9.34 6.00
C ASP A 240 -14.83 -8.42 5.49
N GLY A 241 -15.08 -7.12 5.42
CA GLY A 241 -14.06 -6.21 4.93
C GLY A 241 -14.29 -5.77 3.50
N THR A 242 -15.21 -6.41 2.80
CA THR A 242 -15.63 -5.93 1.49
C THR A 242 -15.99 -4.46 1.51
N LEU A 243 -15.51 -3.75 0.48
CA LEU A 243 -15.81 -2.34 0.30
C LEU A 243 -17.03 -2.17 -0.57
N PHE A 244 -17.84 -1.15 -0.23
CA PHE A 244 -19.06 -0.80 -0.98
C PHE A 244 -19.00 0.67 -1.41
N LYS A 245 -19.45 0.92 -2.65
CA LYS A 245 -19.44 2.27 -3.19
C LYS A 245 -20.68 3.04 -2.74
N VAL A 246 -20.47 4.28 -2.32
CA VAL A 246 -21.53 5.04 -1.68
C VAL A 246 -22.30 5.95 -2.64
N GLU A 247 -23.61 5.76 -2.69
CA GLU A 247 -24.50 6.69 -3.36
C GLU A 247 -25.28 7.44 -2.28
N VAL A 248 -25.05 8.74 -2.15
CA VAL A 248 -25.70 9.52 -1.10
C VAL A 248 -27.12 9.90 -1.44
N LEU A 249 -28.02 9.81 -0.44
CA LEU A 249 -29.44 10.09 -0.66
C LEU A 249 -29.87 11.37 0.09
N GLY A 250 -29.27 11.61 1.23
CA GLY A 250 -29.52 12.81 1.98
C GLY A 250 -28.46 12.81 3.04
N PRO A 251 -28.52 13.75 3.98
CA PRO A 251 -27.56 13.83 5.08
C PRO A 251 -27.58 12.60 6.01
N PHE A 252 -28.66 11.80 5.94
CA PHE A 252 -28.92 10.73 6.92
C PHE A 252 -29.07 9.32 6.31
N ALA A 253 -28.87 9.23 5.01
CA ALA A 253 -28.99 7.97 4.30
C ALA A 253 -28.08 7.92 3.09
N PHE A 254 -27.57 6.73 2.78
CA PHE A 254 -26.85 6.50 1.54
C PHE A 254 -27.15 5.08 1.11
N ARG A 255 -26.71 4.72 -0.10
CA ARG A 255 -27.07 3.42 -0.70
C ARG A 255 -25.84 2.72 -1.21
N ILE A 256 -25.81 1.40 -1.06
CA ILE A 256 -24.61 0.63 -1.36
C ILE A 256 -24.86 -0.45 -2.38
N GLY A 257 -26.07 -0.51 -2.92
CA GLY A 257 -26.41 -1.55 -3.87
C GLY A 257 -27.13 -2.68 -3.17
N SER A 258 -27.81 -3.50 -3.93
CA SER A 258 -28.61 -4.56 -3.37
C SER A 258 -27.86 -5.42 -2.37
N VAL A 259 -28.53 -5.81 -1.30
CA VAL A 259 -27.93 -6.67 -0.28
C VAL A 259 -28.75 -7.93 -0.03
N LYS A 260 -29.74 -8.20 -0.88
CA LYS A 260 -30.64 -9.37 -0.69
C LYS A 260 -29.84 -10.65 -0.61
N GLU A 261 -28.79 -10.70 -1.42
CA GLU A 261 -27.89 -11.83 -1.50
C GLU A 261 -27.09 -12.11 -0.22
N TYR A 262 -26.92 -11.13 0.65
CA TYR A 262 -26.16 -11.38 1.89
C TYR A 262 -27.08 -11.80 3.03
N GLY A 263 -28.39 -11.60 2.88
CA GLY A 263 -29.34 -11.98 3.90
C GLY A 263 -30.35 -10.89 4.18
N GLU A 264 -30.71 -10.74 5.46
CA GLU A 264 -31.69 -9.74 5.84
C GLU A 264 -31.29 -9.05 7.15
N TYR A 265 -31.23 -7.72 7.11
CA TYR A 265 -30.83 -6.91 8.26
C TYR A 265 -31.72 -7.16 9.47
N LYS A 266 -31.08 -7.35 10.63
CA LYS A 266 -31.77 -7.48 11.90
C LYS A 266 -31.52 -6.27 12.80
N LYS A 267 -30.26 -6.01 13.12
CA LYS A 267 -29.92 -4.87 13.99
C LYS A 267 -28.42 -4.54 13.99
N GLY A 268 -28.07 -3.43 14.65
CA GLY A 268 -26.68 -3.06 14.84
C GLY A 268 -26.02 -2.61 13.55
N GLY A 269 -24.70 -2.42 13.59
CA GLY A 269 -23.95 -2.01 12.42
C GLY A 269 -23.19 -0.71 12.61
N ILE A 270 -21.92 -0.74 12.23
CA ILE A 270 -21.09 0.46 12.12
C ILE A 270 -20.41 0.44 10.77
N PHE A 271 -20.48 1.57 10.07
CA PHE A 271 -19.79 1.72 8.79
C PHE A 271 -18.51 2.53 9.05
N THR A 272 -17.47 2.20 8.28
CA THR A 272 -16.19 2.89 8.33
C THR A 272 -15.69 3.24 6.90
N GLU A 273 -15.36 4.51 6.68
CA GLU A 273 -14.89 4.93 5.37
C GLU A 273 -13.51 4.35 5.10
N VAL A 274 -13.28 3.91 3.87
CA VAL A 274 -11.97 3.41 3.47
C VAL A 274 -11.51 4.19 2.24
N LYS A 275 -10.31 4.72 2.31
CA LYS A 275 -9.67 5.44 1.24
C LYS A 275 -9.03 4.42 0.28
N VAL A 276 -9.45 4.41 -0.98
CA VAL A 276 -8.86 3.50 -1.97
C VAL A 276 -7.72 4.14 -2.78
N PRO A 277 -6.76 3.32 -3.23
CA PRO A 277 -5.68 3.82 -4.09
C PRO A 277 -6.16 4.47 -5.39
N ARG A 278 -5.44 5.48 -5.88
CA ARG A 278 -5.78 6.10 -7.15
C ARG A 278 -4.54 6.30 -8.00
N LYS A 279 -4.52 5.71 -9.19
CA LYS A 279 -3.38 5.83 -10.10
C LYS A 279 -3.58 7.04 -11.00
N ILE A 280 -2.60 7.94 -11.04
CA ILE A 280 -2.64 9.11 -11.93
C ILE A 280 -1.37 9.22 -12.79
N SER A 281 -1.48 9.89 -13.93
CA SER A 281 -0.35 10.10 -14.85
C SER A 281 -0.04 11.57 -14.99
N PHE A 282 1.24 11.87 -15.20
CA PHE A 282 1.65 13.24 -15.43
C PHE A 282 2.32 13.35 -16.79
N LYS A 283 2.20 14.50 -17.43
CA LYS A 283 2.85 14.74 -18.71
C LYS A 283 4.20 15.41 -18.49
N SER A 284 5.10 15.33 -19.45
CA SER A 284 6.42 15.89 -19.28
C SER A 284 6.43 17.44 -19.29
N LEU A 285 7.54 18.05 -18.90
CA LEU A 285 7.65 19.50 -18.91
C LEU A 285 7.48 20.02 -20.35
N LYS A 286 8.15 19.35 -21.30
CA LYS A 286 8.03 19.66 -22.71
C LYS A 286 6.56 19.69 -23.15
N GLN A 287 5.84 18.58 -22.96
CA GLN A 287 4.42 18.51 -23.31
C GLN A 287 3.63 19.65 -22.64
N GLN A 288 3.88 19.89 -21.36
CA GLN A 288 3.07 20.85 -20.57
C GLN A 288 3.42 22.31 -20.86
N LEU A 289 4.61 22.58 -21.35
CA LEU A 289 4.93 23.94 -21.78
C LEU A 289 3.97 24.35 -22.88
N SER A 290 3.57 23.44 -23.75
CA SER A 290 2.66 23.86 -24.82
C SER A 290 1.21 23.49 -24.53
N ASN A 291 1.00 22.57 -23.59
CA ASN A 291 -0.35 22.25 -23.12
C ASN A 291 -0.51 22.07 -21.60
N PRO A 292 -0.45 23.19 -20.88
CA PRO A 292 -0.41 23.13 -19.42
C PRO A 292 -1.73 22.72 -18.79
N GLU A 293 -1.64 21.99 -17.68
CA GLU A 293 -2.78 21.82 -16.77
C GLU A 293 -2.58 22.70 -15.52
N PHE A 294 -3.45 23.69 -15.32
CA PHE A 294 -3.27 24.68 -14.27
C PHE A 294 -3.99 24.27 -13.00
N VAL A 295 -3.34 24.46 -11.86
CA VAL A 295 -4.02 24.61 -10.58
C VAL A 295 -3.91 26.09 -10.19
N PHE A 296 -5.05 26.73 -9.91
CA PHE A 296 -5.11 28.17 -9.59
C PHE A 296 -4.72 28.48 -8.15
N SER A 297 -3.96 29.56 -7.94
CA SER A 297 -3.60 29.96 -6.58
C SER A 297 -4.54 31.03 -6.01
N ASP A 298 -5.39 31.58 -6.85
CA ASP A 298 -6.30 32.64 -6.45
C ASP A 298 -7.33 32.80 -7.53
N PHE A 299 -8.54 32.34 -7.25
CA PHE A 299 -9.55 32.29 -8.26
C PHE A 299 -9.89 33.68 -8.76
N ALA A 300 -9.70 34.71 -7.95
CA ALA A 300 -9.94 36.09 -8.40
C ALA A 300 -9.04 36.48 -9.56
N LYS A 301 -8.01 35.68 -9.79
CA LYS A 301 -6.96 36.00 -10.76
C LYS A 301 -6.74 34.89 -11.80
N PHE A 302 -7.74 34.05 -12.03
CA PHE A 302 -7.49 32.85 -12.81
C PHE A 302 -7.10 33.14 -14.30
N ASP A 303 -7.59 34.25 -14.85
CA ASP A 303 -7.22 34.66 -16.20
C ASP A 303 -5.72 35.02 -16.37
N ARG A 304 -5.01 35.21 -15.25
CA ARG A 304 -3.58 35.52 -15.27
C ARG A 304 -2.69 34.28 -15.39
N ALA A 305 -3.23 33.12 -15.03
CA ALA A 305 -2.45 31.90 -15.15
C ALA A 305 -1.91 31.69 -16.60
N ALA A 306 -2.78 31.79 -17.60
CA ALA A 306 -2.34 31.68 -18.99
C ALA A 306 -1.36 32.79 -19.40
N GLN A 307 -1.62 34.01 -18.98
CA GLN A 307 -0.70 35.11 -19.26
C GLN A 307 0.69 34.84 -18.65
N LEU A 308 0.72 34.41 -17.39
CA LEU A 308 2.00 34.23 -16.71
C LEU A 308 2.74 33.00 -17.25
N HIS A 309 1.97 32.02 -17.70
CA HIS A 309 2.55 30.83 -18.29
C HIS A 309 3.37 31.25 -19.50
N LEU A 310 2.81 32.12 -20.34
CA LEU A 310 3.53 32.72 -21.46
C LEU A 310 4.68 33.66 -21.01
N GLY A 311 4.40 34.50 -20.03
CA GLY A 311 5.37 35.47 -19.53
C GLY A 311 6.63 34.81 -18.98
N PHE A 312 6.48 33.72 -18.24
CA PHE A 312 7.63 33.00 -17.71
C PHE A 312 8.43 32.32 -18.83
N GLN A 313 7.77 31.82 -19.87
CA GLN A 313 8.52 31.30 -21.01
C GLN A 313 9.28 32.41 -21.75
N ALA A 314 8.76 33.63 -21.74
CA ALA A 314 9.40 34.71 -22.47
C ALA A 314 10.63 35.19 -21.72
N LEU A 315 10.63 35.03 -20.40
CA LEU A 315 11.76 35.43 -19.58
C LEU A 315 12.95 34.58 -19.93
N HIS A 316 12.67 33.31 -20.24
CA HIS A 316 13.73 32.38 -20.63
C HIS A 316 14.21 32.63 -22.06
N GLN A 317 13.29 32.91 -22.98
CA GLN A 317 13.65 33.32 -24.34
C GLN A 317 14.51 34.59 -24.28
N PHE A 318 14.05 35.56 -23.51
CA PHE A 318 14.76 36.81 -23.38
C PHE A 318 16.18 36.48 -22.95
N ALA A 319 16.32 35.58 -21.98
CA ALA A 319 17.64 35.22 -21.45
C ALA A 319 18.56 34.57 -22.48
N VAL A 320 17.99 33.73 -23.34
CA VAL A 320 18.76 33.11 -24.39
C VAL A 320 19.24 34.17 -25.39
N ARG A 321 18.47 35.24 -25.57
CA ARG A 321 18.89 36.33 -26.45
C ARG A 321 19.86 37.28 -25.77
N HIS A 322 20.04 37.17 -24.46
CA HIS A 322 20.87 38.16 -23.75
C HIS A 322 21.95 37.48 -22.89
N ASN A 323 22.48 36.37 -23.40
CA ASN A 323 23.59 35.69 -22.77
C ASN A 323 23.33 35.33 -21.31
N GLY A 324 22.11 34.88 -20.99
CA GLY A 324 21.81 34.40 -19.67
C GLY A 324 21.16 35.44 -18.79
N GLU A 325 21.13 36.70 -19.21
CA GLU A 325 20.65 37.77 -18.32
C GLU A 325 19.13 37.92 -18.33
N LEU A 326 18.57 38.35 -17.21
CA LEU A 326 17.16 38.72 -17.13
C LEU A 326 16.98 40.19 -17.50
N PRO A 327 15.75 40.58 -17.78
CA PRO A 327 15.50 42.00 -18.05
C PRO A 327 16.09 42.86 -16.94
N ARG A 328 16.52 44.08 -17.22
CA ARG A 328 16.95 44.92 -16.11
C ARG A 328 15.80 45.61 -15.36
N THR A 329 16.10 45.88 -14.09
CA THR A 329 15.12 46.40 -13.17
C THR A 329 14.49 47.67 -13.70
N MET A 330 13.15 47.67 -13.75
CA MET A 330 12.35 48.83 -14.10
C MET A 330 12.65 49.43 -15.48
N ASN A 331 13.20 48.62 -16.38
CA ASN A 331 13.64 49.08 -17.71
C ASN A 331 12.58 48.94 -18.80
N ASP A 332 12.20 50.05 -19.42
CA ASP A 332 11.12 50.03 -20.39
C ASP A 332 11.48 49.25 -21.68
N GLU A 333 12.75 49.31 -22.06
CA GLU A 333 13.17 48.74 -23.33
C GLU A 333 13.06 47.22 -23.24
N ASP A 334 13.49 46.67 -22.12
CA ASP A 334 13.39 45.25 -21.90
C ASP A 334 11.95 44.83 -21.69
N ALA A 335 11.17 45.64 -21.00
CA ALA A 335 9.76 45.32 -20.82
C ALA A 335 9.04 45.24 -22.17
N ASN A 336 9.34 46.17 -23.07
CA ASN A 336 8.77 46.08 -24.41
C ASN A 336 9.20 44.82 -25.16
N GLU A 337 10.46 44.42 -25.01
CA GLU A 337 10.92 43.20 -25.67
C GLU A 337 10.18 42.03 -25.09
N LEU A 338 9.97 42.05 -23.77
CA LEU A 338 9.26 40.92 -23.13
C LEU A 338 7.84 40.86 -23.65
N ILE A 339 7.20 42.01 -23.76
CA ILE A 339 5.86 42.04 -24.29
C ILE A 339 5.80 41.54 -25.74
N LYS A 340 6.86 41.80 -26.53
CA LYS A 340 6.90 41.34 -27.91
C LYS A 340 7.02 39.80 -27.94
N LEU A 341 7.88 39.26 -27.08
CA LEU A 341 8.09 37.84 -27.02
C LEU A 341 6.80 37.12 -26.64
N VAL A 342 6.07 37.68 -25.66
CA VAL A 342 4.83 37.07 -25.22
C VAL A 342 3.82 37.19 -26.35
N THR A 343 3.83 38.31 -27.04
CA THR A 343 2.91 38.53 -28.15
C THR A 343 3.15 37.53 -29.29
N ASP A 344 4.42 37.27 -29.61
CA ASP A 344 4.74 36.27 -30.63
C ASP A 344 4.27 34.88 -30.21
N LEU A 345 4.45 34.50 -28.94
CA LEU A 345 3.87 33.24 -28.44
C LEU A 345 2.33 33.14 -28.65
N SER A 346 1.56 34.19 -28.37
CA SER A 346 0.12 34.03 -28.45
C SER A 346 -0.34 33.96 -29.91
N VAL A 347 0.43 34.54 -30.83
CA VAL A 347 0.08 34.44 -32.25
C VAL A 347 0.40 33.04 -32.76
N GLN A 348 1.54 32.51 -32.35
CA GLN A 348 1.94 31.16 -32.72
C GLN A 348 1.00 30.11 -32.12
N GLN A 349 0.52 30.33 -30.90
CA GLN A 349 -0.43 29.41 -30.25
C GLN A 349 -1.66 30.19 -29.77
N PRO A 350 -2.67 30.32 -30.64
CA PRO A 350 -3.81 31.15 -30.26
C PRO A 350 -4.66 30.49 -29.20
N GLU A 351 -4.39 29.22 -28.94
CA GLU A 351 -5.22 28.48 -28.00
C GLU A 351 -4.85 28.81 -26.57
N VAL A 352 -3.64 29.30 -26.35
CA VAL A 352 -3.17 29.44 -24.98
C VAL A 352 -3.81 30.56 -24.15
N LEU A 353 -4.10 31.72 -24.77
CA LEU A 353 -4.89 32.74 -24.09
C LEU A 353 -6.34 32.59 -24.47
N GLY A 354 -6.58 31.99 -25.64
CA GLY A 354 -7.92 31.87 -26.18
C GLY A 354 -8.06 32.68 -27.46
N GLU A 355 -8.92 32.19 -28.35
CA GLU A 355 -9.21 32.88 -29.60
C GLU A 355 -9.72 34.29 -29.29
N GLY A 356 -9.02 35.28 -29.83
CA GLY A 356 -9.37 36.68 -29.67
C GLY A 356 -9.11 37.28 -28.29
N VAL A 357 -8.27 36.64 -27.47
CA VAL A 357 -7.88 37.20 -26.16
C VAL A 357 -6.52 37.92 -26.25
N ASP A 358 -6.45 39.14 -25.73
CA ASP A 358 -5.25 39.97 -25.89
C ASP A 358 -4.22 39.70 -24.82
N VAL A 359 -2.96 39.94 -25.15
CA VAL A 359 -1.92 39.91 -24.13
C VAL A 359 -2.22 41.03 -23.16
N ASN A 360 -2.11 40.71 -21.87
CA ASN A 360 -2.23 41.68 -20.80
C ASN A 360 -0.90 42.37 -20.63
N GLU A 361 -0.71 43.48 -21.33
CA GLU A 361 0.62 44.07 -21.39
C GLU A 361 1.12 44.63 -20.06
N ASP A 362 0.28 45.36 -19.33
CA ASP A 362 0.67 45.83 -17.99
C ASP A 362 1.14 44.71 -17.06
N LEU A 363 0.53 43.53 -17.16
CA LEU A 363 0.93 42.43 -16.31
C LEU A 363 2.31 41.92 -16.70
N ILE A 364 2.55 41.79 -18.01
CA ILE A 364 3.81 41.27 -18.52
C ILE A 364 4.91 42.30 -18.23
N LYS A 365 4.54 43.58 -18.29
CA LYS A 365 5.50 44.64 -18.06
C LYS A 365 6.02 44.58 -16.61
N GLU A 366 5.12 44.34 -15.66
CA GLU A 366 5.52 44.20 -14.27
C GLU A 366 6.42 42.99 -14.08
N LEU A 367 6.12 41.89 -14.76
CA LEU A 367 6.96 40.70 -14.64
C LEU A 367 8.39 41.06 -15.05
N SER A 368 8.51 41.82 -16.13
CA SER A 368 9.81 42.23 -16.61
C SER A 368 10.51 43.17 -15.63
N TYR A 369 9.75 44.15 -15.13
CA TYR A 369 10.31 45.15 -14.22
C TYR A 369 10.89 44.47 -12.98
N GLN A 370 10.24 43.39 -12.53
CA GLN A 370 10.56 42.78 -11.25
C GLN A 370 11.35 41.48 -11.39
N ALA A 371 11.82 41.19 -12.59
CA ALA A 371 12.38 39.86 -12.88
C ALA A 371 13.52 39.51 -11.95
N ARG A 372 14.24 40.52 -11.47
CA ARG A 372 15.40 40.28 -10.65
C ARG A 372 15.08 40.31 -9.15
N GLY A 373 13.86 40.66 -8.80
CA GLY A 373 13.46 40.71 -7.40
C GLY A 373 13.48 39.36 -6.70
N ASP A 374 13.85 39.38 -5.42
CA ASP A 374 13.94 38.19 -4.59
C ASP A 374 13.27 38.53 -3.24
N ILE A 375 11.99 38.19 -3.13
CA ILE A 375 11.11 38.65 -2.05
C ILE A 375 10.88 37.57 -0.98
N PRO A 376 11.23 37.87 0.29
CA PRO A 376 11.08 36.86 1.35
C PRO A 376 9.69 36.20 1.38
N GLY A 377 8.62 37.00 1.32
CA GLY A 377 7.27 36.46 1.36
C GLY A 377 6.99 35.42 0.26
N VAL A 378 7.37 35.75 -0.98
CA VAL A 378 7.09 34.88 -2.09
C VAL A 378 7.95 33.61 -2.01
N VAL A 379 9.21 33.76 -1.62
CA VAL A 379 10.09 32.62 -1.46
C VAL A 379 9.59 31.65 -0.36
N ALA A 380 9.01 32.21 0.70
CA ALA A 380 8.48 31.40 1.79
C ALA A 380 7.24 30.66 1.34
N PHE A 381 6.41 31.30 0.56
CA PHE A 381 5.20 30.65 0.06
C PHE A 381 5.57 29.45 -0.83
N PHE A 382 6.53 29.64 -1.72
CA PHE A 382 6.91 28.58 -2.62
C PHE A 382 7.85 27.60 -1.93
N GLY A 383 8.62 28.04 -0.97
CA GLY A 383 9.40 27.10 -0.18
C GLY A 383 8.54 26.05 0.53
N GLY A 384 7.46 26.49 1.16
CA GLY A 384 6.58 25.58 1.86
C GLY A 384 5.85 24.65 0.92
N LEU A 385 5.25 25.24 -0.11
CA LEU A 385 4.47 24.49 -1.07
C LEU A 385 5.30 23.38 -1.74
N VAL A 386 6.42 23.76 -2.33
CA VAL A 386 7.19 22.83 -3.10
C VAL A 386 7.75 21.75 -2.18
N ALA A 387 8.18 22.14 -0.99
CA ALA A 387 8.66 21.14 -0.02
C ALA A 387 7.56 20.15 0.32
N GLN A 388 6.33 20.61 0.51
CA GLN A 388 5.22 19.66 0.70
C GLN A 388 5.03 18.76 -0.55
N GLU A 389 5.18 19.32 -1.74
CA GLU A 389 5.01 18.51 -2.95
C GLU A 389 6.10 17.42 -3.04
N VAL A 390 7.29 17.73 -2.55
CA VAL A 390 8.34 16.74 -2.47
C VAL A 390 7.89 15.59 -1.58
N LEU A 391 7.32 15.92 -0.42
CA LEU A 391 6.89 14.90 0.54
C LEU A 391 5.76 14.03 -0.01
N LYS A 392 4.82 14.64 -0.71
CA LYS A 392 3.83 13.88 -1.45
C LYS A 392 4.52 12.90 -2.42
N ALA A 393 5.47 13.41 -3.18
CA ALA A 393 6.14 12.61 -4.20
C ALA A 393 6.81 11.38 -3.61
N CYS A 394 7.36 11.50 -2.41
CA CYS A 394 8.03 10.39 -1.73
C CYS A 394 7.06 9.39 -1.14
N SER A 395 5.80 9.76 -0.91
CA SER A 395 4.95 8.98 -0.01
C SER A 395 3.62 8.50 -0.57
N GLY A 396 3.10 9.12 -1.61
CA GLY A 396 1.72 8.85 -2.02
C GLY A 396 0.68 9.38 -1.02
N LYS A 397 1.14 10.19 -0.05
CA LYS A 397 0.21 10.87 0.88
C LYS A 397 -0.20 12.27 0.39
N PHE A 398 -1.51 12.52 0.34
CA PHE A 398 -2.11 13.79 -0.14
C PHE A 398 -2.16 13.82 -1.67
N THR A 399 -2.93 14.75 -2.22
CA THR A 399 -3.09 14.90 -3.66
C THR A 399 -2.10 15.90 -4.26
N PRO A 400 -1.22 15.42 -5.16
CA PRO A 400 -0.20 16.25 -5.80
C PRO A 400 -0.77 17.35 -6.65
N LEU A 401 -0.05 18.46 -6.67
CA LEU A 401 -0.34 19.54 -7.60
C LEU A 401 -0.23 18.99 -9.04
N LYS A 402 -1.24 19.22 -9.86
CA LYS A 402 -1.26 18.65 -11.21
C LYS A 402 -1.75 19.63 -12.31
N GLN A 403 -0.84 20.34 -13.01
CA GLN A 403 0.61 20.29 -12.72
C GLN A 403 1.37 21.64 -12.70
N PHE A 404 0.76 22.72 -13.16
CA PHE A 404 1.40 24.04 -13.10
C PHE A 404 0.61 24.94 -12.18
N MET A 405 1.30 25.67 -11.31
CA MET A 405 0.64 26.77 -10.57
C MET A 405 1.38 28.11 -10.67
N TYR A 406 0.65 29.18 -11.02
CA TYR A 406 1.19 30.53 -11.04
C TYR A 406 0.57 31.40 -9.93
N PHE A 407 1.37 32.37 -9.47
CA PHE A 407 1.04 33.17 -8.30
C PHE A 407 1.58 34.59 -8.50
N ASP A 408 0.82 35.58 -8.08
CA ASP A 408 1.38 36.93 -7.94
C ASP A 408 0.79 37.64 -6.72
N SER A 409 1.58 38.54 -6.12
CA SER A 409 1.09 39.40 -5.04
C SER A 409 1.31 40.91 -5.36
N LEU A 410 0.79 41.34 -6.50
CA LEU A 410 1.00 42.69 -6.99
C LEU A 410 0.33 43.73 -6.13
N GLU A 411 -0.70 43.33 -5.39
CA GLU A 411 -1.33 44.25 -4.41
C GLU A 411 -0.34 44.73 -3.35
N SER A 412 0.74 43.98 -3.12
CA SER A 412 1.74 44.41 -2.14
C SER A 412 2.50 45.65 -2.56
N LEU A 413 2.52 45.99 -3.84
CA LEU A 413 3.20 47.20 -4.30
C LEU A 413 2.62 48.45 -3.65
N PRO A 414 3.50 49.34 -3.16
CA PRO A 414 3.02 50.60 -2.55
C PRO A 414 2.47 51.55 -3.57
N ASP A 415 1.73 52.55 -3.12
CA ASP A 415 1.23 53.57 -4.01
C ASP A 415 2.40 54.37 -4.55
N PRO A 416 2.54 54.42 -5.88
CA PRO A 416 3.69 55.09 -6.49
C PRO A 416 3.74 56.59 -6.21
N LYS A 417 2.63 57.19 -5.80
CA LYS A 417 2.64 58.59 -5.35
C LYS A 417 3.58 58.75 -4.14
N ASN A 418 3.43 57.87 -3.15
CA ASN A 418 4.26 57.93 -1.94
C ASN A 418 5.67 57.40 -2.17
N PHE A 419 5.81 56.33 -2.96
CA PHE A 419 7.10 55.68 -3.17
C PHE A 419 7.34 55.32 -4.62
N PRO A 420 7.73 56.31 -5.43
CA PRO A 420 7.89 56.04 -6.87
C PRO A 420 8.92 54.99 -7.19
N ARG A 421 8.59 54.24 -8.24
CA ARG A 421 9.40 53.16 -8.76
C ARG A 421 9.94 53.55 -10.15
N ASN A 422 11.26 53.62 -10.28
CA ASN A 422 11.92 53.86 -11.56
C ASN A 422 13.36 53.38 -11.54
N GLU A 423 14.09 53.57 -12.62
CA GLU A 423 15.42 52.99 -12.66
C GLU A 423 16.36 53.55 -11.58
N LYS A 424 16.00 54.69 -10.99
CA LYS A 424 16.89 55.31 -10.00
C LYS A 424 16.60 54.90 -8.57
N THR A 425 15.33 54.98 -8.16
CA THR A 425 14.93 54.65 -6.80
C THR A 425 15.08 53.16 -6.57
N THR A 426 15.05 52.44 -7.66
CA THR A 426 14.96 51.01 -7.62
C THR A 426 16.34 50.36 -7.81
N GLN A 427 17.38 51.19 -7.97
CA GLN A 427 18.72 50.70 -8.27
C GLN A 427 19.46 50.08 -7.05
N PRO A 428 20.43 49.19 -7.32
CA PRO A 428 21.13 48.58 -6.20
C PRO A 428 22.07 49.53 -5.47
N VAL A 429 22.38 49.20 -4.23
CA VAL A 429 23.18 50.07 -3.36
C VAL A 429 24.38 49.35 -2.74
N ASN A 430 24.65 48.14 -3.19
CA ASN A 430 25.69 47.29 -2.62
C ASN A 430 25.26 46.83 -1.22
N SER A 431 24.17 46.11 -1.20
CA SER A 431 23.43 45.86 0.02
C SER A 431 22.73 44.51 -0.11
N ARG A 432 22.72 43.74 0.98
CA ARG A 432 21.99 42.48 1.05
C ARG A 432 20.50 42.64 0.67
N TYR A 433 20.00 43.88 0.74
CA TYR A 433 18.61 44.17 0.43
C TYR A 433 18.38 44.59 -1.03
N ASP A 434 19.41 44.52 -1.87
CA ASP A 434 19.33 45.04 -3.24
C ASP A 434 18.22 44.42 -4.10
N ASN A 435 18.00 43.11 -3.98
CA ASN A 435 16.93 42.50 -4.79
C ASN A 435 15.52 42.64 -4.20
N GLN A 436 15.44 43.31 -3.04
CA GLN A 436 14.16 43.79 -2.49
C GLN A 436 13.93 45.23 -2.92
N ILE A 437 14.97 46.06 -2.78
CA ILE A 437 14.99 47.40 -3.38
C ILE A 437 14.59 47.37 -4.88
N ALA A 438 15.08 46.39 -5.62
CA ALA A 438 14.72 46.20 -7.02
C ALA A 438 13.22 46.32 -7.27
N VAL A 439 12.42 45.83 -6.32
CA VAL A 439 10.98 45.88 -6.47
C VAL A 439 10.38 47.11 -5.86
N PHE A 440 10.74 47.41 -4.62
CA PHE A 440 9.97 48.39 -3.83
C PHE A 440 10.57 49.79 -3.85
N GLY A 441 11.85 49.89 -4.20
CA GLY A 441 12.56 51.15 -4.09
C GLY A 441 13.18 51.37 -2.71
N LEU A 442 14.15 52.27 -2.66
CA LEU A 442 14.96 52.48 -1.47
C LEU A 442 14.19 53.04 -0.30
N ASP A 443 13.44 54.11 -0.52
CA ASP A 443 12.71 54.79 0.55
C ASP A 443 11.77 53.83 1.31
N PHE A 444 11.14 52.94 0.55
CA PHE A 444 10.17 52.04 1.13
C PHE A 444 10.89 51.01 1.98
N GLN A 445 12.05 50.58 1.51
CA GLN A 445 12.84 49.59 2.22
C GLN A 445 13.32 50.18 3.56
N LYS A 446 13.53 51.50 3.56
CA LYS A 446 14.02 52.22 4.73
C LYS A 446 12.91 52.36 5.78
N LYS A 447 11.69 52.51 5.31
CA LYS A 447 10.57 52.59 6.21
C LYS A 447 10.33 51.22 6.88
N ILE A 448 10.50 50.13 6.13
CA ILE A 448 10.45 48.81 6.74
C ILE A 448 11.48 48.71 7.87
N ALA A 449 12.65 49.29 7.64
CA ALA A 449 13.73 49.21 8.61
C ALA A 449 13.39 49.97 9.91
N ASN A 450 12.62 51.06 9.80
CA ASN A 450 12.29 51.90 10.94
C ASN A 450 10.95 51.57 11.59
N SER A 451 10.43 50.38 11.33
CA SER A 451 9.16 49.99 11.91
C SER A 451 9.36 49.44 13.31
N LYS A 452 8.34 49.65 14.14
CA LYS A 452 8.34 49.15 15.50
C LYS A 452 7.23 48.10 15.63
N VAL A 453 7.59 46.85 15.90
CA VAL A 453 6.66 45.73 15.93
C VAL A 453 6.71 44.88 17.19
N PHE A 454 5.55 44.36 17.55
CA PHE A 454 5.38 43.43 18.65
C PHE A 454 4.97 42.08 18.06
N LEU A 455 5.76 41.06 18.28
CA LEU A 455 5.44 39.71 17.82
C LEU A 455 5.06 38.89 19.04
N VAL A 456 3.83 38.37 19.07
CA VAL A 456 3.34 37.61 20.22
C VAL A 456 3.46 36.08 19.99
N GLY A 457 4.50 35.49 20.57
CA GLY A 457 4.76 34.07 20.36
C GLY A 457 6.04 33.82 19.58
N SER A 458 6.78 32.78 19.96
CA SER A 458 8.08 32.50 19.39
C SER A 458 8.24 31.01 19.11
N GLY A 459 7.15 30.34 18.73
CA GLY A 459 7.22 28.94 18.32
C GLY A 459 7.36 28.82 16.80
N ALA A 460 6.52 27.99 16.18
CA ALA A 460 6.72 27.67 14.76
C ALA A 460 6.55 28.89 13.84
N ILE A 461 5.41 29.55 13.93
CA ILE A 461 5.18 30.75 13.18
C ILE A 461 6.17 31.81 13.63
N GLY A 462 6.39 31.91 14.95
CA GLY A 462 7.33 32.87 15.53
C GLY A 462 8.70 32.82 14.87
N CYS A 463 9.31 31.63 14.80
CA CYS A 463 10.65 31.48 14.21
C CYS A 463 10.64 31.85 12.71
N GLU A 464 9.63 31.38 11.98
CA GLU A 464 9.49 31.71 10.57
C GLU A 464 9.37 33.23 10.37
N MET A 465 8.55 33.85 11.23
CA MET A 465 8.30 35.27 11.16
C MET A 465 9.62 36.02 11.43
N LEU A 466 10.28 35.68 12.53
CA LEU A 466 11.57 36.33 12.86
C LEU A 466 12.59 36.14 11.73
N LYS A 467 12.63 34.96 11.09
CA LYS A 467 13.47 34.74 9.91
C LYS A 467 13.11 35.70 8.80
N ASN A 468 11.82 35.83 8.50
CA ASN A 468 11.38 36.73 7.44
C ASN A 468 11.71 38.17 7.74
N TRP A 469 11.59 38.58 9.01
CA TRP A 469 11.89 39.95 9.38
C TRP A 469 13.40 40.24 9.30
N ALA A 470 14.21 39.23 9.64
CA ALA A 470 15.66 39.36 9.45
C ALA A 470 15.99 39.65 7.99
N LEU A 471 15.38 38.90 7.08
CA LEU A 471 15.67 39.04 5.65
C LEU A 471 15.14 40.38 5.15
N LEU A 472 14.04 40.83 5.75
CA LEU A 472 13.50 42.14 5.41
C LEU A 472 14.32 43.28 5.97
N GLY A 473 15.15 43.02 6.98
CA GLY A 473 15.85 44.08 7.67
C GLY A 473 14.92 44.90 8.55
N LEU A 474 13.76 44.32 8.85
CA LEU A 474 12.72 45.04 9.57
C LEU A 474 13.11 45.34 11.02
N GLY A 475 13.04 46.61 11.40
CA GLY A 475 13.40 47.01 12.74
C GLY A 475 14.89 47.24 12.92
N SER A 476 15.63 47.20 11.81
CA SER A 476 17.07 47.42 11.84
C SER A 476 17.44 48.89 11.79
N GLY A 477 16.47 49.74 11.45
CA GLY A 477 16.70 51.18 11.28
C GLY A 477 16.83 51.92 12.60
N SER A 478 17.25 53.18 12.57
CA SER A 478 17.50 53.84 13.86
C SER A 478 16.20 54.08 14.64
N ASP A 479 15.08 54.28 13.97
CA ASP A 479 13.83 54.49 14.67
C ASP A 479 13.00 53.21 14.84
N GLY A 480 13.58 52.07 14.44
CA GLY A 480 12.86 50.82 14.45
C GLY A 480 13.30 49.88 15.57
N TYR A 481 12.43 48.90 15.86
CA TYR A 481 12.81 47.81 16.74
C TYR A 481 11.79 46.67 16.66
N ILE A 482 12.16 45.53 17.21
CA ILE A 482 11.28 44.38 17.32
C ILE A 482 11.22 43.96 18.77
N VAL A 483 10.01 43.69 19.25
CA VAL A 483 9.84 43.08 20.56
C VAL A 483 9.13 41.78 20.36
N VAL A 484 9.67 40.71 20.93
CA VAL A 484 9.04 39.41 20.78
C VAL A 484 8.90 38.78 22.14
N THR A 485 7.77 38.17 22.43
CA THR A 485 7.58 37.60 23.75
C THR A 485 6.96 36.22 23.70
N ASP A 486 7.36 35.38 24.65
CA ASP A 486 6.88 34.00 24.73
C ASP A 486 7.34 33.48 26.10
N ASN A 487 6.43 32.82 26.81
CA ASN A 487 6.74 32.40 28.17
C ASN A 487 7.13 30.96 28.25
N ASP A 488 7.24 30.30 27.11
CA ASP A 488 7.55 28.89 27.12
C ASP A 488 9.02 28.58 26.82
N SER A 489 9.45 27.41 27.26
CA SER A 489 10.80 26.95 27.00
C SER A 489 10.83 25.95 25.82
N ILE A 490 12.00 25.68 25.28
CA ILE A 490 12.14 24.80 24.11
C ILE A 490 12.11 23.31 24.46
N GLU A 491 11.16 22.56 23.91
CA GLU A 491 11.08 21.13 24.16
C GLU A 491 11.46 20.35 22.90
N LYS A 492 11.80 19.08 23.03
CA LYS A 492 12.41 18.33 21.93
C LYS A 492 11.51 18.28 20.70
N SER A 493 10.21 18.13 20.87
CA SER A 493 9.35 17.97 19.71
C SER A 493 9.29 19.27 18.89
N ASN A 494 9.46 20.41 19.57
CA ASN A 494 9.52 21.71 18.90
C ASN A 494 10.53 21.72 17.77
N LEU A 495 11.61 20.96 17.93
CA LEU A 495 12.71 21.00 16.96
C LEU A 495 12.30 20.63 15.53
N ASN A 496 11.20 19.92 15.36
CA ASN A 496 10.78 19.45 14.05
C ASN A 496 10.23 20.58 13.15
N ARG A 497 9.89 21.70 13.75
CA ARG A 497 9.33 22.80 12.96
C ARG A 497 9.71 24.19 13.47
N GLN A 498 10.60 24.26 14.44
CA GLN A 498 11.09 25.54 14.94
C GLN A 498 12.60 25.60 14.66
N PHE A 499 12.90 26.00 13.42
CA PHE A 499 14.20 25.74 12.81
C PHE A 499 15.32 26.58 13.41
N LEU A 500 14.98 27.56 14.25
CA LEU A 500 16.01 28.35 14.95
C LEU A 500 16.64 27.62 16.15
N PHE A 501 16.05 26.50 16.57
CA PHE A 501 16.49 25.79 17.78
C PHE A 501 17.25 24.50 17.48
N ARG A 502 18.22 24.18 18.34
CA ARG A 502 19.08 23.01 18.22
C ARG A 502 18.83 22.12 19.43
N PRO A 503 19.23 20.83 19.35
CA PRO A 503 19.12 19.98 20.54
C PRO A 503 19.78 20.57 21.79
N LYS A 504 20.96 21.17 21.63
CA LYS A 504 21.65 21.83 22.74
C LYS A 504 20.80 22.93 23.39
N ASP A 505 19.83 23.49 22.65
CA ASP A 505 19.06 24.64 23.15
C ASP A 505 17.85 24.21 23.98
N VAL A 506 17.59 22.90 24.04
CA VAL A 506 16.41 22.40 24.76
C VAL A 506 16.49 22.83 26.22
N GLY A 507 15.38 23.33 26.76
CA GLY A 507 15.32 23.79 28.14
C GLY A 507 15.46 25.29 28.31
N LYS A 508 16.05 25.94 27.31
CA LYS A 508 16.18 27.40 27.29
C LYS A 508 14.88 28.08 26.82
N ASN A 509 14.88 29.42 26.77
CA ASN A 509 13.66 30.16 26.44
C ASN A 509 13.49 30.42 24.93
N LYS A 510 12.32 30.06 24.38
CA LYS A 510 12.09 30.23 22.95
C LYS A 510 12.52 31.61 22.45
N SER A 511 12.09 32.67 23.13
CA SER A 511 12.26 34.00 22.55
C SER A 511 13.72 34.42 22.51
N GLU A 512 14.42 34.17 23.61
CA GLU A 512 15.82 34.56 23.74
C GLU A 512 16.69 33.87 22.71
N VAL A 513 16.50 32.56 22.55
CA VAL A 513 17.27 31.78 21.60
C VAL A 513 17.03 32.23 20.16
N ALA A 514 15.75 32.44 19.86
CA ALA A 514 15.30 32.87 18.53
C ALA A 514 15.88 34.25 18.15
N ALA A 515 15.93 35.15 19.12
CA ALA A 515 16.47 36.47 18.86
C ALA A 515 17.96 36.33 18.53
N GLU A 516 18.67 35.51 19.28
CA GLU A 516 20.09 35.31 19.01
C GLU A 516 20.32 34.75 17.60
N ALA A 517 19.55 33.73 17.22
CA ALA A 517 19.72 33.02 15.94
C ALA A 517 19.54 33.94 14.73
N VAL A 518 18.50 34.72 14.81
CA VAL A 518 18.19 35.65 13.75
C VAL A 518 19.30 36.72 13.59
N CYS A 519 19.91 37.17 14.68
CA CYS A 519 20.95 38.19 14.57
C CYS A 519 22.21 37.64 13.95
N ALA A 520 22.40 36.33 14.07
CA ALA A 520 23.47 35.64 13.35
C ALA A 520 23.19 35.62 11.84
N MET A 521 21.93 35.43 11.45
CA MET A 521 21.56 35.50 10.03
C MET A 521 21.74 36.91 9.47
N ASN A 522 21.25 37.91 10.21
CA ASN A 522 21.44 39.32 9.85
C ASN A 522 21.90 40.22 11.00
N PRO A 523 23.22 40.45 11.11
CA PRO A 523 23.70 41.31 12.20
C PRO A 523 23.19 42.76 12.18
N ASP A 524 22.54 43.20 11.11
CA ASP A 524 21.90 44.52 11.13
C ASP A 524 20.84 44.62 12.24
N LEU A 525 20.46 43.48 12.82
CA LEU A 525 19.46 43.48 13.88
C LEU A 525 20.09 43.37 15.27
N LYS A 526 21.40 43.26 15.35
CA LYS A 526 22.05 43.13 16.64
C LYS A 526 21.69 44.37 17.43
N GLY A 527 21.20 44.16 18.65
CA GLY A 527 20.78 45.24 19.52
C GLY A 527 19.39 45.77 19.27
N LYS A 528 18.71 45.26 18.24
CA LYS A 528 17.41 45.81 17.83
C LYS A 528 16.22 44.93 18.20
N ILE A 529 16.47 43.72 18.69
CA ILE A 529 15.42 42.80 19.08
C ILE A 529 15.35 42.63 20.61
N ASN A 530 14.21 42.99 21.18
CA ASN A 530 14.01 42.82 22.61
C ASN A 530 13.23 41.53 22.90
N ALA A 531 13.95 40.50 23.33
CA ALA A 531 13.33 39.22 23.67
C ALA A 531 12.82 39.20 25.11
N LYS A 532 11.52 39.01 25.28
CA LYS A 532 10.93 38.97 26.62
C LYS A 532 10.37 37.58 26.89
N ILE A 533 10.19 37.20 28.15
CA ILE A 533 9.65 35.87 28.43
C ILE A 533 8.29 35.92 29.14
N ASP A 534 7.60 37.05 29.01
CA ASP A 534 6.32 37.30 29.67
C ASP A 534 5.13 36.78 28.87
N LYS A 535 4.16 36.17 29.56
CA LYS A 535 2.92 35.75 28.91
C LYS A 535 2.07 36.98 28.67
N VAL A 536 1.37 37.01 27.54
CA VAL A 536 0.52 38.16 27.22
C VAL A 536 -0.90 37.85 27.70
N GLY A 537 -1.49 38.77 28.44
CA GLY A 537 -2.79 38.57 29.04
C GLY A 537 -3.08 39.66 30.08
N PRO A 538 -4.23 39.57 30.75
CA PRO A 538 -4.64 40.55 31.79
C PRO A 538 -3.67 40.68 32.98
N GLU A 539 -2.89 39.64 33.25
CA GLU A 539 -1.99 39.62 34.41
C GLU A 539 -0.64 40.27 34.15
N THR A 540 -0.39 40.71 32.92
CA THR A 540 0.89 41.33 32.57
C THR A 540 0.75 42.73 31.97
N GLU A 541 -0.39 43.38 32.24
CA GLU A 541 -0.65 44.73 31.72
C GLU A 541 0.24 45.84 32.35
N GLU A 542 0.91 45.55 33.46
CA GLU A 542 1.86 46.51 34.03
C GLU A 542 3.16 46.55 33.24
N ILE A 543 3.51 45.42 32.62
CA ILE A 543 4.66 45.36 31.74
C ILE A 543 4.28 45.88 30.36
N PHE A 544 3.25 45.28 29.77
CA PHE A 544 2.76 45.70 28.45
C PHE A 544 1.70 46.79 28.62
N ASN A 545 2.18 47.98 28.96
CA ASN A 545 1.34 49.09 29.39
C ASN A 545 1.03 50.04 28.24
N ASP A 546 0.39 51.16 28.57
CA ASP A 546 -0.03 52.12 27.55
C ASP A 546 1.14 52.60 26.68
N SER A 547 2.19 53.05 27.34
CA SER A 547 3.39 53.49 26.64
C SER A 547 3.89 52.39 25.70
N PHE A 548 3.81 51.14 26.14
CA PHE A 548 4.38 50.09 25.36
C PHE A 548 3.60 49.94 24.05
N TRP A 549 2.28 49.78 24.19
CA TRP A 549 1.42 49.52 23.05
C TRP A 549 1.40 50.73 22.12
N GLU A 550 1.38 51.93 22.70
CA GLU A 550 1.15 53.14 21.91
C GLU A 550 2.34 53.51 21.03
N SER A 551 3.51 53.00 21.39
CA SER A 551 4.73 53.24 20.65
C SER A 551 4.84 52.37 19.37
N LEU A 552 4.06 51.28 19.31
CA LEU A 552 4.15 50.34 18.19
C LEU A 552 3.50 50.81 16.89
N ASP A 553 4.07 50.39 15.77
CA ASP A 553 3.43 50.56 14.46
C ASP A 553 2.37 49.47 14.20
N PHE A 554 2.70 48.21 14.45
CA PHE A 554 1.68 47.15 14.38
C PHE A 554 2.08 45.92 15.19
N VAL A 555 1.21 44.92 15.22
CA VAL A 555 1.39 43.74 16.05
C VAL A 555 1.18 42.45 15.25
N THR A 556 1.90 41.40 15.58
CA THR A 556 1.75 40.16 14.85
C THR A 556 1.57 38.99 15.78
N ASN A 557 0.55 38.17 15.53
CA ASN A 557 0.32 36.97 16.32
C ASN A 557 1.06 35.77 15.79
N ALA A 558 1.58 34.97 16.72
CA ALA A 558 2.16 33.69 16.39
C ALA A 558 1.74 32.66 17.45
N LEU A 559 0.45 32.47 17.60
CA LEU A 559 -0.11 31.82 18.76
C LEU A 559 -0.73 30.45 18.47
N ASP A 560 -1.06 29.72 19.54
CA ASP A 560 -1.59 28.38 19.41
C ASP A 560 -2.81 28.20 20.27
N ASN A 561 -3.45 29.28 20.66
CA ASN A 561 -4.75 29.16 21.34
C ASN A 561 -5.64 30.37 21.06
N VAL A 562 -6.94 30.15 21.09
CA VAL A 562 -7.92 31.21 20.83
C VAL A 562 -7.92 32.32 21.86
N ASP A 563 -7.77 31.99 23.14
CA ASP A 563 -7.81 33.03 24.18
C ASP A 563 -6.79 34.15 24.03
N ALA A 564 -5.55 33.78 23.76
CA ALA A 564 -4.47 34.76 23.60
C ALA A 564 -4.72 35.66 22.37
N ARG A 565 -5.27 35.07 21.31
CA ARG A 565 -5.66 35.81 20.11
C ARG A 565 -6.74 36.81 20.43
N THR A 566 -7.73 36.38 21.18
CA THR A 566 -8.79 37.28 21.53
C THR A 566 -8.26 38.42 22.39
N TYR A 567 -7.35 38.09 23.30
CA TYR A 567 -6.78 39.10 24.17
C TYR A 567 -6.08 40.20 23.34
N VAL A 568 -5.17 39.78 22.46
CA VAL A 568 -4.39 40.71 21.64
C VAL A 568 -5.28 41.52 20.72
N ASP A 569 -6.29 40.87 20.16
CA ASP A 569 -7.24 41.57 19.30
C ASP A 569 -7.91 42.70 20.08
N ARG A 570 -8.39 42.41 21.29
CA ARG A 570 -9.03 43.44 22.11
C ARG A 570 -8.09 44.63 22.33
N ARG A 571 -6.80 44.35 22.54
CA ARG A 571 -5.84 45.40 22.82
C ARG A 571 -5.51 46.19 21.59
N CYS A 572 -5.39 45.51 20.45
CA CYS A 572 -5.16 46.20 19.19
C CYS A 572 -6.36 47.06 18.86
N VAL A 573 -7.56 46.62 19.22
CA VAL A 573 -8.70 47.52 19.03
C VAL A 573 -8.59 48.73 19.98
N PHE A 574 -8.24 48.47 21.23
CA PHE A 574 -8.17 49.54 22.22
C PHE A 574 -7.11 50.55 21.83
N TYR A 575 -5.93 50.09 21.44
CA TYR A 575 -4.84 50.99 21.09
C TYR A 575 -4.82 51.42 19.62
N ARG A 576 -5.77 50.92 18.84
CA ARG A 576 -5.90 51.27 17.42
C ARG A 576 -4.64 50.89 16.60
N LYS A 577 -4.18 49.67 16.79
CA LYS A 577 -3.03 49.16 16.05
C LYS A 577 -3.46 48.05 15.10
N PRO A 578 -2.88 48.02 13.89
CA PRO A 578 -3.10 46.90 12.98
C PRO A 578 -2.64 45.61 13.60
N LEU A 579 -3.30 44.51 13.27
CA LEU A 579 -2.89 43.20 13.73
C LEU A 579 -2.87 42.23 12.56
N LEU A 580 -1.77 41.50 12.44
CA LEU A 580 -1.63 40.42 11.47
C LEU A 580 -1.76 39.03 12.13
N GLU A 581 -2.79 38.29 11.75
CA GLU A 581 -3.17 37.06 12.41
C GLU A 581 -2.98 35.85 11.48
N SER A 582 -2.62 34.71 12.04
CA SER A 582 -2.52 33.53 11.20
C SER A 582 -2.59 32.30 12.07
N GLY A 583 -2.81 31.16 11.42
CA GLY A 583 -2.88 29.90 12.13
C GLY A 583 -2.71 28.69 11.22
N THR A 584 -2.36 27.55 11.83
CA THR A 584 -2.33 26.31 11.11
C THR A 584 -2.97 25.19 11.89
N LEU A 585 -3.31 24.12 11.15
CA LEU A 585 -3.62 22.80 11.67
C LEU A 585 -3.23 21.75 10.59
N GLY A 586 -2.13 21.03 10.80
CA GLY A 586 -1.60 20.18 9.77
C GLY A 586 -1.35 20.93 8.48
N THR A 587 -2.02 20.52 7.40
CA THR A 587 -1.83 21.11 6.11
C THR A 587 -2.73 22.33 5.87
N LYS A 588 -3.64 22.60 6.81
CA LYS A 588 -4.56 23.73 6.73
C LYS A 588 -3.97 24.98 7.38
N GLY A 589 -4.30 26.15 6.87
CA GLY A 589 -3.79 27.41 7.39
C GLY A 589 -4.66 28.58 6.96
N ASN A 590 -4.48 29.74 7.60
CA ASN A 590 -5.23 30.95 7.25
C ASN A 590 -4.48 32.18 7.71
N THR A 591 -4.74 33.30 7.05
CA THR A 591 -4.20 34.57 7.44
C THR A 591 -5.37 35.56 7.54
N GLN A 592 -5.27 36.52 8.45
CA GLN A 592 -6.30 37.57 8.52
C GLN A 592 -5.67 38.89 8.94
N VAL A 593 -6.04 39.95 8.23
CA VAL A 593 -5.54 41.28 8.57
C VAL A 593 -6.63 42.09 9.28
N ILE A 594 -6.24 42.78 10.33
CA ILE A 594 -7.17 43.62 11.06
C ILE A 594 -6.64 45.04 11.03
N ILE A 595 -7.37 45.91 10.34
CA ILE A 595 -6.90 47.28 10.07
C ILE A 595 -7.77 48.33 10.79
N PRO A 596 -7.14 49.14 11.65
CA PRO A 596 -7.85 50.19 12.36
C PRO A 596 -8.70 51.09 11.45
N ARG A 597 -9.96 51.26 11.85
CA ARG A 597 -10.92 52.13 11.19
C ARG A 597 -11.36 51.59 9.81
N LEU A 598 -11.07 50.33 9.54
CA LEU A 598 -11.36 49.79 8.21
C LEU A 598 -12.11 48.44 8.25
N THR A 599 -11.53 47.45 8.92
CA THR A 599 -12.04 46.09 8.92
C THR A 599 -12.64 45.63 10.27
N GLU A 600 -13.43 44.58 10.22
CA GLU A 600 -13.74 43.78 11.38
C GLU A 600 -12.45 43.44 12.12
N SER A 601 -12.57 43.07 13.38
CA SER A 601 -11.45 42.51 14.11
C SER A 601 -11.64 41.00 14.20
N TYR A 602 -10.66 40.33 14.81
CA TYR A 602 -10.69 38.89 14.99
C TYR A 602 -11.91 38.40 15.75
N SER A 603 -12.24 39.08 16.84
CA SER A 603 -13.37 38.72 17.70
C SER A 603 -14.72 38.95 17.08
N SER A 604 -14.78 39.74 16.01
CA SER A 604 -16.05 40.01 15.32
C SER A 604 -16.71 38.75 14.76
N SER A 605 -15.98 37.65 14.56
CA SER A 605 -16.58 36.43 14.00
C SER A 605 -16.42 35.21 14.92
N ARG A 606 -17.37 34.28 14.76
CA ARG A 606 -17.42 33.01 15.48
C ARG A 606 -16.75 31.87 14.71
N ASP A 607 -15.93 31.12 15.44
CA ASP A 607 -15.46 29.83 14.95
C ASP A 607 -16.30 28.71 15.60
N PRO A 608 -16.52 27.61 14.87
CA PRO A 608 -17.19 26.44 15.45
C PRO A 608 -16.52 25.94 16.73
N PRO A 609 -17.32 25.73 17.79
CA PRO A 609 -16.83 25.32 19.11
C PRO A 609 -16.48 23.83 19.23
N GLU A 610 -15.77 23.50 20.29
CA GLU A 610 -15.44 22.11 20.62
C GLU A 610 -16.71 21.28 20.84
N LYS A 611 -16.72 20.08 20.26
CA LYS A 611 -17.77 19.11 20.51
C LYS A 611 -17.77 18.69 21.97
N SER A 612 -18.93 18.77 22.62
CA SER A 612 -19.04 18.37 24.02
C SER A 612 -19.67 16.98 24.16
N ILE A 613 -19.04 16.11 24.94
CA ILE A 613 -19.59 14.77 25.16
C ILE A 613 -20.62 14.77 26.30
N PRO A 614 -21.83 14.29 26.03
CA PRO A 614 -22.81 14.22 27.14
C PRO A 614 -22.35 13.34 28.31
N LEU A 615 -22.72 13.76 29.52
CA LEU A 615 -22.20 13.16 30.74
C LEU A 615 -22.61 11.70 30.92
N CYS A 616 -23.81 11.36 30.47
CA CYS A 616 -24.30 9.99 30.57
CA CYS A 616 -24.29 10.00 30.61
C CYS A 616 -23.52 9.07 29.65
N THR A 617 -23.08 9.61 28.52
CA THR A 617 -22.23 8.83 27.64
C THR A 617 -20.88 8.56 28.31
N LEU A 618 -20.29 9.55 28.98
CA LEU A 618 -19.04 9.30 29.69
C LEU A 618 -19.24 8.38 30.88
N ARG A 619 -20.30 8.58 31.65
CA ARG A 619 -20.38 7.92 32.93
C ARG A 619 -20.69 6.45 32.73
N SER A 620 -21.61 6.17 31.80
CA SER A 620 -22.23 4.85 31.71
C SER A 620 -22.28 4.21 30.32
N PHE A 621 -22.24 4.99 29.24
CA PHE A 621 -22.49 4.44 27.89
C PHE A 621 -21.54 4.91 26.81
N PRO A 622 -20.25 4.61 26.96
CA PRO A 622 -19.32 4.94 25.87
C PRO A 622 -19.50 4.03 24.64
N ASN A 623 -19.25 4.55 23.44
CA ASN A 623 -19.14 3.70 22.25
C ASN A 623 -17.95 4.05 21.35
N LYS A 624 -17.16 5.02 21.77
CA LYS A 624 -15.99 5.47 21.02
C LYS A 624 -14.79 5.50 21.98
N ILE A 625 -13.59 5.35 21.43
CA ILE A 625 -12.40 5.40 22.25
C ILE A 625 -12.23 6.81 22.87
N ASP A 626 -12.70 7.86 22.20
CA ASP A 626 -12.69 9.21 22.74
C ASP A 626 -13.41 9.29 24.08
N HIS A 627 -14.38 8.43 24.29
CA HIS A 627 -15.18 8.48 25.51
C HIS A 627 -14.43 7.81 26.65
N THR A 628 -13.79 6.69 26.36
CA THR A 628 -13.05 6.00 27.40
C THR A 628 -11.77 6.78 27.76
N ILE A 629 -11.19 7.49 26.79
CA ILE A 629 -10.03 8.33 27.07
C ILE A 629 -10.38 9.51 27.98
N ALA A 630 -11.50 10.17 27.74
CA ALA A 630 -11.90 11.29 28.60
C ALA A 630 -12.17 10.82 30.03
N TRP A 631 -12.81 9.67 30.15
CA TRP A 631 -13.16 9.09 31.43
C TRP A 631 -11.86 8.76 32.16
N ALA A 632 -10.92 8.17 31.45
CA ALA A 632 -9.63 7.81 32.02
C ALA A 632 -8.84 9.03 32.51
N LYS A 633 -8.89 10.10 31.71
CA LYS A 633 -8.17 11.33 32.04
C LYS A 633 -8.70 11.95 33.34
N SER A 634 -10.02 11.86 33.57
CA SER A 634 -10.62 12.35 34.81
C SER A 634 -10.30 11.47 35.97
N LEU A 635 -10.27 10.17 35.73
CA LEU A 635 -9.92 9.26 36.79
C LEU A 635 -8.49 9.55 37.23
N PHE A 636 -7.64 9.86 36.25
CA PHE A 636 -6.25 10.20 36.51
C PHE A 636 -6.17 11.47 37.38
N GLN A 637 -6.91 12.50 37.01
CA GLN A 637 -6.93 13.75 37.78
C GLN A 637 -7.40 13.49 39.20
N GLY A 638 -8.52 12.80 39.34
CA GLY A 638 -9.06 12.50 40.63
C GLY A 638 -8.10 11.74 41.51
N TYR A 639 -7.46 10.73 40.93
CA TYR A 639 -6.68 9.77 41.69
C TYR A 639 -5.38 10.40 42.15
N PHE A 640 -4.74 11.14 41.24
CA PHE A 640 -3.37 11.55 41.50
C PHE A 640 -3.11 13.06 41.63
N THR A 641 -4.13 13.88 41.45
CA THR A 641 -3.93 15.33 41.51
C THR A 641 -4.90 15.95 42.49
N ASP A 642 -6.20 15.83 42.20
CA ASP A 642 -7.27 16.40 43.01
C ASP A 642 -7.33 15.87 44.46
N SER A 643 -7.25 14.56 44.62
CA SER A 643 -7.17 13.94 45.93
C SER A 643 -6.07 14.52 46.81
N ALA A 644 -4.90 14.66 46.22
CA ALA A 644 -3.74 15.10 46.96
C ALA A 644 -3.96 16.56 47.36
N GLU A 645 -4.48 17.35 46.42
CA GLU A 645 -4.71 18.77 46.67
C GLU A 645 -5.77 18.97 47.77
N ASN A 646 -6.77 18.10 47.80
CA ASN A 646 -7.82 18.23 48.80
C ASN A 646 -7.31 17.89 50.19
N VAL A 647 -6.45 16.87 50.27
CA VAL A 647 -5.84 16.48 51.52
C VAL A 647 -4.97 17.61 52.06
N ASN A 648 -4.11 18.17 51.21
CA ASN A 648 -3.28 19.27 51.64
C ASN A 648 -4.06 20.50 52.14
N MET A 649 -5.22 20.74 51.53
CA MET A 649 -6.06 21.85 51.97
C MET A 649 -6.67 21.51 53.32
N TYR A 650 -7.09 20.25 53.49
CA TYR A 650 -7.69 19.82 54.75
C TYR A 650 -6.70 19.93 55.93
N LEU A 651 -5.43 19.64 55.67
CA LEU A 651 -4.40 19.65 56.71
C LEU A 651 -3.86 21.06 57.04
N THR A 652 -4.08 22.04 56.16
CA THR A 652 -3.47 23.36 56.32
C THR A 652 -4.46 24.53 56.40
N GLN A 653 -5.73 24.23 56.22
CA GLN A 653 -6.78 25.24 56.27
C GLN A 653 -7.83 24.85 57.30
N PRO A 654 -7.78 25.49 58.48
CA PRO A 654 -8.66 25.06 59.59
C PRO A 654 -10.15 25.31 59.32
N ASN A 655 -10.47 26.15 58.36
CA ASN A 655 -11.88 26.36 57.99
C ASN A 655 -12.33 25.50 56.81
N PHE A 656 -11.64 24.40 56.55
CA PHE A 656 -11.82 23.70 55.28
C PHE A 656 -13.10 22.86 55.21
N VAL A 657 -13.37 22.09 56.26
CA VAL A 657 -14.61 21.30 56.29
C VAL A 657 -15.77 22.26 56.23
N GLU A 658 -15.73 23.26 57.12
CA GLU A 658 -16.75 24.30 57.16
C GLU A 658 -16.96 24.90 55.76
N GLN A 659 -15.93 25.56 55.25
CA GLN A 659 -15.99 26.23 53.96
C GLN A 659 -16.54 25.30 52.87
N THR A 660 -16.23 24.01 52.95
CA THR A 660 -16.67 23.02 51.94
C THR A 660 -18.15 22.66 52.06
N LEU A 661 -18.67 22.55 53.29
CA LEU A 661 -20.08 22.20 53.51
C LEU A 661 -21.02 23.15 52.80
N LYS A 662 -20.59 24.40 52.60
CA LYS A 662 -21.43 25.44 52.01
C LYS A 662 -21.16 25.67 50.52
N GLN A 663 -19.95 25.39 50.06
CA GLN A 663 -19.46 25.95 48.80
C GLN A 663 -19.27 24.96 47.66
N SER A 664 -19.19 23.67 47.98
CA SER A 664 -18.85 22.69 46.96
C SER A 664 -20.09 22.09 46.32
N GLY A 665 -19.94 21.63 45.07
CA GLY A 665 -21.02 20.93 44.39
C GLY A 665 -21.19 19.55 45.00
N ASP A 666 -20.12 18.76 44.91
CA ASP A 666 -20.08 17.41 45.45
C ASP A 666 -19.39 17.38 46.80
N VAL A 667 -20.14 17.59 47.87
CA VAL A 667 -19.55 17.62 49.21
C VAL A 667 -19.11 16.23 49.64
N LYS A 668 -20.04 15.29 49.58
CA LYS A 668 -19.74 13.89 49.91
C LYS A 668 -18.55 13.38 49.09
N GLY A 669 -18.36 13.94 47.91
CA GLY A 669 -17.26 13.52 47.05
C GLY A 669 -15.94 13.91 47.65
N VAL A 670 -15.82 15.18 48.03
CA VAL A 670 -14.59 15.70 48.58
C VAL A 670 -14.29 15.05 49.91
N LEU A 671 -15.30 14.91 50.76
CA LEU A 671 -15.09 14.34 52.09
C LEU A 671 -14.68 12.84 52.04
N GLU A 672 -15.27 12.09 51.10
CA GLU A 672 -14.92 10.69 50.89
C GLU A 672 -13.47 10.58 50.42
N SER A 673 -13.11 11.44 49.46
CA SER A 673 -11.78 11.47 48.90
C SER A 673 -10.69 11.65 49.99
N ILE A 674 -10.91 12.60 50.90
CA ILE A 674 -9.95 12.88 51.96
C ILE A 674 -9.92 11.71 52.92
N SER A 675 -11.09 11.18 53.20
CA SER A 675 -11.19 10.05 54.09
C SER A 675 -10.39 8.87 53.55
N ASP A 676 -10.70 8.45 52.32
CA ASP A 676 -10.04 7.30 51.72
C ASP A 676 -8.54 7.54 51.66
N SER A 677 -8.13 8.76 51.32
CA SER A 677 -6.70 9.05 51.17
C SER A 677 -5.92 8.85 52.47
N LEU A 678 -6.55 9.16 53.61
CA LEU A 678 -5.87 9.05 54.89
C LEU A 678 -6.09 7.70 55.56
N SER A 679 -7.16 6.99 55.20
CA SER A 679 -7.43 5.70 55.83
C SER A 679 -6.67 4.53 55.21
N SER A 680 -6.37 4.61 53.92
CA SER A 680 -5.67 3.51 53.27
C SER A 680 -4.22 3.84 52.95
N LYS A 681 -3.50 4.46 53.89
CA LYS A 681 -2.16 4.93 53.58
C LYS A 681 -1.22 3.76 53.30
N PRO A 682 -0.59 3.74 52.12
CA PRO A 682 0.45 2.74 51.85
C PRO A 682 1.71 3.02 52.69
N HIS A 683 2.44 1.95 53.00
CA HIS A 683 3.69 2.08 53.70
C HIS A 683 4.88 1.59 52.85
N ASN A 684 4.58 0.94 51.73
CA ASN A 684 5.62 0.43 50.85
C ASN A 684 5.09 0.30 49.42
N PHE A 685 5.93 -0.16 48.51
CA PHE A 685 5.52 -0.19 47.12
C PHE A 685 4.50 -1.30 46.88
N GLU A 686 4.66 -2.39 47.60
CA GLU A 686 3.76 -3.51 47.49
C GLU A 686 2.32 -3.10 47.84
N ASP A 687 2.19 -2.18 48.80
CA ASP A 687 0.89 -1.62 49.15
C ASP A 687 0.27 -0.85 47.97
N CYS A 688 1.11 -0.18 47.17
CA CYS A 688 0.60 0.55 46.03
C CYS A 688 0.09 -0.42 44.92
N ILE A 689 0.81 -1.52 44.72
CA ILE A 689 0.37 -2.57 43.80
C ILE A 689 -1.00 -3.11 44.24
N LYS A 690 -1.17 -3.41 45.52
CA LYS A 690 -2.45 -3.91 45.98
C LYS A 690 -3.57 -2.88 45.71
N TRP A 691 -3.31 -1.61 46.01
CA TRP A 691 -4.31 -0.57 45.79
C TRP A 691 -4.72 -0.52 44.32
N ALA A 692 -3.76 -0.57 43.40
CA ALA A 692 -4.10 -0.50 41.99
C ALA A 692 -4.89 -1.75 41.52
N ARG A 693 -4.45 -2.94 41.95
CA ARG A 693 -5.22 -4.14 41.67
C ARG A 693 -6.69 -4.03 42.15
N LEU A 694 -6.91 -3.49 43.36
CA LEU A 694 -8.27 -3.32 43.84
C LEU A 694 -9.02 -2.24 43.07
N GLU A 695 -8.33 -1.21 42.56
CA GLU A 695 -9.07 -0.22 41.78
C GLU A 695 -9.57 -0.85 40.48
N PHE A 696 -8.73 -1.68 39.84
CA PHE A 696 -9.12 -2.48 38.66
C PHE A 696 -10.40 -3.25 38.92
N GLU A 697 -10.43 -3.98 40.03
CA GLU A 697 -11.63 -4.74 40.38
C GLU A 697 -12.88 -3.86 40.46
N LYS A 698 -12.73 -2.70 41.07
CA LYS A 698 -13.85 -1.81 41.28
C LYS A 698 -14.32 -1.24 39.95
N LYS A 699 -13.40 -0.71 39.16
CA LYS A 699 -13.77 0.04 37.95
C LYS A 699 -14.19 -0.82 36.79
N PHE A 700 -13.56 -1.98 36.62
CA PHE A 700 -13.76 -2.77 35.41
C PHE A 700 -14.54 -4.06 35.67
N ASN A 701 -14.85 -4.33 36.94
CA ASN A 701 -15.60 -5.51 37.34
C ASN A 701 -16.82 -5.16 38.21
N HIS A 702 -16.62 -4.66 39.42
CA HIS A 702 -17.76 -4.39 40.30
C HIS A 702 -18.67 -3.30 39.72
N ASP A 703 -18.08 -2.19 39.28
CA ASP A 703 -18.92 -1.11 38.76
C ASP A 703 -19.76 -1.56 37.54
N ILE A 704 -19.21 -2.46 36.74
CA ILE A 704 -19.89 -2.99 35.57
C ILE A 704 -21.01 -3.97 35.97
N LYS A 705 -20.71 -4.90 36.87
CA LYS A 705 -21.76 -5.80 37.37
C LYS A 705 -22.94 -5.01 37.98
N GLN A 706 -22.64 -3.85 38.56
CA GLN A 706 -23.67 -3.02 39.18
C GLN A 706 -24.54 -2.44 38.10
N LEU A 707 -23.91 -1.94 37.03
CA LEU A 707 -24.65 -1.35 35.93
C LEU A 707 -25.57 -2.39 35.26
N LEU A 708 -25.08 -3.63 35.13
CA LEU A 708 -25.85 -4.71 34.55
C LEU A 708 -26.99 -5.12 35.49
N PHE A 709 -26.72 -5.06 36.79
CA PHE A 709 -27.74 -5.37 37.78
C PHE A 709 -28.96 -4.45 37.64
N ASN A 710 -28.69 -3.16 37.42
CA ASN A 710 -29.73 -2.16 37.16
C ASN A 710 -30.39 -2.34 35.79
N PHE A 711 -29.58 -2.68 34.77
CA PHE A 711 -30.08 -2.92 33.41
C PHE A 711 -29.52 -4.19 32.80
N PRO A 712 -30.12 -5.34 33.09
CA PRO A 712 -29.72 -6.59 32.43
C PRO A 712 -29.62 -6.50 30.90
N LYS A 713 -28.81 -7.35 30.27
CA LYS A 713 -28.64 -7.34 28.82
C LYS A 713 -29.98 -7.42 28.04
N ASP A 714 -30.84 -8.31 28.48
CA ASP A 714 -32.14 -8.50 27.86
C ASP A 714 -33.13 -7.38 28.23
N ALA A 715 -32.71 -6.45 29.07
CA ALA A 715 -33.59 -5.39 29.57
C ALA A 715 -34.27 -4.65 28.43
N LYS A 716 -35.51 -4.26 28.68
CA LYS A 716 -36.35 -3.61 27.69
C LYS A 716 -36.70 -2.20 28.14
N THR A 717 -37.16 -1.37 27.21
CA THR A 717 -37.60 -0.03 27.56
C THR A 717 -39.08 -0.10 27.83
N SER A 718 -39.58 0.84 28.62
CA SER A 718 -41.01 1.00 28.83
C SER A 718 -41.74 0.62 27.54
N ASN A 719 -41.27 1.23 26.46
CA ASN A 719 -41.67 0.92 25.09
C ASN A 719 -41.76 -0.57 24.69
N GLY A 720 -40.72 -1.36 24.96
CA GLY A 720 -40.69 -2.75 24.52
C GLY A 720 -39.51 -3.08 23.61
N GLU A 721 -38.73 -2.07 23.28
CA GLU A 721 -37.49 -2.25 22.56
C GLU A 721 -36.41 -2.66 23.54
N PRO A 722 -35.30 -3.19 23.03
CA PRO A 722 -34.18 -3.51 23.92
C PRO A 722 -33.44 -2.27 24.41
N PHE A 723 -33.26 -2.18 25.72
CA PHE A 723 -32.59 -1.04 26.32
C PHE A 723 -31.19 -0.84 25.76
N TRP A 724 -30.48 -1.95 25.59
CA TRP A 724 -29.09 -1.91 25.12
C TRP A 724 -28.97 -1.93 23.60
N SER A 725 -29.22 -0.79 22.95
CA SER A 725 -29.12 -0.69 21.51
C SER A 725 -28.58 0.67 21.10
N GLY A 726 -28.26 0.81 19.82
CA GLY A 726 -27.77 2.07 19.30
C GLY A 726 -26.46 2.43 19.96
N ALA A 727 -26.41 3.62 20.53
CA ALA A 727 -25.17 4.11 21.14
C ALA A 727 -24.87 3.45 22.49
N LYS A 728 -25.71 2.49 22.89
CA LYS A 728 -25.55 1.78 24.16
C LYS A 728 -25.15 0.34 23.92
N ARG A 729 -23.94 0.00 24.36
CA ARG A 729 -23.32 -1.29 24.10
C ARG A 729 -23.26 -2.05 25.41
N ALA A 730 -23.91 -3.20 25.49
CA ALA A 730 -23.96 -3.93 26.74
C ALA A 730 -22.55 -4.36 27.11
N PRO A 731 -22.08 -3.98 28.32
CA PRO A 731 -20.72 -4.34 28.72
C PRO A 731 -20.59 -5.69 29.41
N THR A 732 -19.36 -6.14 29.48
CA THR A 732 -19.03 -7.38 30.18
C THR A 732 -17.93 -7.10 31.20
N PRO A 733 -18.04 -7.65 32.39
CA PRO A 733 -17.00 -7.40 33.40
C PRO A 733 -15.68 -8.10 33.07
N LEU A 734 -14.57 -7.49 33.46
CA LEU A 734 -13.23 -7.99 33.19
C LEU A 734 -12.70 -8.89 34.32
N GLU A 735 -12.01 -9.96 33.91
CA GLU A 735 -11.31 -10.84 34.82
C GLU A 735 -9.82 -10.55 34.70
N PHE A 736 -9.23 -9.91 35.72
CA PHE A 736 -7.81 -9.54 35.66
C PHE A 736 -6.91 -10.66 35.12
N ASP A 737 -5.96 -10.26 34.27
CA ASP A 737 -5.08 -11.19 33.55
C ASP A 737 -3.78 -10.44 33.32
N ILE A 738 -2.76 -10.79 34.11
CA ILE A 738 -1.52 -10.02 34.06
C ILE A 738 -0.91 -10.06 32.65
N TYR A 739 -1.24 -11.09 31.86
CA TYR A 739 -0.68 -11.20 30.51
C TYR A 739 -1.36 -10.24 29.50
N ASN A 740 -2.55 -9.74 29.83
CA ASN A 740 -3.10 -8.66 29.03
C ASN A 740 -2.32 -7.36 29.24
N ASN A 741 -1.91 -6.73 28.15
CA ASN A 741 -1.04 -5.57 28.24
C ASN A 741 -1.67 -4.41 29.03
N ASP A 742 -2.97 -4.22 28.86
CA ASP A 742 -3.68 -3.10 29.46
C ASP A 742 -3.93 -3.38 30.92
N HIS A 743 -4.23 -4.62 31.29
CA HIS A 743 -4.41 -4.95 32.73
C HIS A 743 -3.08 -4.75 33.46
N PHE A 744 -2.00 -5.19 32.85
CA PHE A 744 -0.69 -5.06 33.45
C PHE A 744 -0.34 -3.59 33.68
N HIS A 745 -0.42 -2.81 32.62
CA HIS A 745 0.04 -1.43 32.68
C HIS A 745 -0.86 -0.53 33.50
N PHE A 746 -2.11 -0.92 33.69
CA PHE A 746 -2.97 -0.18 34.58
C PHE A 746 -2.42 -0.27 36.01
N VAL A 747 -2.05 -1.49 36.39
CA VAL A 747 -1.49 -1.74 37.71
C VAL A 747 -0.08 -1.11 37.89
N VAL A 748 0.81 -1.28 36.90
CA VAL A 748 2.14 -0.69 36.99
C VAL A 748 2.09 0.82 37.16
N ALA A 749 1.36 1.48 36.26
CA ALA A 749 1.28 2.91 36.28
C ALA A 749 0.48 3.41 37.50
N GLY A 750 -0.56 2.69 37.87
CA GLY A 750 -1.34 3.06 39.04
C GLY A 750 -0.51 2.96 40.33
N ALA A 751 0.25 1.88 40.47
CA ALA A 751 1.05 1.74 41.66
C ALA A 751 2.16 2.81 41.72
N SER A 752 2.80 3.08 40.58
CA SER A 752 3.95 3.99 40.54
C SER A 752 3.48 5.45 40.84
N LEU A 753 2.29 5.82 40.35
CA LEU A 753 1.74 7.16 40.58
C LEU A 753 1.25 7.37 42.05
N ARG A 754 0.65 6.33 42.60
CA ARG A 754 0.27 6.27 44.00
C ARG A 754 1.53 6.42 44.86
N ALA A 755 2.58 5.71 44.50
CA ALA A 755 3.84 5.83 45.22
C ALA A 755 4.32 7.27 45.22
N TYR A 756 4.23 7.91 44.06
CA TYR A 756 4.64 9.28 43.91
C TYR A 756 3.85 10.15 44.90
N ASN A 757 2.53 10.00 44.90
CA ASN A 757 1.68 10.80 45.79
C ASN A 757 2.15 10.68 47.24
N TYR A 758 2.59 9.50 47.67
CA TYR A 758 2.86 9.25 49.10
C TYR A 758 4.37 9.24 49.41
N GLY A 759 5.18 9.60 48.43
CA GLY A 759 6.61 9.70 48.65
C GLY A 759 7.27 8.35 48.88
N ILE A 760 6.69 7.30 48.28
CA ILE A 760 7.23 5.95 48.39
C ILE A 760 8.11 5.59 47.20
N LYS A 761 9.25 4.96 47.48
CA LYS A 761 10.22 4.62 46.44
C LYS A 761 9.74 3.44 45.58
N SER A 762 9.67 3.64 44.27
CA SER A 762 9.28 2.55 43.37
C SER A 762 10.31 1.42 43.27
N ASP A 763 9.82 0.19 43.10
CA ASP A 763 10.68 -0.94 42.82
C ASP A 763 11.07 -0.95 41.34
N ASP A 764 10.48 -0.06 40.55
CA ASP A 764 10.78 0.11 39.11
C ASP A 764 11.56 1.41 38.81
N SER A 765 11.83 2.24 39.83
CA SER A 765 12.43 3.56 39.65
C SER A 765 13.75 3.55 38.84
N ASN A 766 14.39 2.39 38.80
CA ASN A 766 15.64 2.21 38.07
C ASN A 766 15.56 0.95 37.24
N SER A 767 14.44 0.77 36.52
CA SER A 767 14.21 -0.43 35.73
C SER A 767 12.83 -0.50 35.07
N LYS A 768 12.64 -1.51 34.24
CA LYS A 768 11.33 -1.87 33.71
C LYS A 768 10.55 -2.58 34.79
N PRO A 769 9.25 -2.75 34.58
CA PRO A 769 8.49 -3.54 35.57
C PRO A 769 8.60 -5.04 35.31
N ASN A 770 8.88 -5.79 36.38
CA ASN A 770 8.94 -7.25 36.32
C ASN A 770 7.58 -7.92 36.54
N VAL A 771 7.09 -8.60 35.50
CA VAL A 771 5.80 -9.27 35.53
C VAL A 771 5.65 -10.29 36.66
N ASP A 772 6.62 -11.18 36.79
CA ASP A 772 6.53 -12.20 37.81
C ASP A 772 6.43 -11.59 39.23
N GLU A 773 7.02 -10.42 39.46
CA GLU A 773 6.99 -9.78 40.79
C GLU A 773 5.63 -9.13 41.11
N TYR A 774 5.08 -8.39 40.16
CA TYR A 774 3.69 -7.97 40.28
C TYR A 774 2.76 -9.17 40.47
N LYS A 775 3.02 -10.24 39.71
CA LYS A 775 2.18 -11.43 39.74
C LYS A 775 2.25 -12.07 41.11
N SER A 776 3.46 -12.18 41.66
CA SER A 776 3.63 -12.72 42.99
C SER A 776 2.72 -12.00 43.99
N VAL A 777 2.78 -10.68 43.98
CA VAL A 777 2.01 -9.89 44.95
C VAL A 777 0.52 -10.10 44.74
N ILE A 778 0.08 -10.02 43.49
CA ILE A 778 -1.33 -10.11 43.15
C ILE A 778 -1.93 -11.48 43.43
N ASP A 779 -1.15 -12.53 43.21
CA ASP A 779 -1.57 -13.91 43.47
C ASP A 779 -1.87 -14.20 44.95
N HIS A 780 -1.25 -13.46 45.87
CA HIS A 780 -1.51 -13.68 47.29
C HIS A 780 -2.63 -12.79 47.80
N MET A 781 -3.23 -11.97 46.95
CA MET A 781 -4.28 -11.06 47.39
C MET A 781 -5.61 -11.78 47.53
N ILE A 782 -6.42 -11.30 48.47
CA ILE A 782 -7.81 -11.70 48.59
C ILE A 782 -8.68 -10.63 47.93
N ILE A 783 -9.18 -10.88 46.73
CA ILE A 783 -10.06 -9.90 46.11
C ILE A 783 -11.48 -10.16 46.60
N PRO A 784 -12.12 -9.14 47.19
CA PRO A 784 -13.48 -9.26 47.71
C PRO A 784 -14.54 -9.41 46.61
N GLU A 785 -15.52 -10.28 46.87
CA GLU A 785 -16.62 -10.56 45.97
C GLU A 785 -17.47 -9.32 45.79
N PHE A 786 -18.28 -9.34 44.73
CA PHE A 786 -19.19 -8.25 44.43
C PHE A 786 -20.56 -8.52 45.00
N THR A 787 -21.13 -7.53 45.67
CA THR A 787 -22.52 -7.61 46.08
C THR A 787 -23.23 -6.32 45.64
N PRO A 788 -24.37 -6.48 44.96
CA PRO A 788 -25.06 -5.36 44.33
C PRO A 788 -25.67 -4.44 45.34
N ASN A 789 -25.96 -3.23 44.90
CA ASN A 789 -26.69 -2.28 45.70
C ASN A 789 -28.07 -2.11 45.06
N ALA A 790 -29.10 -2.61 45.72
CA ALA A 790 -30.45 -2.68 45.15
C ALA A 790 -31.15 -1.33 45.22
N ASN A 791 -30.58 -0.39 45.96
CA ASN A 791 -31.17 0.92 46.12
C ASN A 791 -30.39 1.99 45.37
N LEU A 792 -29.38 1.55 44.63
CA LEU A 792 -28.63 2.45 43.76
C LEU A 792 -29.40 2.62 42.46
N LYS A 793 -29.33 3.82 41.90
CA LYS A 793 -30.05 4.14 40.68
C LYS A 793 -29.10 4.86 39.74
N ILE A 794 -29.37 4.73 38.45
CA ILE A 794 -28.42 5.19 37.45
C ILE A 794 -29.09 6.15 36.48
N GLN A 795 -28.48 7.31 36.29
CA GLN A 795 -28.96 8.32 35.34
C GLN A 795 -28.67 7.88 33.89
N VAL A 796 -29.73 7.77 33.10
CA VAL A 796 -29.61 7.30 31.73
C VAL A 796 -29.55 8.47 30.74
N ASN A 797 -30.40 9.47 30.94
CA ASN A 797 -30.39 10.65 30.09
C ASN A 797 -29.88 11.85 30.86
N ASP A 798 -29.38 12.86 30.15
CA ASP A 798 -28.87 14.07 30.80
C ASP A 798 -30.05 14.91 31.32
N ASP A 799 -31.25 14.62 30.84
CA ASP A 799 -32.45 15.39 31.19
C ASP A 799 -33.25 14.84 32.40
N ASP A 800 -32.59 14.21 33.36
CA ASP A 800 -33.31 13.65 34.51
C ASP A 800 -32.50 13.77 35.81
N PRO A 801 -33.09 13.32 36.93
CA PRO A 801 -32.49 13.69 38.22
C PRO A 801 -31.81 12.64 39.09
N ASP A 802 -30.54 12.94 39.34
CA ASP A 802 -29.91 12.81 40.65
C ASP A 802 -28.39 12.58 40.54
N PRO A 803 -27.61 13.36 41.31
CA PRO A 803 -26.16 13.52 41.15
C PRO A 803 -25.32 12.31 41.58
N ASP A 812 -27.22 13.66 56.63
CA ASP A 812 -27.14 12.64 57.68
C ASP A 812 -25.79 11.91 57.64
N GLU A 813 -25.50 11.26 56.51
CA GLU A 813 -24.21 10.60 56.33
C GLU A 813 -23.08 11.56 56.63
N ILE A 814 -23.20 12.76 56.05
CA ILE A 814 -22.12 13.74 56.08
C ILE A 814 -21.63 14.12 57.49
N ASP A 815 -22.52 14.15 58.46
CA ASP A 815 -22.06 14.36 59.83
C ASP A 815 -21.16 13.21 60.22
N GLN A 816 -21.61 11.99 59.95
CA GLN A 816 -20.83 10.78 60.21
C GLN A 816 -19.50 10.85 59.48
N LEU A 817 -19.54 11.28 58.22
CA LEU A 817 -18.37 11.33 57.38
C LEU A 817 -17.30 12.27 57.95
N VAL A 818 -17.72 13.39 58.53
CA VAL A 818 -16.80 14.31 59.21
C VAL A 818 -16.23 13.66 60.47
N SER A 819 -17.06 12.85 61.12
CA SER A 819 -16.69 12.17 62.36
C SER A 819 -15.84 10.92 62.07
N SER A 820 -15.20 10.89 60.90
CA SER A 820 -14.25 9.84 60.58
C SER A 820 -12.93 10.42 60.09
N LEU A 821 -12.79 11.74 60.17
CA LEU A 821 -11.60 12.41 59.66
C LEU A 821 -10.51 12.42 60.72
N PRO A 822 -9.26 12.12 60.33
CA PRO A 822 -8.20 12.24 61.32
C PRO A 822 -8.05 13.71 61.65
N ASP A 823 -7.72 14.04 62.89
CA ASP A 823 -7.47 15.43 63.23
C ASP A 823 -6.12 15.76 62.62
N PRO A 824 -5.96 16.96 62.02
CA PRO A 824 -4.66 17.28 61.43
C PRO A 824 -3.45 17.09 62.37
N SER A 825 -3.65 17.19 63.69
CA SER A 825 -2.59 17.05 64.70
C SER A 825 -1.90 15.67 64.61
N THR A 826 -2.66 14.69 64.16
CA THR A 826 -2.18 13.34 63.93
C THR A 826 -1.19 13.28 62.80
N LEU A 827 -1.19 14.31 61.95
CA LEU A 827 -0.51 14.24 60.66
C LEU A 827 0.46 15.40 60.43
N ALA A 828 1.16 15.79 61.49
CA ALA A 828 2.04 16.95 61.41
C ALA A 828 3.11 16.72 60.36
N GLY A 829 3.21 17.64 59.42
CA GLY A 829 4.26 17.58 58.42
C GLY A 829 4.02 16.56 57.33
N PHE A 830 2.81 16.00 57.31
CA PHE A 830 2.44 15.06 56.26
C PHE A 830 1.99 15.84 55.05
N LYS A 831 2.47 15.44 53.88
CA LYS A 831 2.07 16.07 52.64
C LYS A 831 1.99 15.04 51.52
N LEU A 832 0.95 15.14 50.69
CA LEU A 832 0.82 14.33 49.47
C LEU A 832 1.30 15.15 48.31
N GLU A 833 1.94 14.50 47.36
CA GLU A 833 2.53 15.20 46.23
C GLU A 833 1.68 15.04 44.98
N PRO A 834 0.89 16.06 44.63
CA PRO A 834 -0.02 15.95 43.49
C PRO A 834 0.70 15.92 42.16
N VAL A 835 0.20 15.11 41.24
CA VAL A 835 0.83 14.96 39.94
C VAL A 835 0.43 16.10 38.98
N ASP A 836 1.40 16.66 38.28
CA ASP A 836 1.11 17.66 37.25
C ASP A 836 1.16 17.02 35.86
N PHE A 837 0.01 16.85 35.22
CA PHE A 837 -0.09 16.16 33.92
C PHE A 837 0.90 16.68 32.91
N GLU A 838 1.85 15.82 32.53
CA GLU A 838 2.83 16.07 31.47
C GLU A 838 2.80 15.00 30.36
N LYS A 839 2.18 15.34 29.23
CA LYS A 839 2.03 14.40 28.13
C LYS A 839 3.34 14.06 27.38
N ASP A 840 4.38 14.89 27.50
CA ASP A 840 5.57 14.70 26.66
C ASP A 840 6.75 14.07 27.40
N ASP A 841 6.51 13.46 28.54
CA ASP A 841 7.59 12.75 29.24
C ASP A 841 7.23 11.27 29.31
N ASP A 842 7.79 10.48 28.41
CA ASP A 842 7.40 9.10 28.29
C ASP A 842 7.83 8.26 29.50
N THR A 843 8.57 8.84 30.45
CA THR A 843 9.04 8.05 31.60
C THR A 843 8.25 8.25 32.89
N ASN A 844 7.25 9.14 32.87
CA ASN A 844 6.49 9.50 34.06
C ASN A 844 5.17 8.71 34.27
N HIS A 845 4.89 7.73 33.41
CA HIS A 845 3.71 6.88 33.60
C HIS A 845 2.35 7.52 33.31
N HIS A 846 2.32 8.76 32.85
CA HIS A 846 1.02 9.42 32.70
C HIS A 846 0.19 8.85 31.54
N ILE A 847 0.74 8.94 30.32
CA ILE A 847 0.09 8.39 29.16
C ILE A 847 -0.05 6.88 29.34
N GLU A 848 0.95 6.24 29.95
CA GLU A 848 0.88 4.82 30.25
C GLU A 848 -0.40 4.54 31.02
N PHE A 849 -0.65 5.33 32.05
CA PHE A 849 -1.86 5.15 32.82
C PHE A 849 -3.16 5.41 32.01
N ILE A 850 -3.22 6.53 31.33
CA ILE A 850 -4.44 6.91 30.68
C ILE A 850 -4.76 5.91 29.55
N THR A 851 -3.73 5.47 28.84
CA THR A 851 -3.89 4.44 27.83
C THR A 851 -4.43 3.11 28.41
N ALA A 852 -3.79 2.60 29.46
CA ALA A 852 -4.23 1.32 30.00
C ALA A 852 -5.62 1.47 30.59
N CYS A 853 -5.85 2.56 31.32
CA CYS A 853 -7.14 2.80 31.93
C CYS A 853 -8.27 2.91 30.87
N SER A 854 -8.02 3.66 29.81
CA SER A 854 -8.98 3.76 28.71
C SER A 854 -9.21 2.41 28.00
N ASN A 855 -8.11 1.72 27.71
CA ASN A 855 -8.23 0.44 27.01
C ASN A 855 -8.95 -0.61 27.84
N CYS A 856 -8.84 -0.56 29.16
CA CYS A 856 -9.60 -1.52 29.98
C CYS A 856 -11.11 -1.26 29.90
N ARG A 857 -11.49 0.00 30.00
CA ARG A 857 -12.91 0.33 29.88
C ARG A 857 -13.35 -0.04 28.44
N ALA A 858 -12.50 0.21 27.45
CA ALA A 858 -12.83 -0.18 26.08
C ALA A 858 -13.08 -1.67 25.98
N GLN A 859 -12.32 -2.48 26.72
CA GLN A 859 -12.56 -3.93 26.73
C GLN A 859 -13.93 -4.23 27.32
N ASN A 860 -14.28 -3.52 28.39
CA ASN A 860 -15.59 -3.68 29.00
C ASN A 860 -16.71 -3.55 27.96
N TYR A 861 -16.56 -2.62 27.03
CA TYR A 861 -17.65 -2.18 26.16
C TYR A 861 -17.44 -2.53 24.68
N PHE A 862 -16.54 -3.49 24.42
CA PHE A 862 -16.28 -4.02 23.09
C PHE A 862 -15.95 -2.92 22.10
N ILE A 863 -15.14 -1.96 22.57
CA ILE A 863 -14.59 -0.87 21.77
C ILE A 863 -13.16 -1.21 21.45
N GLU A 864 -12.72 -1.01 20.21
CA GLU A 864 -11.32 -1.30 19.85
C GLU A 864 -10.35 -0.44 20.65
N THR A 865 -9.28 -1.07 21.16
CA THR A 865 -8.32 -0.37 22.00
C THR A 865 -7.40 0.51 21.16
N ALA A 866 -6.84 1.55 21.78
CA ALA A 866 -5.93 2.47 21.09
C ALA A 866 -4.52 2.41 21.69
N ASP A 867 -3.52 2.82 20.92
CA ASP A 867 -2.15 2.78 21.40
C ASP A 867 -1.81 4.10 22.09
N ARG A 868 -0.59 4.23 22.60
CA ARG A 868 -0.13 5.41 23.32
C ARG A 868 -0.08 6.67 22.46
N GLN A 869 0.32 6.54 21.20
CA GLN A 869 0.42 7.71 20.33
C GLN A 869 -0.95 8.34 20.13
N LYS A 870 -1.97 7.50 19.96
CA LYS A 870 -3.32 8.00 19.72
C LYS A 870 -3.96 8.54 21.00
N THR A 871 -3.74 7.84 22.11
CA THR A 871 -4.25 8.29 23.40
C THR A 871 -3.59 9.63 23.77
N LYS A 872 -2.29 9.78 23.48
CA LYS A 872 -1.58 11.02 23.79
C LYS A 872 -2.15 12.17 22.97
N PHE A 873 -2.49 11.90 21.71
CA PHE A 873 -3.07 12.92 20.84
C PHE A 873 -4.39 13.46 21.38
N ILE A 874 -5.25 12.54 21.80
CA ILE A 874 -6.57 12.89 22.26
C ILE A 874 -6.53 13.51 23.67
N ALA A 875 -5.85 12.86 24.62
CA ALA A 875 -5.82 13.32 26.00
C ALA A 875 -4.97 14.58 26.14
N GLY A 876 -4.00 14.74 25.26
CA GLY A 876 -3.07 15.85 25.37
C GLY A 876 -3.51 17.02 24.53
N ARG A 877 -4.59 16.82 23.78
CA ARG A 877 -5.14 17.84 22.92
C ARG A 877 -4.05 18.40 22.00
N ILE A 878 -3.26 17.51 21.41
CA ILE A 878 -2.12 17.94 20.62
C ILE A 878 -2.60 18.43 19.26
N ILE A 879 -2.02 19.53 18.79
CA ILE A 879 -2.34 20.05 17.46
C ILE A 879 -1.33 19.58 16.39
N PRO A 880 -1.78 18.80 15.39
CA PRO A 880 -0.86 18.40 14.32
C PRO A 880 -0.17 19.61 13.71
N ALA A 881 1.13 19.51 13.46
CA ALA A 881 1.89 20.64 12.95
C ALA A 881 3.07 20.19 12.07
N ILE A 882 3.36 20.96 11.05
CA ILE A 882 4.47 20.64 10.17
C ILE A 882 5.05 21.94 9.57
N ALA A 883 6.36 21.92 9.36
CA ALA A 883 7.07 23.13 8.95
C ALA A 883 6.62 23.71 7.63
N THR A 884 6.25 22.87 6.66
CA THR A 884 5.85 23.34 5.33
C THR A 884 4.70 24.37 5.39
N THR A 885 3.61 23.97 6.01
CA THR A 885 2.45 24.84 6.17
C THR A 885 2.80 26.13 6.94
N THR A 886 3.55 25.99 8.03
CA THR A 886 3.99 27.11 8.83
C THR A 886 4.73 28.16 7.97
N SER A 887 5.67 27.65 7.22
CA SER A 887 6.50 28.46 6.37
C SER A 887 5.64 29.16 5.29
N LEU A 888 4.69 28.45 4.70
CA LEU A 888 3.91 29.03 3.61
C LEU A 888 3.01 30.16 4.12
N VAL A 889 2.31 29.88 5.20
CA VAL A 889 1.38 30.82 5.80
C VAL A 889 2.11 32.08 6.30
N THR A 890 3.29 31.90 6.87
CA THR A 890 4.09 33.05 7.32
C THR A 890 4.45 33.92 6.12
N GLY A 891 4.82 33.27 5.01
CA GLY A 891 5.06 33.97 3.76
C GLY A 891 3.88 34.85 3.36
N LEU A 892 2.66 34.33 3.48
CA LEU A 892 1.50 35.14 3.10
C LEU A 892 1.35 36.35 4.03
N VAL A 893 1.58 36.13 5.33
CA VAL A 893 1.47 37.20 6.29
C VAL A 893 2.42 38.33 5.91
N ASN A 894 3.62 37.97 5.48
CA ASN A 894 4.60 38.98 5.15
C ASN A 894 4.34 39.67 3.83
N LEU A 895 3.44 39.14 2.99
CA LEU A 895 3.04 39.86 1.78
C LEU A 895 1.99 40.89 2.15
N GLU A 896 1.23 40.61 3.18
CA GLU A 896 0.25 41.55 3.69
C GLU A 896 0.94 42.70 4.48
N LEU A 897 2.05 42.36 5.13
CA LEU A 897 2.79 43.33 5.95
C LEU A 897 3.21 44.55 5.10
N TYR A 898 3.57 44.31 3.84
CA TYR A 898 3.90 45.39 2.89
C TYR A 898 2.77 46.42 2.82
N LYS A 899 1.54 45.93 2.90
CA LYS A 899 0.40 46.82 2.80
C LYS A 899 0.27 47.75 4.03
N LEU A 900 0.69 47.27 5.22
CA LEU A 900 0.60 48.11 6.43
C LEU A 900 1.60 49.24 6.35
N ILE A 901 2.80 48.90 5.89
CA ILE A 901 3.88 49.87 5.70
C ILE A 901 3.42 51.03 4.79
N ASP A 902 2.58 50.74 3.80
CA ASP A 902 2.05 51.78 2.91
C ASP A 902 0.79 52.44 3.44
N ASN A 903 0.31 52.04 4.62
CA ASN A 903 -0.91 52.62 5.23
C ASN A 903 -2.10 52.55 4.31
N LYS A 904 -2.29 51.44 3.61
CA LYS A 904 -3.37 51.36 2.66
C LYS A 904 -4.73 51.47 3.34
N THR A 905 -5.63 52.18 2.70
CA THR A 905 -6.96 52.43 3.25
C THR A 905 -8.04 51.88 2.31
N ASP A 906 -7.61 51.37 1.17
CA ASP A 906 -8.52 50.74 0.24
C ASP A 906 -8.63 49.27 0.65
N ILE A 907 -9.75 48.92 1.24
CA ILE A 907 -9.94 47.57 1.77
C ILE A 907 -9.76 46.49 0.68
N GLU A 908 -9.96 46.84 -0.56
CA GLU A 908 -9.86 45.87 -1.66
C GLU A 908 -8.44 45.40 -1.92
N GLN A 909 -7.47 46.11 -1.38
CA GLN A 909 -6.06 45.73 -1.58
C GLN A 909 -5.63 44.59 -0.65
N TYR A 910 -6.36 44.40 0.45
CA TYR A 910 -5.97 43.43 1.46
C TYR A 910 -6.55 42.06 1.15
N LYS A 911 -5.89 41.02 1.64
CA LYS A 911 -6.33 39.66 1.39
C LYS A 911 -6.22 38.81 2.64
N ASN A 912 -7.36 38.31 3.12
CA ASN A 912 -7.37 37.18 4.04
C ASN A 912 -7.09 35.90 3.24
N GLY A 913 -6.26 35.01 3.75
CA GLY A 913 -5.92 33.81 3.01
C GLY A 913 -6.36 32.52 3.69
N PHE A 914 -6.72 31.53 2.90
CA PHE A 914 -7.10 30.20 3.39
C PHE A 914 -6.42 29.10 2.58
N VAL A 915 -5.80 28.13 3.23
CA VAL A 915 -5.05 27.13 2.49
C VAL A 915 -5.21 25.73 3.02
N ASN A 916 -5.13 24.75 2.10
CA ASN A 916 -4.91 23.37 2.48
C ASN A 916 -3.93 22.74 1.52
N LEU A 917 -2.69 22.52 1.95
CA LEU A 917 -1.65 22.04 1.03
C LEU A 917 -1.92 20.61 0.58
N ALA A 918 -2.78 19.91 1.29
CA ALA A 918 -3.06 18.52 0.97
C ALA A 918 -3.83 18.38 -0.35
N LEU A 919 -4.57 19.43 -0.74
CA LEU A 919 -5.51 19.30 -1.87
C LEU A 919 -4.92 19.44 -3.29
N PRO A 920 -4.02 20.39 -3.55
CA PRO A 920 -3.68 21.56 -2.77
C PRO A 920 -4.70 22.65 -3.07
N PHE A 921 -5.06 23.45 -2.07
CA PHE A 921 -6.01 24.53 -2.26
C PHE A 921 -5.52 25.87 -1.66
N PHE A 922 -5.76 26.96 -2.39
CA PHE A 922 -5.47 28.31 -1.92
C PHE A 922 -6.59 29.22 -2.33
N GLY A 923 -7.11 29.98 -1.37
CA GLY A 923 -8.18 30.93 -1.63
C GLY A 923 -8.03 32.23 -0.82
N PHE A 924 -8.52 33.32 -1.39
CA PHE A 924 -8.36 34.61 -0.77
C PHE A 924 -9.64 35.42 -0.82
N SER A 925 -9.78 36.31 0.15
CA SER A 925 -10.93 37.19 0.21
C SER A 925 -10.50 38.52 0.83
N GLU A 926 -11.08 39.57 0.26
CA GLU A 926 -11.10 40.91 0.80
C GLU A 926 -11.65 40.87 2.23
N PRO A 927 -11.01 41.58 3.16
CA PRO A 927 -11.58 41.58 4.52
C PRO A 927 -12.99 42.19 4.57
N ILE A 928 -13.73 41.83 5.61
CA ILE A 928 -15.01 42.46 5.91
C ILE A 928 -14.86 43.85 6.53
N ALA A 929 -15.59 44.84 6.02
CA ALA A 929 -15.54 46.18 6.60
C ALA A 929 -16.14 46.20 8.02
N SER A 930 -15.68 47.14 8.83
CA SER A 930 -16.22 47.31 10.18
C SER A 930 -17.65 47.85 10.13
N PRO A 931 -18.53 47.31 10.98
CA PRO A 931 -19.91 47.83 10.97
C PRO A 931 -19.98 49.32 11.34
N LYS A 932 -20.84 50.05 10.66
CA LYS A 932 -20.98 51.49 10.90
C LYS A 932 -22.33 51.79 11.58
N GLY A 933 -22.37 52.86 12.36
CA GLY A 933 -23.58 53.29 12.98
C GLY A 933 -23.78 54.79 12.85
N GLU A 934 -24.90 55.28 13.34
CA GLU A 934 -25.17 56.69 13.30
C GLU A 934 -25.98 57.12 14.53
N TYR A 935 -25.67 58.30 15.07
CA TYR A 935 -26.48 58.93 16.09
C TYR A 935 -26.58 60.41 15.72
N ASN A 936 -27.78 61.01 15.85
CA ASN A 936 -28.04 62.31 15.29
C ASN A 936 -27.45 62.39 13.87
N ASN A 937 -26.71 63.44 13.52
CA ASN A 937 -26.12 63.48 12.16
C ASN A 937 -24.71 62.94 12.06
N LYS A 938 -24.37 61.95 12.87
CA LYS A 938 -22.97 61.58 13.04
C LYS A 938 -22.75 60.07 12.78
N LYS A 939 -21.89 59.77 11.80
CA LYS A 939 -21.49 58.41 11.50
C LYS A 939 -20.33 58.02 12.40
N TYR A 940 -20.33 56.77 12.88
CA TYR A 940 -19.22 56.25 13.68
C TYR A 940 -18.96 54.77 13.40
N ASP A 941 -17.76 54.34 13.77
CA ASP A 941 -17.32 52.97 13.55
C ASP A 941 -17.58 52.14 14.85
N LYS A 942 -18.51 51.21 14.75
CA LYS A 942 -18.97 50.47 15.91
C LYS A 942 -17.87 49.67 16.58
N ILE A 943 -16.76 49.39 15.90
CA ILE A 943 -15.64 48.69 16.52
C ILE A 943 -14.54 49.63 17.04
N TRP A 944 -14.11 50.57 16.18
CA TRP A 944 -12.90 51.35 16.42
C TRP A 944 -13.11 52.73 17.07
N ASP A 945 -14.32 53.29 17.04
CA ASP A 945 -14.49 54.64 17.56
C ASP A 945 -14.81 54.64 19.04
N ARG A 946 -14.38 55.68 19.74
CA ARG A 946 -14.70 55.83 21.16
C ARG A 946 -14.62 57.31 21.58
N PHE A 947 -15.11 57.64 22.77
CA PHE A 947 -15.05 59.04 23.24
C PHE A 947 -13.88 59.19 24.18
N ASP A 948 -12.87 59.96 23.78
CA ASP A 948 -11.65 60.07 24.57
C ASP A 948 -11.70 61.26 25.52
N ILE A 949 -11.87 60.97 26.81
CA ILE A 949 -12.00 62.01 27.83
C ILE A 949 -10.76 62.10 28.71
N LYS A 950 -10.21 63.31 28.73
CA LYS A 950 -8.95 63.58 29.39
C LYS A 950 -9.20 64.06 30.81
N GLY A 951 -8.59 63.39 31.78
CA GLY A 951 -8.74 63.78 33.18
C GLY A 951 -9.81 62.99 33.92
N ASP A 952 -9.69 62.98 35.24
CA ASP A 952 -10.64 62.28 36.09
C ASP A 952 -11.91 63.11 36.25
N ILE A 953 -12.65 63.26 35.16
CA ILE A 953 -13.79 64.18 35.08
C ILE A 953 -14.92 63.96 36.13
N LYS A 954 -15.55 65.06 36.56
CA LYS A 954 -16.69 64.97 37.49
C LYS A 954 -17.92 64.43 36.77
N LEU A 955 -18.73 63.61 37.43
CA LEU A 955 -19.90 63.02 36.78
C LEU A 955 -20.80 64.06 36.06
N SER A 956 -21.18 65.13 36.75
CA SER A 956 -22.03 66.13 36.13
C SER A 956 -21.38 66.75 34.89
N ASP A 957 -20.05 66.88 34.90
CA ASP A 957 -19.33 67.45 33.76
C ASP A 957 -19.38 66.50 32.57
N LEU A 958 -19.38 65.21 32.85
CA LEU A 958 -19.40 64.21 31.80
C LEU A 958 -20.79 64.21 31.11
N ILE A 959 -21.85 64.16 31.90
CA ILE A 959 -23.21 64.16 31.35
C ILE A 959 -23.45 65.46 30.59
N GLU A 960 -22.98 66.56 31.14
CA GLU A 960 -23.19 67.84 30.47
C GLU A 960 -22.49 67.87 29.11
N HIS A 961 -21.22 67.42 29.08
N HIS A 961 -21.25 67.41 29.05
CA HIS A 961 -20.40 67.37 27.86
CA HIS A 961 -20.49 67.51 27.81
C HIS A 961 -21.14 66.63 26.76
C HIS A 961 -21.06 66.60 26.72
N PHE A 962 -21.64 65.45 27.08
CA PHE A 962 -22.30 64.61 26.09
C PHE A 962 -23.56 65.26 25.54
N GLU A 963 -24.28 65.97 26.40
CA GLU A 963 -25.42 66.71 25.96
C GLU A 963 -25.01 67.80 24.98
N LYS A 964 -24.06 68.64 25.36
CA LYS A 964 -23.70 69.82 24.57
C LYS A 964 -22.93 69.49 23.30
N ASP A 965 -21.99 68.57 23.40
CA ASP A 965 -21.06 68.30 22.30
C ASP A 965 -21.53 67.20 21.35
N GLU A 966 -22.39 66.30 21.80
CA GLU A 966 -22.76 65.12 21.01
C GLU A 966 -24.26 64.95 20.83
N GLY A 967 -25.08 65.80 21.44
CA GLY A 967 -26.52 65.67 21.35
C GLY A 967 -27.01 64.41 22.04
N LEU A 968 -26.25 63.88 23.00
CA LEU A 968 -26.57 62.57 23.59
C LEU A 968 -27.00 62.73 25.03
N GLU A 969 -28.18 62.22 25.35
CA GLU A 969 -28.71 62.31 26.71
C GLU A 969 -28.35 61.01 27.44
N ILE A 970 -27.32 61.05 28.26
CA ILE A 970 -26.86 59.81 28.88
C ILE A 970 -27.96 59.18 29.72
N THR A 971 -28.19 57.90 29.49
CA THR A 971 -29.31 57.19 30.06
C THR A 971 -28.81 56.18 31.09
N MET A 972 -27.65 55.60 30.81
CA MET A 972 -27.00 54.63 31.68
C MET A 972 -25.48 54.76 31.54
N LEU A 973 -24.75 54.66 32.64
CA LEU A 973 -23.30 54.74 32.59
C LEU A 973 -22.72 53.67 33.52
N SER A 974 -21.87 52.79 33.00
CA SER A 974 -21.35 51.66 33.78
C SER A 974 -19.82 51.54 33.74
N TYR A 975 -19.25 51.02 34.84
CA TYR A 975 -17.86 50.60 34.89
C TYR A 975 -17.81 49.12 35.14
N GLY A 976 -17.40 48.37 34.11
CA GLY A 976 -17.50 46.93 34.13
C GLY A 976 -18.94 46.54 34.46
N VAL A 977 -19.10 45.94 35.62
CA VAL A 977 -20.36 45.32 36.00
C VAL A 977 -21.25 46.27 36.80
N SER A 978 -20.65 47.35 37.31
CA SER A 978 -21.36 48.26 38.22
C SER A 978 -21.94 49.49 37.53
N LEU A 979 -23.12 49.87 38.02
CA LEU A 979 -23.88 50.97 37.47
C LEU A 979 -23.53 52.23 38.28
N LEU A 980 -23.05 53.25 37.57
CA LEU A 980 -22.57 54.46 38.22
C LEU A 980 -23.61 55.56 38.14
N TYR A 981 -24.41 55.53 37.09
CA TYR A 981 -25.44 56.52 36.92
C TYR A 981 -26.51 55.96 36.00
N ALA A 982 -27.76 56.34 36.27
CA ALA A 982 -28.87 56.06 35.38
C ALA A 982 -29.77 57.26 35.49
N SER A 983 -30.60 57.51 34.48
CA SER A 983 -31.46 58.69 34.52
C SER A 983 -32.73 58.45 35.34
N PHE A 984 -32.94 57.22 35.81
CA PHE A 984 -34.07 56.95 36.70
C PHE A 984 -33.74 57.17 38.19
N PHE A 985 -32.46 57.37 38.50
CA PHE A 985 -32.10 57.72 39.86
C PHE A 985 -32.93 58.91 40.37
N PRO A 986 -33.49 58.79 41.57
CA PRO A 986 -34.14 59.98 42.17
C PRO A 986 -33.15 61.04 42.65
N PRO A 987 -33.67 62.26 42.85
CA PRO A 987 -32.84 63.39 43.27
C PRO A 987 -31.85 63.06 44.38
N LYS A 988 -32.26 62.32 45.40
CA LYS A 988 -31.36 62.11 46.53
C LYS A 988 -30.08 61.39 46.07
N LYS A 989 -30.25 60.36 45.26
CA LYS A 989 -29.14 59.56 44.77
C LYS A 989 -28.28 60.36 43.78
N LEU A 990 -28.90 61.19 42.95
CA LEU A 990 -28.14 62.08 42.07
C LEU A 990 -27.28 63.07 42.83
N LYS A 991 -27.81 63.60 43.92
CA LYS A 991 -27.03 64.56 44.71
C LYS A 991 -25.78 63.88 45.30
N GLU A 992 -25.91 62.61 45.67
CA GLU A 992 -24.77 61.78 46.08
C GLU A 992 -23.66 61.62 45.01
N ARG A 993 -24.03 61.53 43.73
CA ARG A 993 -23.05 61.11 42.72
C ARG A 993 -22.55 62.22 41.77
N LEU A 994 -23.38 63.21 41.51
CA LEU A 994 -23.08 64.16 40.45
C LEU A 994 -21.77 64.94 40.58
N ASN A 995 -21.31 65.20 41.80
CA ASN A 995 -20.14 66.06 41.97
C ASN A 995 -18.88 65.25 42.16
N LEU A 996 -18.97 63.94 41.95
CA LEU A 996 -17.84 63.03 42.14
C LEU A 996 -17.07 62.79 40.85
N PRO A 997 -15.73 62.95 40.93
CA PRO A 997 -14.84 62.42 39.88
C PRO A 997 -15.09 60.92 39.65
N ILE A 998 -14.93 60.48 38.39
CA ILE A 998 -15.26 59.11 38.03
C ILE A 998 -14.65 58.10 39.00
N THR A 999 -13.38 58.25 39.35
CA THR A 999 -12.73 57.24 40.21
C THR A 999 -13.39 57.14 41.59
N GLN A 1000 -13.76 58.29 42.14
CA GLN A 1000 -14.45 58.35 43.44
C GLN A 1000 -15.85 57.75 43.34
N LEU A 1001 -16.53 58.06 42.24
CA LEU A 1001 -17.84 57.45 41.96
C LEU A 1001 -17.69 55.92 41.96
N VAL A 1002 -16.68 55.39 41.25
CA VAL A 1002 -16.44 53.95 41.25
C VAL A 1002 -16.18 53.42 42.66
N LYS A 1003 -15.49 54.20 43.48
CA LYS A 1003 -15.18 53.76 44.84
C LYS A 1003 -16.43 53.82 45.71
N LEU A 1004 -17.32 54.77 45.45
CA LEU A 1004 -18.56 54.86 46.22
C LEU A 1004 -19.44 53.64 45.97
N VAL A 1005 -19.44 53.14 44.74
CA VAL A 1005 -20.34 52.06 44.39
C VAL A 1005 -19.72 50.71 44.71
N THR A 1006 -18.47 50.52 44.31
CA THR A 1006 -17.79 49.23 44.46
C THR A 1006 -17.11 49.09 45.81
N LYS A 1007 -16.81 50.21 46.45
CA LYS A 1007 -16.12 50.22 47.74
C LYS A 1007 -14.68 49.71 47.60
N LYS A 1008 -14.26 49.45 46.37
CA LYS A 1008 -12.87 49.11 46.07
C LYS A 1008 -12.23 50.38 45.49
N ASP A 1009 -10.90 50.42 45.48
CA ASP A 1009 -10.18 51.58 44.93
C ASP A 1009 -9.64 51.27 43.54
N ILE A 1010 -9.21 52.32 42.83
CA ILE A 1010 -8.55 52.14 41.56
C ILE A 1010 -7.06 51.93 41.82
N PRO A 1011 -6.50 50.80 41.36
CA PRO A 1011 -5.20 50.28 41.79
C PRO A 1011 -4.01 51.23 41.62
N ALA A 1012 -4.23 52.43 41.08
CA ALA A 1012 -3.20 53.47 41.02
C ALA A 1012 -2.15 53.19 39.96
N HIS A 1013 -2.07 51.95 39.50
CA HIS A 1013 -1.25 51.62 38.34
C HIS A 1013 -2.14 51.70 37.09
N VAL A 1014 -3.43 51.93 37.30
CA VAL A 1014 -4.37 52.05 36.19
C VAL A 1014 -4.34 53.46 35.60
N SER A 1015 -4.21 53.55 34.28
CA SER A 1015 -4.11 54.84 33.62
C SER A 1015 -5.35 55.17 32.80
N THR A 1016 -6.26 54.20 32.64
CA THR A 1016 -7.51 54.42 31.90
C THR A 1016 -8.68 53.57 32.43
N MET A 1017 -9.89 54.06 32.22
CA MET A 1017 -11.09 53.31 32.55
C MET A 1017 -12.06 53.41 31.38
N ILE A 1018 -12.60 52.26 30.99
CA ILE A 1018 -13.60 52.20 29.93
C ILE A 1018 -14.98 52.28 30.56
N LEU A 1019 -15.86 53.14 30.03
CA LEU A 1019 -17.25 53.18 30.49
C LEU A 1019 -18.17 52.85 29.34
N GLU A 1020 -19.22 52.09 29.61
CA GLU A 1020 -20.23 51.82 28.61
C GLU A 1020 -21.37 52.77 28.91
N ILE A 1021 -21.98 53.32 27.87
CA ILE A 1021 -23.16 54.17 28.07
C ILE A 1021 -24.31 53.75 27.20
N CYS A 1022 -25.53 53.92 27.73
CA CYS A 1022 -26.74 53.94 26.91
C CYS A 1022 -27.13 55.40 26.82
N ALA A 1023 -27.74 55.82 25.71
CA ALA A 1023 -28.14 57.21 25.54
C ALA A 1023 -29.31 57.39 24.59
N ASP A 1024 -29.98 58.53 24.72
CA ASP A 1024 -31.02 58.94 23.79
C ASP A 1024 -30.46 60.04 22.88
N ASP A 1025 -30.87 60.03 21.62
CA ASP A 1025 -30.45 61.05 20.66
C ASP A 1025 -31.35 62.28 20.87
N LYS A 1026 -31.22 63.29 20.01
CA LYS A 1026 -31.98 64.54 20.13
C LYS A 1026 -33.51 64.38 20.09
N GLU A 1027 -34.01 63.33 19.44
CA GLU A 1027 -35.44 63.11 19.36
C GLU A 1027 -35.99 62.30 20.55
N GLY A 1028 -35.09 61.83 21.40
CA GLY A 1028 -35.48 61.13 22.62
C GLY A 1028 -35.62 59.64 22.39
N GLU A 1029 -35.05 59.14 21.30
CA GLU A 1029 -35.06 57.69 21.06
C GLU A 1029 -33.68 57.15 21.42
N ASP A 1030 -33.65 55.94 21.97
CA ASP A 1030 -32.42 55.27 22.32
C ASP A 1030 -31.56 55.02 21.04
N VAL A 1031 -30.23 55.02 21.18
CA VAL A 1031 -29.31 54.85 20.04
C VAL A 1031 -28.02 54.17 20.48
N GLU A 1032 -27.54 53.22 19.67
CA GLU A 1032 -26.22 52.66 19.91
C GLU A 1032 -25.18 53.77 19.70
N VAL A 1033 -24.19 53.83 20.59
CA VAL A 1033 -23.12 54.83 20.52
C VAL A 1033 -21.76 54.21 20.87
N PRO A 1034 -20.67 54.83 20.46
CA PRO A 1034 -19.34 54.39 20.90
C PRO A 1034 -19.19 54.34 22.44
N PHE A 1035 -18.15 53.65 22.91
CA PHE A 1035 -17.82 53.61 24.34
C PHE A 1035 -16.93 54.79 24.72
N ILE A 1036 -16.70 54.95 26.02
CA ILE A 1036 -15.89 56.04 26.56
C ILE A 1036 -14.59 55.51 27.13
N THR A 1037 -13.51 56.25 26.90
CA THR A 1037 -12.24 56.02 27.60
C THR A 1037 -11.85 57.22 28.46
N ILE A 1038 -11.71 56.98 29.75
CA ILE A 1038 -11.27 58.02 30.66
C ILE A 1038 -9.79 57.87 30.80
N HIS A 1039 -9.06 58.97 30.57
CA HIS A 1039 -7.62 58.99 30.76
C HIS A 1039 -7.21 59.71 32.03
N LEU A 1040 -6.71 58.98 33.01
CA LEU A 1040 -6.21 59.57 34.25
C LEU A 1040 -4.83 60.18 34.01
N ALA B 2 -34.94 31.75 -12.26
CA ALA B 2 -34.62 30.47 -12.96
C ALA B 2 -33.56 29.71 -12.17
N ALA B 3 -33.81 28.42 -11.96
CA ALA B 3 -33.02 27.60 -11.03
C ALA B 3 -31.76 27.01 -11.64
N MET B 4 -30.72 26.90 -10.81
CA MET B 4 -29.40 26.46 -11.25
C MET B 4 -28.69 25.67 -10.16
N GLN B 5 -27.62 25.01 -10.56
CA GLN B 5 -26.80 24.26 -9.63
C GLN B 5 -25.50 24.99 -9.44
N ILE B 6 -25.06 25.08 -8.17
CA ILE B 6 -23.72 25.56 -7.82
C ILE B 6 -23.11 24.58 -6.84
N PHE B 7 -21.81 24.75 -6.59
CA PHE B 7 -21.06 23.83 -5.75
C PHE B 7 -20.42 24.52 -4.55
N VAL B 8 -20.33 23.80 -3.44
CA VAL B 8 -19.63 24.32 -2.30
C VAL B 8 -18.56 23.32 -1.91
N LYS B 9 -17.31 23.74 -2.02
CA LYS B 9 -16.19 22.91 -1.61
C LYS B 9 -15.71 23.34 -0.24
N THR B 10 -15.46 22.39 0.65
CA THR B 10 -14.98 22.73 1.97
C THR B 10 -13.47 22.59 2.04
N LEU B 11 -12.88 23.02 3.14
CA LEU B 11 -11.42 23.05 3.27
C LEU B 11 -10.86 21.64 3.41
N THR B 12 -11.74 20.68 3.67
CA THR B 12 -11.33 19.28 3.83
C THR B 12 -11.44 18.51 2.51
N GLY B 13 -11.89 19.15 1.44
CA GLY B 13 -12.00 18.50 0.15
C GLY B 13 -13.40 18.02 -0.25
N LYS B 14 -14.35 18.14 0.67
CA LYS B 14 -15.71 17.69 0.41
C LYS B 14 -16.40 18.63 -0.56
N THR B 15 -17.17 18.07 -1.50
CA THR B 15 -17.93 18.84 -2.46
C THR B 15 -19.42 18.66 -2.22
N ILE B 16 -20.13 19.77 -1.98
CA ILE B 16 -21.56 19.81 -1.75
C ILE B 16 -22.29 20.41 -2.94
N THR B 17 -23.39 19.80 -3.37
CA THR B 17 -24.15 20.35 -4.49
C THR B 17 -25.44 21.01 -4.03
N LEU B 18 -25.70 22.23 -4.50
CA LEU B 18 -26.90 22.96 -4.15
C LEU B 18 -27.74 23.35 -5.37
N GLU B 19 -29.04 23.48 -5.17
CA GLU B 19 -29.94 24.02 -6.20
C GLU B 19 -30.52 25.34 -5.71
N VAL B 20 -30.29 26.37 -6.51
CA VAL B 20 -30.61 27.74 -6.14
C VAL B 20 -31.10 28.53 -7.35
N GLU B 21 -31.72 29.66 -7.07
CA GLU B 21 -32.00 30.62 -8.13
C GLU B 21 -31.07 31.82 -7.94
N SER B 22 -30.80 32.51 -9.04
CA SER B 22 -29.81 33.58 -9.04
C SER B 22 -30.23 34.74 -8.13
N SER B 23 -31.49 34.74 -7.72
CA SER B 23 -32.04 35.78 -6.86
C SER B 23 -32.04 35.41 -5.38
N ASP B 24 -31.47 34.28 -5.01
CA ASP B 24 -31.43 33.87 -3.60
C ASP B 24 -30.47 34.73 -2.82
N THR B 25 -30.77 34.90 -1.54
CA THR B 25 -29.86 35.66 -0.69
C THR B 25 -28.73 34.74 -0.19
N ILE B 26 -27.66 35.32 0.35
CA ILE B 26 -26.62 34.52 0.95
C ILE B 26 -27.19 33.77 2.14
N ASP B 27 -28.07 34.44 2.87
CA ASP B 27 -28.77 33.81 3.99
C ASP B 27 -29.40 32.52 3.54
N ASN B 28 -30.11 32.57 2.41
CA ASN B 28 -30.78 31.41 1.86
C ASN B 28 -29.78 30.28 1.64
N VAL B 29 -28.67 30.62 1.01
CA VAL B 29 -27.66 29.64 0.66
C VAL B 29 -27.06 28.99 1.92
N LYS B 30 -26.78 29.80 2.95
CA LYS B 30 -26.21 29.30 4.19
C LYS B 30 -27.17 28.34 4.88
N SER B 31 -28.44 28.62 4.72
CA SER B 31 -29.45 27.77 5.29
C SER B 31 -29.50 26.45 4.56
N LYS B 32 -29.29 26.46 3.25
CA LYS B 32 -29.26 25.21 2.51
C LYS B 32 -28.05 24.38 2.93
N ILE B 33 -26.96 25.07 3.30
CA ILE B 33 -25.74 24.39 3.72
C ILE B 33 -25.92 23.79 5.10
N GLN B 34 -26.68 24.47 5.95
CA GLN B 34 -26.98 23.96 7.29
C GLN B 34 -27.78 22.66 7.15
N ASP B 35 -28.79 22.60 6.29
CA ASP B 35 -29.56 21.36 6.13
C ASP B 35 -28.74 20.18 5.64
N LYS B 36 -27.56 20.42 5.10
CA LYS B 36 -26.82 19.36 4.46
C LYS B 36 -25.61 18.98 5.28
N GLU B 37 -25.04 19.94 6.00
CA GLU B 37 -23.80 19.72 6.72
C GLU B 37 -23.98 19.86 8.24
N GLY B 38 -25.01 20.59 8.67
CA GLY B 38 -25.28 20.68 10.08
C GLY B 38 -24.65 21.93 10.65
N ILE B 39 -23.81 22.62 9.87
CA ILE B 39 -23.19 23.86 10.35
C ILE B 39 -24.15 25.05 10.46
N PRO B 40 -24.00 25.86 11.53
CA PRO B 40 -24.98 26.96 11.60
C PRO B 40 -24.50 28.18 10.85
N PRO B 41 -25.45 28.95 10.32
CA PRO B 41 -25.05 30.03 9.43
C PRO B 41 -23.98 30.97 9.99
N ASP B 42 -24.02 31.33 11.28
CA ASP B 42 -23.03 32.22 11.93
C ASP B 42 -21.61 31.65 11.82
N GLN B 43 -21.47 30.32 11.73
CA GLN B 43 -20.15 29.69 11.71
C GLN B 43 -19.60 29.44 10.31
N GLN B 44 -20.44 29.64 9.30
CA GLN B 44 -20.04 29.40 7.93
C GLN B 44 -19.24 30.60 7.37
N ARG B 45 -18.12 30.33 6.68
CA ARG B 45 -17.43 31.39 5.96
C ARG B 45 -17.26 31.01 4.54
N LEU B 46 -17.93 31.78 3.69
CA LEU B 46 -17.96 31.49 2.27
C LEU B 46 -17.26 32.56 1.46
N ILE B 47 -16.37 32.11 0.58
CA ILE B 47 -15.66 33.02 -0.31
C ILE B 47 -15.86 32.56 -1.75
N PHE B 48 -15.92 33.56 -2.63
CA PHE B 48 -16.03 33.37 -4.06
C PHE B 48 -15.33 34.47 -4.82
N ALA B 49 -14.42 34.10 -5.71
CA ALA B 49 -13.75 35.09 -6.55
C ALA B 49 -13.19 36.30 -5.82
N GLY B 50 -12.48 36.10 -4.71
CA GLY B 50 -11.82 37.20 -4.06
C GLY B 50 -12.67 37.86 -2.99
N LYS B 51 -13.97 37.57 -2.93
CA LYS B 51 -14.88 38.21 -1.97
C LYS B 51 -15.39 37.21 -0.90
N GLN B 52 -15.56 37.65 0.35
CA GLN B 52 -16.29 36.87 1.36
C GLN B 52 -17.79 37.19 1.29
N LEU B 53 -18.66 36.18 1.31
CA LEU B 53 -20.09 36.44 1.07
C LEU B 53 -20.84 36.85 2.32
N GLU B 54 -21.46 38.03 2.25
CA GLU B 54 -22.19 38.64 3.37
C GLU B 54 -23.69 38.40 3.42
N ASP B 55 -24.22 38.31 4.63
CA ASP B 55 -25.57 37.79 4.84
C ASP B 55 -26.70 38.54 4.15
N GLY B 56 -26.60 39.83 3.93
CA GLY B 56 -27.76 40.53 3.39
C GLY B 56 -27.92 40.56 1.88
N ARG B 57 -26.93 40.03 1.16
CA ARG B 57 -26.88 40.17 -0.30
C ARG B 57 -27.35 38.95 -1.09
N THR B 58 -27.39 39.09 -2.41
CA THR B 58 -27.86 38.02 -3.28
C THR B 58 -26.69 37.41 -4.04
N LEU B 59 -26.92 36.26 -4.68
CA LEU B 59 -25.88 35.65 -5.51
C LEU B 59 -25.50 36.54 -6.64
N SER B 60 -26.50 37.27 -7.15
CA SER B 60 -26.28 38.16 -8.26
C SER B 60 -25.29 39.28 -7.88
N ASP B 61 -25.30 39.69 -6.62
CA ASP B 61 -24.43 40.76 -6.17
C ASP B 61 -22.97 40.34 -6.24
N TYR B 62 -22.72 39.04 -6.30
CA TYR B 62 -21.35 38.53 -6.34
C TYR B 62 -21.06 37.84 -7.66
N ASN B 63 -21.89 38.13 -8.67
CA ASN B 63 -21.85 37.46 -9.96
C ASN B 63 -21.59 35.97 -9.93
N ILE B 64 -22.35 35.29 -9.08
CA ILE B 64 -22.32 33.84 -9.03
C ILE B 64 -23.24 33.26 -10.12
N GLN B 65 -22.67 32.44 -10.99
CA GLN B 65 -23.38 31.89 -12.13
C GLN B 65 -23.55 30.38 -11.90
N LYS B 66 -24.34 29.69 -12.73
CA LYS B 66 -24.53 28.25 -12.56
C LYS B 66 -23.21 27.54 -12.75
N GLU B 67 -23.00 26.49 -11.97
CA GLU B 67 -21.80 25.68 -12.01
C GLU B 67 -20.66 26.36 -11.27
N SER B 68 -20.91 27.53 -10.69
CA SER B 68 -19.86 28.22 -9.95
C SER B 68 -19.55 27.39 -8.71
N THR B 69 -18.36 27.56 -8.18
CA THR B 69 -17.95 26.81 -7.02
C THR B 69 -17.61 27.83 -5.92
N LEU B 70 -18.27 27.70 -4.77
CA LEU B 70 -17.95 28.58 -3.64
C LEU B 70 -17.02 27.79 -2.72
N HIS B 71 -16.31 28.46 -1.83
CA HIS B 71 -15.48 27.71 -0.90
C HIS B 71 -15.86 28.01 0.56
N LEU B 72 -16.05 26.94 1.32
CA LEU B 72 -16.36 27.10 2.72
C LEU B 72 -15.05 26.93 3.42
N VAL B 73 -14.63 27.96 4.13
CA VAL B 73 -13.33 27.94 4.79
C VAL B 73 -13.37 28.20 6.32
N LEU B 74 -12.26 27.90 7.00
CA LEU B 74 -12.08 27.99 8.46
C LEU B 74 -10.88 28.74 9.00
N ARG B 75 -10.98 29.33 10.19
CA ARG B 75 -9.79 29.88 10.83
C ARG B 75 -9.21 28.75 11.69
N LEU B 76 -7.89 28.57 11.61
CA LEU B 76 -7.13 27.49 12.24
C LEU B 76 -6.55 28.05 13.56
N ARG B 77 -6.26 27.24 14.57
CA ARG B 77 -5.95 27.74 15.89
C ARG B 77 -4.53 27.33 16.37
N GLY B 78 -3.72 26.71 15.50
CA GLY B 78 -2.45 26.23 15.97
C GLY B 78 -1.39 27.20 15.45
N GLY B 79 -0.15 27.05 15.90
CA GLY B 79 0.93 27.86 15.40
C GLY B 79 2.10 28.00 16.38
N ALA C 27 18.61 1.81 4.12
CA ALA C 27 18.20 0.99 2.98
C ALA C 27 16.79 1.36 2.44
N GLY C 28 16.02 0.33 2.06
CA GLY C 28 14.93 0.50 1.12
C GLY C 28 15.38 -0.14 -0.19
N GLU C 29 16.27 -1.13 -0.08
CA GLU C 29 17.02 -1.70 -1.21
C GLU C 29 16.97 -3.23 -1.28
N ILE C 30 16.55 -3.77 -2.43
CA ILE C 30 16.50 -5.22 -2.57
C ILE C 30 17.48 -5.79 -3.59
N ASP C 31 18.24 -6.79 -3.16
CA ASP C 31 19.27 -7.43 -3.96
C ASP C 31 18.65 -8.38 -5.00
N GLU C 32 18.55 -7.93 -6.26
CA GLU C 32 17.92 -8.79 -7.27
C GLU C 32 18.75 -10.02 -7.63
N SER C 33 20.07 -9.91 -7.61
CA SER C 33 20.89 -11.04 -8.03
C SER C 33 20.67 -12.24 -7.10
N LEU C 34 20.20 -11.97 -5.87
CA LEU C 34 19.91 -13.07 -4.95
C LEU C 34 18.44 -13.42 -4.98
N TYR C 35 17.58 -12.40 -4.99
CA TYR C 35 16.16 -12.62 -4.72
C TYR C 35 15.27 -12.67 -5.98
N SER C 36 15.90 -12.64 -7.15
CA SER C 36 15.22 -12.67 -8.44
C SER C 36 13.91 -13.49 -8.49
N ARG C 37 13.97 -14.82 -8.33
CA ARG C 37 12.79 -15.60 -8.59
C ARG C 37 11.76 -15.44 -7.45
N GLN C 38 12.23 -15.13 -6.25
CA GLN C 38 11.32 -14.89 -5.13
C GLN C 38 10.62 -13.55 -5.33
N LEU C 39 11.36 -12.57 -5.79
CA LEU C 39 10.80 -11.26 -6.04
C LEU C 39 9.60 -11.32 -7.01
N TYR C 40 9.65 -12.19 -8.01
CA TYR C 40 8.50 -12.36 -8.89
C TYR C 40 7.33 -13.00 -8.18
N VAL C 41 7.55 -13.57 -7.00
CA VAL C 41 6.43 -14.14 -6.23
C VAL C 41 5.80 -13.14 -5.27
N LEU C 42 6.63 -12.39 -4.55
CA LEU C 42 6.11 -11.53 -3.47
C LEU C 42 6.02 -10.05 -3.85
N GLY C 43 6.91 -9.57 -4.73
CA GLY C 43 6.94 -8.17 -5.11
C GLY C 43 7.84 -7.37 -4.18
N LYS C 44 8.29 -6.20 -4.65
CA LYS C 44 9.22 -5.38 -3.93
C LYS C 44 8.64 -4.90 -2.57
N GLU C 45 7.43 -4.35 -2.60
CA GLU C 45 6.82 -3.77 -1.39
C GLU C 45 6.73 -4.77 -0.23
N ALA C 46 6.14 -5.93 -0.49
CA ALA C 46 6.04 -6.99 0.50
C ALA C 46 7.41 -7.34 1.08
N MET C 47 8.44 -7.36 0.24
CA MET C 47 9.76 -7.74 0.70
C MET C 47 10.39 -6.63 1.49
N LEU C 48 10.06 -5.40 1.14
CA LEU C 48 10.56 -4.25 1.90
C LEU C 48 10.03 -4.25 3.33
N LYS C 49 8.75 -4.63 3.50
CA LYS C 49 8.15 -4.78 4.82
C LYS C 49 8.75 -5.95 5.58
N MET C 50 8.99 -7.02 4.85
CA MET C 50 9.64 -8.15 5.46
C MET C 50 10.96 -7.71 6.06
N GLN C 51 11.68 -6.84 5.36
CA GLN C 51 13.02 -6.45 5.77
C GLN C 51 13.00 -5.45 6.90
N THR C 52 11.82 -5.17 7.43
CA THR C 52 11.71 -4.36 8.64
C THR C 52 11.12 -5.18 9.78
N SER C 53 10.87 -6.46 9.55
CA SER C 53 10.25 -7.33 10.56
C SER C 53 11.21 -8.23 11.32
N ASN C 54 11.14 -8.16 12.66
CA ASN C 54 11.87 -9.08 13.53
C ASN C 54 11.00 -10.27 13.94
N VAL C 55 11.51 -11.47 13.70
CA VAL C 55 10.78 -12.69 13.93
C VAL C 55 11.44 -13.49 15.07
N LEU C 56 10.62 -14.05 15.95
CA LEU C 56 11.10 -14.89 17.03
C LEU C 56 10.50 -16.27 16.87
N ILE C 57 11.31 -17.30 17.03
CA ILE C 57 10.82 -18.66 16.98
C ILE C 57 11.18 -19.38 18.27
N LEU C 58 10.16 -19.97 18.90
CA LEU C 58 10.27 -20.66 20.16
C LEU C 58 10.28 -22.16 19.89
N GLY C 59 11.44 -22.78 20.06
CA GLY C 59 11.55 -24.21 19.90
C GLY C 59 12.21 -24.58 18.58
N LEU C 60 13.30 -25.33 18.69
CA LEU C 60 14.08 -25.68 17.53
C LEU C 60 14.30 -27.22 17.42
N LYS C 61 13.21 -27.96 17.56
CA LYS C 61 13.19 -29.30 17.02
C LYS C 61 12.94 -29.15 15.50
N GLY C 62 12.65 -30.24 14.81
CA GLY C 62 12.50 -30.20 13.36
C GLY C 62 11.55 -29.11 12.87
N LEU C 63 10.39 -29.01 13.51
CA LEU C 63 9.40 -28.05 13.07
C LEU C 63 9.95 -26.62 13.06
N GLY C 64 10.50 -26.19 14.19
CA GLY C 64 11.05 -24.87 14.31
C GLY C 64 12.17 -24.55 13.33
N VAL C 65 13.05 -25.50 13.08
CA VAL C 65 14.16 -25.24 12.20
C VAL C 65 13.68 -25.23 10.74
N GLU C 66 12.64 -26.00 10.38
CA GLU C 66 12.08 -25.89 9.02
C GLU C 66 11.50 -24.50 8.80
N ILE C 67 10.67 -24.05 9.75
CA ILE C 67 10.07 -22.72 9.67
C ILE C 67 11.19 -21.70 9.57
N ALA C 68 12.18 -21.81 10.45
CA ALA C 68 13.25 -20.82 10.50
C ALA C 68 14.06 -20.81 9.21
N LYS C 69 14.35 -22.00 8.67
CA LYS C 69 15.08 -22.12 7.43
C LYS C 69 14.40 -21.31 6.31
N ASN C 70 13.10 -21.51 6.15
CA ASN C 70 12.35 -20.84 5.08
C ASN C 70 12.22 -19.33 5.27
N VAL C 71 12.01 -18.88 6.50
CA VAL C 71 11.89 -17.47 6.77
C VAL C 71 13.25 -16.75 6.58
N VAL C 72 14.32 -17.38 7.04
CA VAL C 72 15.64 -16.80 6.87
C VAL C 72 15.95 -16.71 5.37
N LEU C 73 15.68 -17.78 4.61
CA LEU C 73 15.89 -17.73 3.16
C LEU C 73 15.15 -16.54 2.53
N ALA C 74 13.92 -16.30 3.01
CA ALA C 74 13.06 -15.28 2.42
C ALA C 74 13.56 -13.86 2.68
N GLY C 75 14.33 -13.66 3.76
CA GLY C 75 14.87 -12.34 4.09
C GLY C 75 13.97 -11.46 4.97
N VAL C 76 14.14 -11.54 6.28
CA VAL C 76 13.43 -10.67 7.22
C VAL C 76 14.49 -9.85 7.93
N LYS C 77 14.09 -8.84 8.68
CA LYS C 77 15.09 -7.95 9.28
C LYS C 77 16.05 -8.72 10.19
N SER C 78 15.48 -9.56 11.06
CA SER C 78 16.29 -10.47 11.87
C SER C 78 15.44 -11.65 12.36
N MET C 79 16.15 -12.74 12.68
CA MET C 79 15.55 -13.96 13.17
C MET C 79 16.18 -14.26 14.52
N THR C 80 15.34 -14.55 15.51
CA THR C 80 15.84 -14.87 16.85
C THR C 80 15.25 -16.20 17.21
N VAL C 81 16.05 -17.07 17.82
CA VAL C 81 15.62 -18.41 18.18
C VAL C 81 15.76 -18.61 19.68
N PHE C 82 14.75 -19.21 20.28
CA PHE C 82 14.78 -19.57 21.70
C PHE C 82 14.50 -21.06 21.87
N ASP C 83 15.50 -21.80 22.34
CA ASP C 83 15.34 -23.19 22.76
C ASP C 83 16.51 -23.61 23.65
N PRO C 84 16.33 -23.55 24.98
CA PRO C 84 17.45 -23.89 25.87
C PRO C 84 17.61 -25.38 26.16
N GLU C 85 16.67 -26.21 25.71
CA GLU C 85 16.75 -27.64 25.99
C GLU C 85 18.02 -28.30 25.38
N PRO C 86 18.56 -29.32 26.06
CA PRO C 86 19.69 -30.08 25.53
C PRO C 86 19.33 -30.98 24.32
N VAL C 87 20.19 -30.98 23.32
CA VAL C 87 20.05 -31.85 22.18
C VAL C 87 20.20 -33.30 22.66
N GLN C 88 19.21 -34.12 22.28
CA GLN C 88 19.24 -35.57 22.47
C GLN C 88 19.18 -36.27 21.13
N LEU C 89 19.79 -37.45 21.05
CA LEU C 89 19.83 -38.24 19.83
C LEU C 89 18.49 -38.23 19.07
N ALA C 90 17.36 -38.37 19.76
CA ALA C 90 16.09 -38.53 19.05
C ALA C 90 15.70 -37.27 18.24
N ASP C 91 16.16 -36.10 18.70
CA ASP C 91 15.84 -34.83 18.02
C ASP C 91 16.33 -34.84 16.57
N LEU C 92 17.23 -35.76 16.23
CA LEU C 92 17.78 -35.78 14.89
C LEU C 92 16.81 -36.40 13.89
N SER C 93 15.63 -36.82 14.37
CA SER C 93 14.64 -37.38 13.46
C SER C 93 14.35 -36.42 12.32
N THR C 94 14.12 -35.14 12.64
CA THR C 94 13.81 -34.17 11.59
C THR C 94 14.62 -32.89 11.67
N GLN C 95 15.47 -32.76 12.67
CA GLN C 95 16.25 -31.54 12.82
C GLN C 95 17.55 -31.70 12.03
N PHE C 96 17.48 -31.30 10.77
CA PHE C 96 18.58 -31.52 9.83
C PHE C 96 19.88 -30.71 10.08
N PHE C 97 19.86 -29.78 11.04
CA PHE C 97 21.07 -29.04 11.39
C PHE C 97 21.72 -29.57 12.69
N LEU C 98 21.19 -30.64 13.27
CA LEU C 98 21.85 -31.19 14.45
C LEU C 98 22.73 -32.38 14.03
N THR C 99 23.86 -32.56 14.72
CA THR C 99 24.71 -33.74 14.54
C THR C 99 24.90 -34.47 15.87
N GLU C 100 25.49 -35.67 15.87
CA GLU C 100 25.64 -36.35 17.16
C GLU C 100 26.69 -35.67 18.01
N LYS C 101 27.58 -34.91 17.38
CA LYS C 101 28.56 -34.14 18.13
C LYS C 101 27.88 -33.12 19.05
N ASP C 102 26.63 -32.77 18.78
CA ASP C 102 25.95 -31.68 19.47
C ASP C 102 25.19 -32.13 20.72
N ILE C 103 25.11 -33.43 20.94
CA ILE C 103 24.34 -33.97 22.05
C ILE C 103 24.83 -33.37 23.38
N GLY C 104 23.91 -32.92 24.22
CA GLY C 104 24.33 -32.28 25.45
C GLY C 104 24.17 -30.78 25.38
N GLN C 105 24.53 -30.17 24.26
CA GLN C 105 24.51 -28.71 24.13
C GLN C 105 23.09 -28.24 23.87
N LYS C 106 22.85 -26.93 23.99
CA LYS C 106 21.49 -26.38 23.79
C LYS C 106 21.07 -26.27 22.33
N ARG C 107 19.85 -26.68 22.02
CA ARG C 107 19.37 -26.70 20.63
C ARG C 107 19.51 -25.34 19.94
N GLY C 108 19.09 -24.29 20.63
CA GLY C 108 19.17 -22.94 20.12
C GLY C 108 20.57 -22.55 19.68
N ASP C 109 21.56 -22.76 20.55
CA ASP C 109 22.93 -22.34 20.27
C ASP C 109 23.51 -23.09 19.05
N VAL C 110 23.36 -24.39 19.05
CA VAL C 110 23.98 -25.22 18.04
C VAL C 110 23.44 -24.90 16.64
N THR C 111 22.20 -24.48 16.59
CA THR C 111 21.52 -24.25 15.33
C THR C 111 21.76 -22.85 14.76
N ARG C 112 21.94 -21.89 15.66
CA ARG C 112 22.08 -20.48 15.29
C ARG C 112 23.06 -20.25 14.15
N ALA C 113 24.27 -20.78 14.27
CA ALA C 113 25.33 -20.53 13.29
C ALA C 113 25.00 -21.13 11.92
N LYS C 114 24.31 -22.26 11.88
CA LYS C 114 23.97 -22.89 10.62
C LYS C 114 22.83 -22.16 9.94
N LEU C 115 21.87 -21.65 10.71
CA LEU C 115 20.81 -20.84 10.13
C LEU C 115 21.42 -19.60 9.53
N ALA C 116 22.47 -19.09 10.16
CA ALA C 116 23.07 -17.82 9.77
C ALA C 116 23.72 -17.88 8.38
N GLU C 117 24.24 -19.03 8.00
CA GLU C 117 24.85 -19.20 6.67
C GLU C 117 23.83 -19.20 5.52
N LEU C 118 22.58 -19.50 5.80
CA LEU C 118 21.57 -19.53 4.75
C LEU C 118 21.47 -18.20 4.01
N ASN C 119 21.74 -17.12 4.70
CA ASN C 119 21.45 -15.80 4.16
C ASN C 119 22.16 -14.65 4.90
N ALA C 120 23.32 -14.25 4.39
CA ALA C 120 24.12 -13.23 5.04
C ALA C 120 23.39 -11.89 5.34
N TYR C 121 22.23 -11.65 4.72
CA TYR C 121 21.50 -10.39 5.00
C TYR C 121 20.67 -10.44 6.28
N VAL C 122 20.53 -11.65 6.86
CA VAL C 122 19.66 -11.89 8.01
C VAL C 122 20.41 -12.32 9.27
N PRO C 123 20.68 -11.38 10.19
CA PRO C 123 21.33 -11.73 11.47
C PRO C 123 20.49 -12.78 12.20
N VAL C 124 21.11 -13.79 12.80
CA VAL C 124 20.36 -14.77 13.57
C VAL C 124 20.88 -14.74 14.98
N ASN C 125 19.98 -14.44 15.92
CA ASN C 125 20.36 -14.37 17.33
C ASN C 125 19.69 -15.43 18.17
N VAL C 126 20.23 -15.60 19.37
CA VAL C 126 19.69 -16.52 20.33
C VAL C 126 19.17 -15.74 21.51
N LEU C 127 17.93 -16.04 21.91
CA LEU C 127 17.35 -15.49 23.13
C LEU C 127 17.70 -16.42 24.29
N ASP C 128 18.45 -15.93 25.27
CA ASP C 128 18.92 -16.82 26.33
C ASP C 128 17.81 -17.26 27.24
N SER C 129 16.85 -16.38 27.50
CA SER C 129 15.78 -16.77 28.41
C SER C 129 14.45 -16.12 28.09
N LEU C 130 13.37 -16.72 28.58
CA LEU C 130 12.06 -16.15 28.33
C LEU C 130 11.28 -15.95 29.63
N ASP C 131 12.00 -15.85 30.74
CA ASP C 131 11.36 -15.65 32.03
C ASP C 131 10.59 -14.35 32.09
N ASP C 132 11.16 -13.31 31.50
CA ASP C 132 10.48 -12.02 31.36
C ASP C 132 9.73 -11.95 30.01
N VAL C 133 8.39 -12.02 30.04
CA VAL C 133 7.53 -11.98 28.85
C VAL C 133 7.58 -10.68 28.05
N THR C 134 7.95 -9.60 28.73
CA THR C 134 8.15 -8.29 28.14
C THR C 134 9.17 -8.25 27.00
N GLN C 135 10.03 -9.26 26.93
CA GLN C 135 11.03 -9.26 25.88
C GLN C 135 10.35 -9.42 24.55
N LEU C 136 9.18 -10.06 24.55
CA LEU C 136 8.42 -10.28 23.33
C LEU C 136 8.13 -8.99 22.54
N SER C 137 8.24 -7.84 23.21
CA SER C 137 7.96 -6.56 22.56
C SER C 137 8.97 -6.15 21.51
N GLN C 138 10.12 -6.81 21.50
CA GLN C 138 11.14 -6.58 20.47
C GLN C 138 10.71 -7.07 19.11
N PHE C 139 9.70 -7.94 19.04
CA PHE C 139 9.38 -8.67 17.82
C PHE C 139 8.04 -8.30 17.17
N GLN C 140 7.95 -8.47 15.85
CA GLN C 140 6.71 -8.25 15.11
C GLN C 140 5.91 -9.54 14.93
N VAL C 141 6.59 -10.68 14.87
CA VAL C 141 5.95 -11.99 14.74
C VAL C 141 6.61 -12.98 15.68
N VAL C 142 5.77 -13.71 16.39
CA VAL C 142 6.20 -14.70 17.37
C VAL C 142 5.60 -16.02 16.96
N VAL C 143 6.42 -17.05 16.87
CA VAL C 143 5.96 -18.37 16.48
C VAL C 143 6.32 -19.34 17.56
N ALA C 144 5.33 -20.08 18.06
CA ALA C 144 5.51 -21.08 19.11
C ALA C 144 5.32 -22.45 18.55
N THR C 145 6.35 -23.28 18.58
CA THR C 145 6.23 -24.61 18.01
C THR C 145 5.85 -25.63 19.10
N ASP C 146 6.25 -26.87 18.87
CA ASP C 146 5.76 -27.99 19.67
C ASP C 146 6.46 -28.09 21.02
N THR C 147 7.49 -27.28 21.24
CA THR C 147 8.20 -27.32 22.51
C THR C 147 7.54 -26.46 23.58
N VAL C 148 6.54 -25.68 23.19
CA VAL C 148 5.86 -24.77 24.10
C VAL C 148 4.53 -25.35 24.57
N SER C 149 4.34 -25.43 25.87
CA SER C 149 3.14 -26.03 26.45
C SER C 149 1.93 -25.19 26.12
N LEU C 150 0.73 -25.80 26.16
CA LEU C 150 -0.49 -25.08 25.83
C LEU C 150 -0.74 -23.91 26.80
N GLU C 151 -0.27 -24.05 28.03
CA GLU C 151 -0.41 -23.00 29.01
C GLU C 151 0.44 -21.78 28.63
N ASP C 152 1.68 -22.04 28.23
CA ASP C 152 2.57 -20.97 27.85
C ASP C 152 2.12 -20.35 26.52
N LYS C 153 1.62 -21.18 25.60
CA LYS C 153 1.05 -20.66 24.36
C LYS C 153 -0.06 -19.64 24.61
N VAL C 154 -0.92 -19.92 25.57
CA VAL C 154 -2.04 -19.05 25.82
C VAL C 154 -1.59 -17.74 26.44
N LYS C 155 -0.70 -17.81 27.42
CA LYS C 155 -0.12 -16.60 28.01
C LYS C 155 0.57 -15.71 26.97
N ILE C 156 1.37 -16.35 26.12
CA ILE C 156 2.16 -15.64 25.15
C ILE C 156 1.26 -15.02 24.11
N ASN C 157 0.25 -15.76 23.68
CA ASN C 157 -0.70 -15.23 22.74
C ASN C 157 -1.46 -14.05 23.35
N GLU C 158 -1.79 -14.13 24.63
CA GLU C 158 -2.55 -13.05 25.23
C GLU C 158 -1.72 -11.77 25.19
N PHE C 159 -0.44 -11.91 25.48
CA PHE C 159 0.46 -10.78 25.48
C PHE C 159 0.60 -10.23 24.07
N CYS C 160 0.88 -11.10 23.11
CA CYS C 160 1.05 -10.68 21.72
C CYS C 160 -0.20 -9.95 21.20
N HIS C 161 -1.37 -10.57 21.38
CA HIS C 161 -2.61 -10.05 20.86
C HIS C 161 -2.88 -8.67 21.46
N SER C 162 -2.76 -8.52 22.77
CA SER C 162 -3.07 -7.26 23.41
C SER C 162 -1.99 -6.19 23.18
N SER C 163 -0.85 -6.57 22.62
CA SER C 163 0.24 -5.63 22.34
C SER C 163 0.42 -5.36 20.85
N GLY C 164 -0.37 -6.02 19.99
CA GLY C 164 -0.24 -5.82 18.57
C GLY C 164 0.93 -6.57 17.93
N ILE C 165 1.36 -7.66 18.54
CA ILE C 165 2.35 -8.57 17.98
C ILE C 165 1.66 -9.76 17.31
N ARG C 166 2.07 -10.09 16.09
CA ARG C 166 1.45 -11.18 15.34
C ARG C 166 1.85 -12.52 15.93
N PHE C 167 0.88 -13.41 16.16
CA PHE C 167 1.15 -14.70 16.78
C PHE C 167 0.75 -15.90 15.91
N ILE C 168 1.64 -16.89 15.82
CA ILE C 168 1.38 -18.11 15.08
C ILE C 168 1.90 -19.30 15.90
N SER C 169 1.15 -20.40 15.94
CA SER C 169 1.65 -21.61 16.58
C SER C 169 1.44 -22.88 15.72
N SER C 170 2.27 -23.90 15.96
CA SER C 170 2.18 -25.13 15.21
C SER C 170 2.74 -26.29 16.00
N GLU C 171 2.16 -27.47 15.76
CA GLU C 171 2.56 -28.71 16.43
C GLU C 171 2.39 -29.85 15.46
N THR C 172 3.36 -30.77 15.44
CA THR C 172 3.21 -32.04 14.74
C THR C 172 3.31 -33.18 15.74
N ARG C 173 2.52 -34.23 15.51
CA ARG C 173 2.57 -35.45 16.32
C ARG C 173 2.37 -36.64 15.39
N GLY C 174 3.42 -37.42 15.14
CA GLY C 174 3.31 -38.54 14.23
C GLY C 174 2.79 -38.01 12.91
N LEU C 175 1.78 -38.68 12.34
CA LEU C 175 1.25 -38.23 11.07
C LEU C 175 0.16 -37.18 11.21
N PHE C 176 0.00 -36.60 12.41
CA PHE C 176 -0.96 -35.54 12.63
C PHE C 176 -0.23 -34.22 12.79
N GLY C 177 -0.90 -33.10 12.46
CA GLY C 177 -0.36 -31.78 12.76
C GLY C 177 -1.44 -30.71 12.78
N ASN C 178 -1.10 -29.55 13.34
CA ASN C 178 -1.96 -28.38 13.20
C ASN C 178 -1.17 -27.09 13.18
N THR C 179 -1.87 -26.01 12.87
CA THR C 179 -1.31 -24.66 12.99
C THR C 179 -2.42 -23.68 13.38
N PHE C 180 -2.05 -22.62 14.08
CA PHE C 180 -3.01 -21.59 14.51
C PHE C 180 -2.45 -20.18 14.24
N VAL C 181 -3.29 -19.32 13.67
CA VAL C 181 -2.87 -17.98 13.30
C VAL C 181 -3.73 -16.94 13.97
N ASP C 182 -3.09 -15.97 14.58
CA ASP C 182 -3.76 -14.83 15.19
C ASP C 182 -2.96 -13.55 14.92
N LEU C 183 -3.39 -12.76 13.94
CA LEU C 183 -2.71 -11.52 13.56
C LEU C 183 -3.28 -10.26 14.24
N GLY C 184 -4.11 -10.45 15.25
CA GLY C 184 -4.62 -9.36 16.05
C GLY C 184 -5.97 -8.83 15.65
N ASP C 185 -6.40 -7.76 16.34
CA ASP C 185 -7.68 -7.10 16.12
C ASP C 185 -7.79 -6.40 14.78
N GLU C 186 -6.67 -5.89 14.27
CA GLU C 186 -6.67 -5.09 13.05
C GLU C 186 -5.54 -5.59 12.19
N PHE C 187 -5.89 -6.14 11.02
CA PHE C 187 -4.87 -6.56 10.06
C PHE C 187 -5.33 -6.23 8.63
N THR C 188 -4.46 -5.63 7.83
CA THR C 188 -4.85 -5.30 6.46
C THR C 188 -4.16 -6.16 5.38
N VAL C 189 -4.97 -6.87 4.60
CA VAL C 189 -4.48 -7.62 3.42
C VAL C 189 -4.47 -6.67 2.25
N LEU C 190 -3.32 -6.53 1.62
CA LEU C 190 -3.16 -5.59 0.50
C LEU C 190 -3.32 -6.23 -0.90
N ASP C 191 -3.08 -7.53 -0.97
CA ASP C 191 -3.25 -8.31 -2.20
C ASP C 191 -3.63 -9.72 -1.78
N PRO C 192 -4.86 -10.14 -2.10
CA PRO C 192 -5.34 -11.43 -1.56
C PRO C 192 -4.79 -12.67 -2.26
N THR C 193 -4.26 -12.55 -3.47
CA THR C 193 -3.90 -13.75 -4.24
C THR C 193 -2.55 -13.75 -4.93
N GLY C 194 -1.99 -12.58 -5.16
CA GLY C 194 -0.74 -12.54 -5.92
C GLY C 194 -0.88 -12.74 -7.42
N GLU C 195 -2.10 -12.93 -7.91
CA GLU C 195 -2.31 -13.04 -9.36
C GLU C 195 -2.12 -11.68 -10.03
N GLU C 196 -1.68 -11.67 -11.30
CA GLU C 196 -1.64 -10.43 -12.10
C GLU C 196 -3.04 -9.82 -12.18
N PRO C 197 -3.16 -8.48 -12.03
CA PRO C 197 -4.48 -7.87 -12.21
C PRO C 197 -5.05 -8.20 -13.58
N ARG C 198 -6.33 -8.53 -13.67
CA ARG C 198 -6.92 -8.78 -15.00
C ARG C 198 -6.95 -7.46 -15.78
N THR C 199 -6.83 -7.55 -17.10
CA THR C 199 -6.84 -6.33 -17.90
C THR C 199 -7.39 -6.64 -19.28
N GLY C 200 -8.04 -5.69 -19.93
CA GLY C 200 -8.52 -5.98 -21.27
C GLY C 200 -8.98 -4.80 -22.08
N MET C 201 -9.11 -4.99 -23.37
CA MET C 201 -9.61 -3.97 -24.28
C MET C 201 -11.13 -4.00 -24.42
N VAL C 202 -11.68 -2.80 -24.49
CA VAL C 202 -13.09 -2.48 -24.46
C VAL C 202 -13.50 -2.17 -25.88
N SER C 203 -14.66 -2.65 -26.31
CA SER C 203 -15.20 -2.30 -27.63
C SER C 203 -16.42 -1.37 -27.55
N ASP C 204 -17.17 -1.44 -26.45
CA ASP C 204 -18.35 -0.59 -26.30
C ASP C 204 -18.65 -0.39 -24.84
N ILE C 205 -19.19 0.77 -24.49
CA ILE C 205 -19.69 1.03 -23.14
C ILE C 205 -21.03 1.72 -23.26
N GLU C 206 -22.10 1.01 -22.89
CA GLU C 206 -23.43 1.57 -23.05
C GLU C 206 -23.74 2.45 -21.84
N PRO C 207 -24.71 3.36 -21.99
CA PRO C 207 -25.09 4.31 -20.93
C PRO C 207 -25.42 3.68 -19.57
N ASP C 208 -25.85 2.42 -19.56
CA ASP C 208 -26.21 1.75 -18.32
C ASP C 208 -24.97 1.14 -17.65
N GLY C 209 -23.80 1.37 -18.23
CA GLY C 209 -22.56 0.83 -17.69
C GLY C 209 -22.07 -0.47 -18.31
N THR C 210 -22.77 -0.97 -19.33
CA THR C 210 -22.43 -2.28 -19.87
C THR C 210 -21.15 -2.21 -20.71
N VAL C 211 -20.12 -2.89 -20.22
CA VAL C 211 -18.83 -2.97 -20.90
C VAL C 211 -18.65 -4.28 -21.67
N THR C 212 -18.52 -4.17 -22.99
CA THR C 212 -18.38 -5.34 -23.83
C THR C 212 -16.95 -5.42 -24.36
N MET C 213 -16.41 -6.64 -24.35
CA MET C 213 -15.04 -6.91 -24.68
C MET C 213 -14.75 -6.85 -26.17
N LEU C 214 -13.51 -6.52 -26.49
CA LEU C 214 -13.08 -6.42 -27.86
C LEU C 214 -12.80 -7.81 -28.44
N ASP C 215 -13.85 -8.48 -28.91
CA ASP C 215 -13.67 -9.64 -29.78
C ASP C 215 -12.99 -10.84 -29.10
N ASP C 216 -13.81 -11.79 -28.62
CA ASP C 216 -13.31 -13.11 -28.20
C ASP C 216 -12.34 -13.10 -27.01
N ASN C 217 -12.06 -11.91 -26.48
CA ASN C 217 -11.31 -11.77 -25.26
C ASN C 217 -12.30 -11.93 -24.12
N ARG C 218 -11.93 -12.68 -23.09
CA ARG C 218 -12.78 -12.79 -21.90
C ARG C 218 -12.26 -11.85 -20.82
N HIS C 219 -13.16 -11.16 -20.13
CA HIS C 219 -12.70 -10.20 -19.11
C HIS C 219 -12.07 -10.86 -17.88
N GLY C 220 -12.57 -12.03 -17.51
CA GLY C 220 -12.04 -12.83 -16.41
C GLY C 220 -12.38 -12.33 -15.01
N LEU C 221 -13.02 -11.17 -14.90
CA LEU C 221 -13.43 -10.62 -13.59
C LEU C 221 -14.50 -11.42 -12.87
N GLU C 222 -14.78 -10.97 -11.66
CA GLU C 222 -15.65 -11.67 -10.74
C GLU C 222 -16.52 -10.61 -10.08
N ASP C 223 -17.76 -10.93 -9.69
CA ASP C 223 -18.61 -9.92 -9.05
C ASP C 223 -17.92 -9.26 -7.86
N GLY C 224 -17.96 -7.93 -7.82
CA GLY C 224 -17.39 -7.19 -6.71
C GLY C 224 -15.92 -6.86 -6.82
N ASN C 225 -15.24 -7.30 -7.90
CA ASN C 225 -13.90 -6.77 -8.20
C ASN C 225 -14.06 -5.29 -8.47
N PHE C 226 -12.94 -4.56 -8.47
CA PHE C 226 -12.96 -3.16 -8.94
C PHE C 226 -12.07 -2.95 -10.16
N VAL C 227 -12.46 -2.01 -11.03
CA VAL C 227 -11.60 -1.70 -12.15
C VAL C 227 -11.48 -0.21 -12.30
N ARG C 228 -10.36 0.22 -12.87
CA ARG C 228 -10.19 1.58 -13.37
C ARG C 228 -10.06 1.53 -14.90
N PHE C 229 -10.13 2.68 -15.55
CA PHE C 229 -10.06 2.76 -17.00
C PHE C 229 -9.00 3.74 -17.51
N SER C 230 -8.53 3.47 -18.72
CA SER C 230 -7.79 4.49 -19.48
C SER C 230 -8.13 4.41 -20.96
N GLU C 231 -7.97 5.53 -21.65
CA GLU C 231 -8.07 5.56 -23.11
C GLU C 231 -9.50 5.42 -23.62
N VAL C 232 -10.48 5.45 -22.72
CA VAL C 232 -11.88 5.49 -23.13
C VAL C 232 -12.24 6.88 -23.70
N GLU C 233 -12.54 6.94 -24.99
CA GLU C 233 -12.93 8.19 -25.64
C GLU C 233 -14.43 8.46 -25.52
N GLY C 234 -14.78 9.68 -25.13
CA GLY C 234 -16.16 10.09 -25.06
C GLY C 234 -16.70 10.04 -23.64
N LEU C 235 -15.91 9.53 -22.71
CA LEU C 235 -16.35 9.41 -21.34
C LEU C 235 -15.23 9.85 -20.43
N ASP C 236 -14.70 11.04 -20.64
CA ASP C 236 -13.37 11.41 -20.16
C ASP C 236 -13.11 11.18 -18.65
N LYS C 237 -14.04 11.45 -17.75
CA LYS C 237 -13.67 11.29 -16.34
C LYS C 237 -13.75 9.83 -15.85
N LEU C 238 -14.23 8.96 -16.73
CA LEU C 238 -14.07 7.54 -16.50
C LEU C 238 -12.59 7.14 -16.41
N ASN C 239 -11.72 7.90 -17.07
CA ASN C 239 -10.29 7.59 -17.08
C ASN C 239 -9.45 8.16 -15.92
N ASP C 240 -10.04 8.84 -14.94
CA ASP C 240 -9.24 9.57 -13.95
C ASP C 240 -8.69 8.73 -12.79
N GLY C 241 -8.94 7.42 -12.81
CA GLY C 241 -8.43 6.55 -11.78
C GLY C 241 -9.47 6.18 -10.76
N THR C 242 -10.68 6.70 -10.91
CA THR C 242 -11.80 6.26 -10.09
C THR C 242 -11.99 4.75 -10.26
N LEU C 243 -12.35 4.06 -9.18
CA LEU C 243 -12.68 2.64 -9.25
C LEU C 243 -14.17 2.43 -9.43
N PHE C 244 -14.53 1.44 -10.23
CA PHE C 244 -15.92 1.10 -10.51
C PHE C 244 -16.12 -0.34 -10.09
N LYS C 245 -17.30 -0.64 -9.55
CA LYS C 245 -17.56 -1.98 -9.02
C LYS C 245 -18.12 -2.84 -10.13
N VAL C 246 -17.60 -4.06 -10.24
CA VAL C 246 -17.92 -4.93 -11.35
C VAL C 246 -19.12 -5.84 -11.05
N GLU C 247 -20.15 -5.73 -11.89
CA GLU C 247 -21.26 -6.70 -11.95
C GLU C 247 -21.10 -7.50 -13.24
N VAL C 248 -20.74 -8.78 -13.12
CA VAL C 248 -20.55 -9.62 -14.30
C VAL C 248 -21.85 -10.02 -14.99
N LEU C 249 -21.97 -9.76 -16.28
CA LEU C 249 -23.16 -10.13 -17.04
C LEU C 249 -23.00 -11.48 -17.75
N GLY C 250 -21.78 -11.78 -18.18
CA GLY C 250 -21.46 -13.02 -18.83
C GLY C 250 -19.97 -13.03 -19.02
N PRO C 251 -19.45 -14.06 -19.69
CA PRO C 251 -18.00 -14.14 -19.93
C PRO C 251 -17.46 -12.97 -20.77
N PHE C 252 -18.31 -12.28 -21.50
CA PHE C 252 -17.85 -11.25 -22.45
C PHE C 252 -18.27 -9.84 -22.10
N ALA C 253 -18.97 -9.65 -20.98
CA ALA C 253 -19.41 -8.31 -20.59
C ALA C 253 -19.58 -8.15 -19.06
N PHE C 254 -19.34 -6.95 -18.56
CA PHE C 254 -19.58 -6.64 -17.16
C PHE C 254 -20.19 -5.24 -17.09
N ARG C 255 -20.84 -4.91 -15.98
CA ARG C 255 -21.54 -3.64 -15.88
C ARG C 255 -20.96 -2.84 -14.71
N ILE C 256 -20.87 -1.52 -14.87
CA ILE C 256 -20.26 -0.68 -13.86
C ILE C 256 -21.23 0.39 -13.31
N GLY C 257 -22.47 0.36 -13.77
CA GLY C 257 -23.45 1.33 -13.34
C GLY C 257 -23.51 2.49 -14.32
N SER C 258 -24.61 3.24 -14.29
CA SER C 258 -24.81 4.27 -15.29
C SER C 258 -23.55 5.10 -15.54
N VAL C 259 -23.30 5.41 -16.80
CA VAL C 259 -22.26 6.37 -17.16
C VAL C 259 -22.83 7.53 -17.99
N LYS C 260 -24.10 7.86 -17.81
CA LYS C 260 -24.73 8.96 -18.58
C LYS C 260 -24.10 10.29 -18.21
N GLU C 261 -23.90 10.48 -16.91
CA GLU C 261 -23.36 11.73 -16.37
C GLU C 261 -21.97 12.03 -16.92
N TYR C 262 -21.30 11.00 -17.42
CA TYR C 262 -19.92 11.12 -17.87
C TYR C 262 -19.79 11.47 -19.37
N GLY C 263 -20.86 11.32 -20.14
CA GLY C 263 -20.76 11.59 -21.57
C GLY C 263 -21.31 10.47 -22.45
N GLU C 264 -20.75 10.32 -23.64
CA GLU C 264 -21.19 9.30 -24.59
C GLU C 264 -20.01 8.54 -25.19
N TYR C 265 -20.00 7.22 -25.04
CA TYR C 265 -18.92 6.38 -25.58
C TYR C 265 -18.73 6.62 -27.06
N LYS C 266 -17.47 6.70 -27.47
CA LYS C 266 -17.11 6.83 -28.89
C LYS C 266 -16.26 5.67 -29.35
N LYS C 267 -15.14 5.42 -28.64
CA LYS C 267 -14.23 4.32 -29.00
C LYS C 267 -13.04 4.14 -28.06
N GLY C 268 -12.39 2.99 -28.19
CA GLY C 268 -11.17 2.69 -27.47
C GLY C 268 -11.45 2.26 -26.04
N GLY C 269 -10.38 2.10 -25.27
CA GLY C 269 -10.51 1.91 -23.85
C GLY C 269 -9.85 0.65 -23.34
N ILE C 270 -9.18 0.78 -22.19
CA ILE C 270 -8.65 -0.39 -21.53
C ILE C 270 -9.06 -0.40 -20.07
N PHE C 271 -9.46 -1.55 -19.56
CA PHE C 271 -9.77 -1.63 -18.15
C PHE C 271 -8.64 -2.37 -17.45
N THR C 272 -8.38 -1.96 -16.19
CA THR C 272 -7.41 -2.63 -15.33
C THR C 272 -8.03 -2.89 -13.97
N GLU C 273 -8.01 -4.14 -13.55
CA GLU C 273 -8.42 -4.50 -12.21
C GLU C 273 -7.53 -3.82 -11.15
N VAL C 274 -8.17 -3.34 -10.08
CA VAL C 274 -7.46 -2.82 -8.94
C VAL C 274 -7.87 -3.57 -7.68
N LYS C 275 -6.86 -4.14 -7.04
CA LYS C 275 -6.96 -4.83 -5.77
C LYS C 275 -7.03 -3.81 -4.60
N VAL C 276 -8.11 -3.84 -3.82
CA VAL C 276 -8.31 -2.85 -2.77
C VAL C 276 -7.95 -3.45 -1.42
N PRO C 277 -7.53 -2.61 -0.45
CA PRO C 277 -7.21 -3.14 0.88
C PRO C 277 -8.41 -3.77 1.58
N ARG C 278 -8.18 -4.79 2.39
CA ARG C 278 -9.25 -5.44 3.14
C ARG C 278 -8.84 -5.61 4.60
N LYS C 279 -9.65 -5.11 5.52
CA LYS C 279 -9.31 -5.19 6.95
C LYS C 279 -9.94 -6.43 7.56
N ILE C 280 -9.17 -7.17 8.34
CA ILE C 280 -9.72 -8.34 9.02
C ILE C 280 -9.33 -8.40 10.50
N SER C 281 -10.11 -9.17 11.27
CA SER C 281 -9.87 -9.37 12.70
C SER C 281 -9.70 -10.82 13.00
N PHE C 282 -8.76 -11.09 13.91
CA PHE C 282 -8.54 -12.44 14.40
C PHE C 282 -8.89 -12.46 15.89
N LYS C 283 -9.28 -13.64 16.38
CA LYS C 283 -9.60 -13.85 17.78
C LYS C 283 -8.40 -14.50 18.45
N SER C 284 -8.33 -14.39 19.77
CA SER C 284 -7.20 -14.93 20.52
C SER C 284 -7.27 -16.45 20.61
N LEU C 285 -6.14 -17.06 20.92
CA LEU C 285 -6.08 -18.51 21.08
C LEU C 285 -7.13 -18.93 22.10
N LYS C 286 -7.23 -18.21 23.22
CA LYS C 286 -8.19 -18.58 24.26
C LYS C 286 -9.61 -18.70 23.70
N GLN C 287 -10.05 -17.68 22.97
CA GLN C 287 -11.38 -17.66 22.40
C GLN C 287 -11.55 -18.75 21.35
N GLN C 288 -10.53 -18.95 20.52
CA GLN C 288 -10.59 -19.95 19.46
C GLN C 288 -10.52 -21.40 20.00
N LEU C 289 -9.90 -21.61 21.16
CA LEU C 289 -9.91 -22.95 21.75
C LEU C 289 -11.33 -23.42 21.95
N SER C 290 -12.21 -22.52 22.40
CA SER C 290 -13.60 -22.93 22.59
C SER C 290 -14.48 -22.65 21.38
N ASN C 291 -14.05 -21.77 20.49
CA ASN C 291 -14.81 -21.43 19.29
C ASN C 291 -14.00 -21.29 18.00
N PRO C 292 -13.40 -22.38 17.54
CA PRO C 292 -12.45 -22.28 16.43
C PRO C 292 -13.06 -21.97 15.08
N GLU C 293 -12.37 -21.18 14.26
CA GLU C 293 -12.69 -21.03 12.85
C GLU C 293 -11.72 -21.91 12.04
N PHE C 294 -12.27 -22.91 11.35
CA PHE C 294 -11.46 -23.91 10.68
C PHE C 294 -11.20 -23.58 9.22
N VAL C 295 -9.99 -23.80 8.76
CA VAL C 295 -9.73 -23.99 7.32
C VAL C 295 -9.36 -25.46 7.11
N PHE C 296 -9.97 -26.10 6.12
CA PHE C 296 -9.74 -27.53 5.95
C PHE C 296 -8.51 -27.83 5.11
N SER C 297 -7.83 -28.93 5.43
CA SER C 297 -6.62 -29.31 4.70
C SER C 297 -6.98 -30.34 3.64
N ASP C 298 -8.07 -31.05 3.88
CA ASP C 298 -8.54 -32.06 2.95
C ASP C 298 -10.03 -32.22 3.13
N PHE C 299 -10.80 -31.75 2.16
CA PHE C 299 -12.24 -31.75 2.31
C PHE C 299 -12.81 -33.17 2.45
N ALA C 300 -12.12 -34.19 1.91
CA ALA C 300 -12.55 -35.57 2.12
C ALA C 300 -12.49 -35.95 3.61
N LYS C 301 -11.87 -35.10 4.43
CA LYS C 301 -11.71 -35.40 5.85
C LYS C 301 -12.28 -34.30 6.73
N PHE C 302 -13.19 -33.46 6.23
CA PHE C 302 -13.61 -32.31 7.03
C PHE C 302 -14.18 -32.69 8.41
N ASP C 303 -14.83 -33.84 8.55
CA ASP C 303 -15.45 -34.23 9.81
C ASP C 303 -14.37 -34.45 10.87
N ARG C 304 -13.11 -34.51 10.44
CA ARG C 304 -12.02 -34.80 11.35
C ARG C 304 -11.45 -33.55 12.04
N ALA C 305 -11.63 -32.38 11.45
CA ALA C 305 -11.07 -31.18 12.02
C ALA C 305 -11.54 -30.99 13.47
N ALA C 306 -12.82 -31.14 13.71
CA ALA C 306 -13.35 -30.90 15.04
C ALA C 306 -12.88 -31.99 16.00
N GLN C 307 -12.73 -33.22 15.49
CA GLN C 307 -12.29 -34.32 16.35
C GLN C 307 -10.85 -34.04 16.85
N LEU C 308 -10.00 -33.63 15.91
CA LEU C 308 -8.58 -33.38 16.18
C LEU C 308 -8.35 -32.12 17.02
N HIS C 309 -9.20 -31.12 16.86
CA HIS C 309 -9.11 -29.92 17.67
C HIS C 309 -9.37 -30.27 19.16
N LEU C 310 -10.31 -31.18 19.42
CA LEU C 310 -10.48 -31.74 20.76
C LEU C 310 -9.27 -32.60 21.17
N GLY C 311 -8.80 -33.38 20.21
CA GLY C 311 -7.69 -34.29 20.44
C GLY C 311 -6.42 -33.61 20.87
N PHE C 312 -6.03 -32.55 20.17
CA PHE C 312 -4.78 -31.86 20.49
C PHE C 312 -4.90 -31.23 21.91
N GLN C 313 -6.07 -30.68 22.23
CA GLN C 313 -6.28 -30.18 23.60
C GLN C 313 -6.11 -31.30 24.64
N ALA C 314 -6.69 -32.45 24.35
CA ALA C 314 -6.58 -33.60 25.23
C ALA C 314 -5.10 -33.99 25.42
N LEU C 315 -4.28 -33.88 24.36
CA LEU C 315 -2.86 -34.20 24.51
C LEU C 315 -2.20 -33.34 25.59
N HIS C 316 -2.56 -32.07 25.61
CA HIS C 316 -2.06 -31.14 26.62
C HIS C 316 -2.58 -31.47 28.02
N GLN C 317 -3.88 -31.72 28.16
CA GLN C 317 -4.43 -32.16 29.45
C GLN C 317 -3.70 -33.41 29.93
N PHE C 318 -3.38 -34.32 29.00
CA PHE C 318 -2.66 -35.54 29.35
C PHE C 318 -1.29 -35.17 29.95
N ALA C 319 -0.62 -34.21 29.34
CA ALA C 319 0.71 -33.86 29.79
C ALA C 319 0.64 -33.16 31.14
N VAL C 320 -0.39 -32.32 31.35
CA VAL C 320 -0.58 -31.68 32.65
C VAL C 320 -0.74 -32.74 33.77
N ARG C 321 -1.49 -33.81 33.46
CA ARG C 321 -1.78 -34.88 34.41
C ARG C 321 -0.62 -35.84 34.59
N HIS C 322 0.38 -35.78 33.71
CA HIS C 322 1.45 -36.78 33.74
C HIS C 322 2.84 -36.17 33.67
N ASN C 323 3.03 -35.07 34.41
CA ASN C 323 4.36 -34.53 34.60
C ASN C 323 5.01 -34.11 33.30
N GLY C 324 4.20 -33.65 32.35
CA GLY C 324 4.73 -33.06 31.13
C GLY C 324 4.93 -34.06 30.01
N GLU C 325 4.74 -35.35 30.31
CA GLU C 325 4.96 -36.41 29.33
C GLU C 325 3.76 -36.53 28.40
N LEU C 326 4.03 -36.91 27.15
CA LEU C 326 2.99 -37.32 26.22
C LEU C 326 2.66 -38.79 26.44
N PRO C 327 1.53 -39.25 25.90
CA PRO C 327 1.26 -40.68 25.97
C PRO C 327 2.45 -41.47 25.42
N ARG C 328 2.64 -42.69 25.92
CA ARG C 328 3.72 -43.50 25.35
C ARG C 328 3.27 -44.24 24.09
N THR C 329 4.27 -44.50 23.25
CA THR C 329 4.10 -45.07 21.92
C THR C 329 3.33 -46.38 21.91
N MET C 330 2.30 -46.46 21.07
CA MET C 330 1.51 -47.68 20.94
C MET C 330 0.96 -48.21 22.28
N ASN C 331 0.75 -47.32 23.24
CA ASN C 331 0.29 -47.74 24.55
C ASN C 331 -1.22 -47.71 24.69
N ASP C 332 -1.80 -48.85 25.04
CA ASP C 332 -3.25 -48.97 25.12
C ASP C 332 -3.80 -48.18 26.30
N GLU C 333 -3.15 -48.32 27.46
CA GLU C 333 -3.57 -47.67 28.70
C GLU C 333 -3.75 -46.16 28.48
N ASP C 334 -2.72 -45.55 27.89
CA ASP C 334 -2.71 -44.11 27.68
C ASP C 334 -3.71 -43.69 26.60
N ALA C 335 -3.95 -44.57 25.63
CA ALA C 335 -4.87 -44.24 24.53
C ALA C 335 -6.31 -44.18 25.03
N ASN C 336 -6.66 -45.08 25.94
CA ASN C 336 -7.96 -45.04 26.57
C ASN C 336 -8.14 -43.79 27.41
N GLU C 337 -7.09 -43.40 28.12
CA GLU C 337 -7.16 -42.15 28.87
C GLU C 337 -7.41 -40.99 27.91
N LEU C 338 -6.74 -40.98 26.75
CA LEU C 338 -6.86 -39.83 25.85
C LEU C 338 -8.29 -39.77 25.31
N ILE C 339 -8.85 -40.94 25.05
CA ILE C 339 -10.22 -41.06 24.58
C ILE C 339 -11.20 -40.54 25.65
N LYS C 340 -11.02 -40.98 26.89
CA LYS C 340 -11.82 -40.50 27.99
C LYS C 340 -11.77 -38.97 28.02
N LEU C 341 -10.56 -38.42 27.98
CA LEU C 341 -10.34 -36.98 27.96
C LEU C 341 -11.09 -36.28 26.85
N VAL C 342 -11.09 -36.89 25.68
CA VAL C 342 -11.76 -36.24 24.56
C VAL C 342 -13.25 -36.33 24.78
N THR C 343 -13.68 -37.47 25.30
CA THR C 343 -15.09 -37.70 25.54
C THR C 343 -15.59 -36.68 26.56
N ASP C 344 -14.85 -36.51 27.64
CA ASP C 344 -15.20 -35.51 28.64
C ASP C 344 -15.40 -34.15 27.99
N LEU C 345 -14.48 -33.74 27.12
CA LEU C 345 -14.59 -32.46 26.43
C LEU C 345 -15.86 -32.33 25.60
N SER C 346 -16.30 -33.41 24.96
CA SER C 346 -17.46 -33.32 24.08
C SER C 346 -18.78 -33.33 24.85
N VAL C 347 -18.76 -33.91 26.05
CA VAL C 347 -19.93 -33.87 26.93
C VAL C 347 -20.11 -32.46 27.46
N GLN C 348 -19.00 -31.84 27.82
CA GLN C 348 -18.95 -30.48 28.34
C GLN C 348 -19.25 -29.46 27.27
N GLN C 349 -18.85 -29.75 26.04
CA GLN C 349 -19.04 -28.82 24.93
C GLN C 349 -19.70 -29.55 23.78
N PRO C 350 -21.01 -29.81 23.89
CA PRO C 350 -21.71 -30.63 22.90
C PRO C 350 -21.59 -30.04 21.51
N GLU C 351 -21.32 -28.75 21.47
CA GLU C 351 -21.35 -28.01 20.22
C GLU C 351 -20.10 -28.23 19.37
N VAL C 352 -19.08 -28.85 19.93
CA VAL C 352 -17.81 -28.94 19.21
C VAL C 352 -17.86 -29.99 18.11
N LEU C 353 -18.36 -31.17 18.45
CA LEU C 353 -18.60 -32.20 17.47
C LEU C 353 -20.01 -32.01 16.88
N GLY C 354 -20.88 -31.32 17.62
CA GLY C 354 -22.28 -31.18 17.25
C GLY C 354 -23.16 -32.10 18.07
N GLU C 355 -24.44 -31.74 18.23
CA GLU C 355 -25.35 -32.53 19.06
C GLU C 355 -25.52 -33.90 18.45
N GLY C 356 -25.32 -34.94 19.26
CA GLY C 356 -25.53 -36.31 18.82
C GLY C 356 -24.32 -36.98 18.17
N VAL C 357 -23.34 -36.17 17.77
CA VAL C 357 -22.13 -36.68 17.14
C VAL C 357 -21.13 -37.31 18.12
N ASP C 358 -20.77 -38.56 17.86
CA ASP C 358 -19.88 -39.35 18.73
C ASP C 358 -18.41 -39.05 18.48
N VAL C 359 -17.61 -39.24 19.52
CA VAL C 359 -16.16 -39.16 19.41
C VAL C 359 -15.64 -40.27 18.49
N ASN C 360 -14.82 -39.91 17.49
CA ASN C 360 -14.17 -40.89 16.64
C ASN C 360 -13.04 -41.55 17.42
N GLU C 361 -13.29 -42.70 18.05
CA GLU C 361 -12.30 -43.23 18.97
C GLU C 361 -11.06 -43.80 18.29
N ASP C 362 -11.24 -44.42 17.12
CA ASP C 362 -10.09 -44.96 16.39
C ASP C 362 -9.12 -43.83 16.08
N LEU C 363 -9.66 -42.69 15.69
CA LEU C 363 -8.85 -41.53 15.35
C LEU C 363 -8.08 -41.06 16.57
N ILE C 364 -8.79 -40.85 17.68
CA ILE C 364 -8.14 -40.38 18.91
C ILE C 364 -7.08 -41.39 19.35
N LYS C 365 -7.38 -42.68 19.18
CA LYS C 365 -6.44 -43.75 19.56
C LYS C 365 -5.11 -43.61 18.83
N GLU C 366 -5.15 -43.36 17.53
CA GLU C 366 -3.93 -43.27 16.75
C GLU C 366 -3.16 -42.01 17.11
N LEU C 367 -3.89 -40.93 17.38
CA LEU C 367 -3.25 -39.69 17.83
C LEU C 367 -2.42 -39.96 19.09
N SER C 368 -2.95 -40.81 19.98
CA SER C 368 -2.22 -41.18 21.19
C SER C 368 -1.02 -42.07 20.89
N TYR C 369 -1.26 -43.08 20.05
CA TYR C 369 -0.23 -44.04 19.66
C TYR C 369 0.94 -43.33 19.02
N GLN C 370 0.67 -42.26 18.28
CA GLN C 370 1.70 -41.61 17.49
C GLN C 370 2.17 -40.31 18.09
N ALA C 371 1.73 -40.00 19.31
CA ALA C 371 2.04 -38.67 19.88
C ALA C 371 3.52 -38.28 19.84
N ARG C 372 4.42 -39.25 20.06
CA ARG C 372 5.84 -38.92 20.15
C ARG C 372 6.52 -38.93 18.78
N GLY C 373 5.76 -39.28 17.74
CA GLY C 373 6.30 -39.41 16.40
C GLY C 373 6.76 -38.06 15.84
N ASP C 374 7.84 -38.12 15.08
CA ASP C 374 8.42 -36.92 14.48
C ASP C 374 8.75 -37.32 13.02
N ILE C 375 7.84 -36.95 12.11
CA ILE C 375 7.86 -37.48 10.75
C ILE C 375 8.24 -36.42 9.73
N PRO C 376 9.31 -36.69 8.96
CA PRO C 376 9.85 -35.65 8.07
C PRO C 376 8.82 -35.04 7.10
N GLY C 377 7.98 -35.83 6.46
CA GLY C 377 7.01 -35.28 5.51
C GLY C 377 6.00 -34.32 6.11
N VAL C 378 5.57 -34.61 7.35
CA VAL C 378 4.65 -33.76 8.10
C VAL C 378 5.34 -32.49 8.58
N VAL C 379 6.58 -32.63 9.02
CA VAL C 379 7.33 -31.48 9.49
C VAL C 379 7.60 -30.53 8.33
N ALA C 380 7.87 -31.09 7.16
CA ALA C 380 8.13 -30.30 5.95
C ALA C 380 6.90 -29.55 5.46
N PHE C 381 5.76 -30.24 5.50
CA PHE C 381 4.47 -29.64 5.16
C PHE C 381 4.16 -28.43 6.05
N PHE C 382 4.18 -28.62 7.38
CA PHE C 382 3.87 -27.49 8.27
C PHE C 382 4.99 -26.45 8.28
N GLY C 383 6.22 -26.90 8.11
CA GLY C 383 7.32 -25.97 8.02
C GLY C 383 7.14 -24.98 6.87
N GLY C 384 6.73 -25.45 5.71
CA GLY C 384 6.55 -24.57 4.57
C GLY C 384 5.32 -23.71 4.72
N LEU C 385 4.23 -24.31 5.17
CA LEU C 385 2.97 -23.59 5.38
C LEU C 385 3.12 -22.45 6.40
N VAL C 386 3.70 -22.76 7.56
CA VAL C 386 3.84 -21.77 8.64
C VAL C 386 4.84 -20.66 8.27
N ALA C 387 5.98 -21.01 7.67
CA ALA C 387 6.90 -20.00 7.13
C ALA C 387 6.16 -19.01 6.20
N GLN C 388 5.37 -19.53 5.26
CA GLN C 388 4.59 -18.67 4.40
C GLN C 388 3.64 -17.74 5.21
N GLU C 389 2.97 -18.27 6.25
CA GLU C 389 2.10 -17.41 7.07
C GLU C 389 2.91 -16.30 7.79
N VAL C 390 4.16 -16.60 8.16
CA VAL C 390 5.00 -15.60 8.76
C VAL C 390 5.25 -14.47 7.77
N LEU C 391 5.53 -14.83 6.52
CA LEU C 391 5.72 -13.81 5.50
C LEU C 391 4.40 -13.01 5.24
N LYS C 392 3.25 -13.67 5.26
CA LYS C 392 1.98 -12.92 5.17
C LYS C 392 1.84 -11.90 6.32
N ALA C 393 2.09 -12.37 7.54
CA ALA C 393 1.98 -11.53 8.73
C ALA C 393 2.89 -10.32 8.65
N CYS C 394 4.04 -10.48 8.01
CA CYS C 394 4.98 -9.37 7.90
C CYS C 394 4.60 -8.36 6.83
N SER C 395 3.78 -8.73 5.85
CA SER C 395 3.68 -7.95 4.63
C SER C 395 2.27 -7.53 4.21
N GLY C 396 1.25 -8.21 4.66
CA GLY C 396 -0.07 -8.00 4.08
C GLY C 396 -0.21 -8.58 2.67
N LYS C 397 0.80 -9.29 2.20
CA LYS C 397 0.71 -10.01 0.91
C LYS C 397 0.08 -11.42 1.05
N PHE C 398 -1.04 -11.65 0.39
CA PHE C 398 -1.75 -12.95 0.41
C PHE C 398 -2.76 -13.00 1.55
N THR C 399 -3.59 -14.04 1.55
CA THR C 399 -4.68 -14.14 2.50
C THR C 399 -4.29 -15.10 3.62
N PRO C 400 -4.24 -14.60 4.85
CA PRO C 400 -3.87 -15.44 5.99
C PRO C 400 -4.84 -16.60 6.23
N LEU C 401 -4.27 -17.70 6.68
CA LEU C 401 -5.04 -18.79 7.25
C LEU C 401 -5.82 -18.24 8.44
N LYS C 402 -7.10 -18.53 8.50
CA LYS C 402 -7.94 -17.94 9.50
C LYS C 402 -8.99 -18.93 10.07
N GLN C 403 -8.74 -19.59 11.21
CA GLN C 403 -7.45 -19.48 11.94
C GLN C 403 -6.81 -20.79 12.43
N PHE C 404 -7.56 -21.89 12.45
CA PHE C 404 -7.03 -23.20 12.82
C PHE C 404 -7.07 -24.11 11.61
N MET C 405 -5.98 -24.86 11.37
CA MET C 405 -5.97 -25.93 10.36
C MET C 405 -5.36 -27.21 10.93
N TYR C 406 -6.12 -28.30 10.80
CA TYR C 406 -5.68 -29.64 11.18
C TYR C 406 -5.38 -30.52 9.96
N PHE C 407 -4.50 -31.50 10.16
CA PHE C 407 -4.01 -32.34 9.08
C PHE C 407 -3.62 -33.73 9.58
N ASP C 408 -3.95 -34.75 8.81
CA ASP C 408 -3.36 -36.07 9.00
C ASP C 408 -3.04 -36.75 7.67
N SER C 409 -2.12 -37.71 7.75
CA SER C 409 -1.79 -38.55 6.61
C SER C 409 -1.86 -40.03 7.05
N LEU C 410 -2.99 -40.42 7.63
CA LEU C 410 -3.07 -41.77 8.15
C LEU C 410 -2.94 -42.83 7.04
N GLU C 411 -3.27 -42.50 5.79
CA GLU C 411 -3.14 -43.48 4.72
C GLU C 411 -1.67 -43.90 4.54
N SER C 412 -0.71 -43.11 5.02
CA SER C 412 0.71 -43.47 4.95
C SER C 412 1.04 -44.71 5.80
N LEU C 413 0.17 -45.09 6.73
CA LEU C 413 0.47 -46.24 7.57
C LEU C 413 0.50 -47.50 6.74
N PRO C 414 1.52 -48.34 6.93
CA PRO C 414 1.60 -49.64 6.24
C PRO C 414 0.53 -50.60 6.71
N ASP C 415 0.21 -51.59 5.89
CA ASP C 415 -0.72 -52.64 6.26
C ASP C 415 -0.10 -53.44 7.42
N PRO C 416 -0.85 -53.56 8.54
CA PRO C 416 -0.31 -54.21 9.75
C PRO C 416 0.00 -55.70 9.54
N LYS C 417 -0.59 -56.30 8.53
CA LYS C 417 -0.24 -57.67 8.18
C LYS C 417 1.25 -57.75 7.79
N ASN C 418 1.75 -56.75 7.10
CA ASN C 418 3.13 -56.79 6.64
C ASN C 418 4.10 -56.25 7.65
N PHE C 419 3.69 -55.16 8.32
CA PHE C 419 4.55 -54.46 9.27
C PHE C 419 3.79 -54.16 10.55
N PRO C 420 3.68 -55.20 11.40
CA PRO C 420 2.87 -55.06 12.61
C PRO C 420 3.38 -53.96 13.52
N ARG C 421 2.47 -53.23 14.15
CA ARG C 421 2.79 -52.14 15.05
C ARG C 421 2.34 -52.50 16.47
N ASN C 422 3.21 -52.30 17.45
CA ASN C 422 2.93 -52.62 18.85
C ASN C 422 4.10 -52.12 19.70
N GLU C 423 3.99 -52.25 21.01
CA GLU C 423 4.99 -51.68 21.87
C GLU C 423 6.38 -52.28 21.60
N LYS C 424 6.46 -53.57 21.30
CA LYS C 424 7.77 -54.19 21.03
C LYS C 424 8.40 -53.65 19.74
N THR C 425 7.63 -53.68 18.67
CA THR C 425 8.12 -53.43 17.33
C THR C 425 8.46 -51.97 17.13
N THR C 426 7.94 -51.14 18.02
CA THR C 426 7.92 -49.74 17.76
C THR C 426 8.79 -48.97 18.75
N GLN C 427 9.37 -49.71 19.68
CA GLN C 427 10.15 -49.14 20.77
C GLN C 427 11.44 -48.54 20.24
N PRO C 428 12.05 -47.62 21.01
CA PRO C 428 13.32 -46.99 20.63
C PRO C 428 14.54 -47.92 20.64
N VAL C 429 15.53 -47.62 19.80
CA VAL C 429 16.69 -48.50 19.62
C VAL C 429 18.01 -47.73 19.79
N ASN C 430 17.91 -46.56 20.40
CA ASN C 430 19.03 -45.64 20.51
C ASN C 430 19.56 -45.26 19.14
N SER C 431 18.69 -44.66 18.36
CA SER C 431 19.03 -44.32 17.01
C SER C 431 18.41 -42.96 16.68
N ARG C 432 19.04 -42.26 15.76
CA ARG C 432 18.55 -41.00 15.26
C ARG C 432 17.12 -41.16 14.70
N TYR C 433 16.81 -42.34 14.15
CA TYR C 433 15.46 -42.70 13.64
C TYR C 433 14.39 -43.17 14.66
N ASP C 434 14.66 -43.05 15.94
CA ASP C 434 13.73 -43.58 16.95
C ASP C 434 12.30 -43.06 16.82
N ASN C 435 12.13 -41.77 16.60
CA ASN C 435 10.78 -41.23 16.52
C ASN C 435 10.10 -41.39 15.16
N GLN C 436 10.78 -42.03 14.22
CA GLN C 436 10.09 -42.53 13.00
C GLN C 436 9.68 -43.97 13.24
N ILE C 437 10.58 -44.74 13.85
CA ILE C 437 10.23 -46.09 14.30
C ILE C 437 9.01 -46.06 15.25
N ALA C 438 8.89 -45.02 16.07
CA ALA C 438 7.72 -44.87 16.92
C ALA C 438 6.38 -45.00 16.15
N VAL C 439 6.33 -44.55 14.90
CA VAL C 439 5.12 -44.68 14.11
C VAL C 439 5.13 -45.96 13.28
N PHE C 440 6.24 -46.25 12.59
CA PHE C 440 6.22 -47.31 11.56
C PHE C 440 6.72 -48.71 11.97
N GLY C 441 7.55 -48.80 13.00
CA GLY C 441 8.16 -50.06 13.37
C GLY C 441 9.57 -50.15 12.80
N LEU C 442 10.41 -50.95 13.45
CA LEU C 442 11.80 -51.07 13.03
C LEU C 442 11.94 -51.66 11.61
N ASP C 443 11.18 -52.72 11.33
CA ASP C 443 11.25 -53.39 10.04
C ASP C 443 10.91 -52.46 8.86
N PHE C 444 9.83 -51.69 8.98
CA PHE C 444 9.50 -50.76 7.90
C PHE C 444 10.62 -49.76 7.66
N GLN C 445 11.16 -49.21 8.75
CA GLN C 445 12.31 -48.32 8.68
C GLN C 445 13.52 -48.96 7.99
N LYS C 446 13.72 -50.25 8.19
CA LYS C 446 14.79 -50.95 7.51
C LYS C 446 14.52 -51.07 6.02
N LYS C 447 13.26 -51.25 5.63
CA LYS C 447 12.97 -51.38 4.21
C LYS C 447 13.19 -50.04 3.53
N ILE C 448 12.88 -48.95 4.24
CA ILE C 448 13.23 -47.62 3.77
C ILE C 448 14.73 -47.46 3.55
N ALA C 449 15.54 -48.04 4.45
CA ALA C 449 16.99 -47.93 4.31
C ALA C 449 17.47 -48.69 3.11
N ASN C 450 16.82 -49.78 2.78
CA ASN C 450 17.30 -50.65 1.72
C ASN C 450 16.68 -50.37 0.36
N SER C 451 16.10 -49.19 0.20
CA SER C 451 15.47 -48.81 -1.04
C SER C 451 16.52 -48.36 -2.03
N LYS C 452 16.27 -48.60 -3.32
CA LYS C 452 17.11 -48.05 -4.38
C LYS C 452 16.28 -47.07 -5.20
N VAL C 453 16.73 -45.82 -5.26
CA VAL C 453 15.94 -44.75 -5.85
C VAL C 453 16.72 -43.87 -6.82
N PHE C 454 16.01 -43.41 -7.84
CA PHE C 454 16.54 -42.47 -8.81
C PHE C 454 15.84 -41.13 -8.64
N LEU C 455 16.62 -40.09 -8.44
CA LEU C 455 16.14 -38.70 -8.32
C LEU C 455 16.62 -37.90 -9.52
N VAL C 456 15.68 -37.32 -10.24
CA VAL C 456 15.99 -36.65 -11.50
C VAL C 456 15.83 -35.15 -11.33
N GLY C 457 16.96 -34.48 -11.18
CA GLY C 457 16.96 -33.07 -10.80
C GLY C 457 17.47 -32.84 -9.38
N SER C 458 18.26 -31.79 -9.22
CA SER C 458 18.89 -31.50 -7.95
C SER C 458 18.84 -29.98 -7.69
N GLY C 459 17.76 -29.35 -8.17
CA GLY C 459 17.50 -27.94 -7.96
C GLY C 459 16.70 -27.76 -6.68
N ALA C 460 15.65 -26.94 -6.71
CA ALA C 460 14.93 -26.62 -5.49
C ALA C 460 14.25 -27.83 -4.85
N ILE C 461 13.43 -28.55 -5.64
CA ILE C 461 12.72 -29.70 -5.14
C ILE C 461 13.75 -30.76 -4.81
N GLY C 462 14.78 -30.85 -5.65
CA GLY C 462 15.84 -31.83 -5.47
C GLY C 462 16.52 -31.69 -4.12
N CYS C 463 16.77 -30.46 -3.70
CA CYS C 463 17.49 -30.22 -2.43
C CYS C 463 16.64 -30.59 -1.24
N GLU C 464 15.38 -30.20 -1.28
CA GLU C 464 14.44 -30.56 -0.23
C GLU C 464 14.25 -32.04 -0.21
N MET C 465 14.17 -32.64 -1.38
CA MET C 465 14.00 -34.09 -1.50
C MET C 465 15.17 -34.84 -0.86
N LEU C 466 16.39 -34.43 -1.18
CA LEU C 466 17.55 -35.09 -0.61
C LEU C 466 17.59 -34.91 0.89
N LYS C 467 17.16 -33.74 1.38
CA LYS C 467 17.14 -33.49 2.82
C LYS C 467 16.17 -34.46 3.52
N ASN C 468 14.94 -34.59 3.02
CA ASN C 468 13.99 -35.56 3.57
C ASN C 468 14.52 -36.99 3.54
N TRP C 469 15.19 -37.35 2.45
CA TRP C 469 15.70 -38.71 2.34
C TRP C 469 16.87 -38.93 3.31
N ALA C 470 17.71 -37.92 3.51
CA ALA C 470 18.76 -38.00 4.52
C ALA C 470 18.16 -38.24 5.92
N LEU C 471 17.10 -37.49 6.23
CA LEU C 471 16.35 -37.65 7.49
C LEU C 471 15.64 -39.00 7.62
N LEU C 472 15.22 -39.59 6.50
CA LEU C 472 14.55 -40.90 6.54
C LEU C 472 15.54 -42.04 6.64
N GLY C 473 16.80 -41.80 6.28
CA GLY C 473 17.74 -42.92 6.16
C GLY C 473 17.59 -43.66 4.82
N LEU C 474 16.82 -43.07 3.90
CA LEU C 474 16.57 -43.70 2.62
C LEU C 474 17.87 -44.02 1.84
N GLY C 475 18.02 -45.28 1.45
CA GLY C 475 19.21 -45.70 0.71
C GLY C 475 20.45 -45.94 1.56
N SER C 476 20.34 -45.77 2.88
CA SER C 476 21.50 -45.97 3.77
C SER C 476 21.81 -47.44 4.14
N GLY C 477 20.94 -48.37 3.78
CA GLY C 477 21.11 -49.78 4.11
C GLY C 477 22.01 -50.52 3.13
N SER C 478 22.52 -51.70 3.49
CA SER C 478 23.51 -52.35 2.64
C SER C 478 22.96 -52.71 1.27
N ASP C 479 21.64 -52.80 1.16
CA ASP C 479 21.00 -53.04 -0.12
C ASP C 479 20.40 -51.79 -0.77
N GLY C 480 20.57 -50.63 -0.16
CA GLY C 480 19.98 -49.41 -0.68
C GLY C 480 21.01 -48.53 -1.34
N TYR C 481 20.55 -47.53 -2.09
CA TYR C 481 21.40 -46.46 -2.58
C TYR C 481 20.56 -45.36 -3.20
N ILE C 482 21.15 -44.19 -3.37
CA ILE C 482 20.48 -43.10 -4.04
C ILE C 482 21.28 -42.71 -5.27
N VAL C 483 20.60 -42.52 -6.40
CA VAL C 483 21.22 -41.93 -7.57
C VAL C 483 20.53 -40.61 -7.90
N VAL C 484 21.32 -39.54 -7.99
CA VAL C 484 20.79 -38.22 -8.31
C VAL C 484 21.59 -37.65 -9.47
N THR C 485 20.89 -37.06 -10.43
CA THR C 485 21.52 -36.56 -11.62
C THR C 485 20.96 -35.21 -11.97
N ASP C 486 21.84 -34.29 -12.37
CA ASP C 486 21.45 -32.97 -12.83
C ASP C 486 22.61 -32.49 -13.68
N ASN C 487 22.33 -31.95 -14.86
CA ASN C 487 23.41 -31.47 -15.70
C ASN C 487 23.77 -30.01 -15.44
N ASP C 488 23.07 -29.34 -14.53
CA ASP C 488 23.26 -27.89 -14.40
C ASP C 488 24.17 -27.51 -13.21
N SER C 489 24.81 -26.35 -13.31
CA SER C 489 25.63 -25.83 -12.24
C SER C 489 24.89 -24.77 -11.41
N ILE C 490 25.48 -24.47 -10.25
CA ILE C 490 24.86 -23.58 -9.25
C ILE C 490 25.05 -22.11 -9.62
N GLU C 491 23.94 -21.38 -9.73
CA GLU C 491 23.95 -19.94 -10.01
C GLU C 491 23.49 -19.15 -8.77
N LYS C 492 23.75 -17.84 -8.74
CA LYS C 492 23.49 -17.08 -7.53
C LYS C 492 22.01 -17.07 -7.12
N SER C 493 21.09 -16.91 -8.07
CA SER C 493 19.65 -16.85 -7.72
C SER C 493 19.14 -18.17 -7.12
N ASN C 494 19.86 -19.26 -7.39
CA ASN C 494 19.48 -20.56 -6.85
C ASN C 494 19.51 -20.57 -5.32
N LEU C 495 20.41 -19.79 -4.72
CA LEU C 495 20.68 -19.90 -3.29
C LEU C 495 19.47 -19.55 -2.46
N ASN C 496 18.58 -18.76 -3.02
CA ASN C 496 17.43 -18.28 -2.28
C ASN C 496 16.44 -19.40 -1.92
N ARG C 497 16.46 -20.52 -2.66
CA ARG C 497 15.50 -21.61 -2.41
C ARG C 497 16.08 -23.00 -2.52
N GLN C 498 17.40 -23.11 -2.64
CA GLN C 498 18.09 -24.39 -2.78
C GLN C 498 19.12 -24.42 -1.65
N PHE C 499 18.67 -24.83 -0.48
CA PHE C 499 19.36 -24.48 0.77
C PHE C 499 20.63 -25.29 1.08
N LEU C 500 20.92 -26.29 0.24
CA LEU C 500 22.17 -27.04 0.40
C LEU C 500 23.36 -26.29 -0.23
N PHE C 501 23.11 -25.20 -0.96
CA PHE C 501 24.20 -24.51 -1.64
C PHE C 501 24.61 -23.22 -0.92
N ARG C 502 25.90 -22.88 -1.00
CA ARG C 502 26.45 -21.68 -0.38
C ARG C 502 27.13 -20.83 -1.43
N PRO C 503 27.23 -19.52 -1.19
CA PRO C 503 27.93 -18.60 -2.10
C PRO C 503 29.27 -19.15 -2.65
N LYS C 504 30.11 -19.79 -1.82
CA LYS C 504 31.34 -20.43 -2.29
C LYS C 504 31.07 -21.57 -3.30
N ASP C 505 29.83 -22.10 -3.33
CA ASP C 505 29.52 -23.25 -4.21
C ASP C 505 29.15 -22.84 -5.63
N VAL C 506 28.87 -21.56 -5.81
CA VAL C 506 28.45 -21.05 -7.11
C VAL C 506 29.46 -21.45 -8.19
N GLY C 507 28.96 -22.07 -9.25
CA GLY C 507 29.82 -22.55 -10.32
C GLY C 507 30.00 -24.05 -10.33
N LYS C 508 29.84 -24.69 -9.17
CA LYS C 508 29.97 -26.14 -9.06
C LYS C 508 28.70 -26.85 -9.51
N ASN C 509 28.76 -28.18 -9.59
CA ASN C 509 27.61 -28.96 -10.02
C ASN C 509 26.62 -29.21 -8.88
N LYS C 510 25.36 -28.86 -9.13
CA LYS C 510 24.30 -29.05 -8.13
C LYS C 510 24.29 -30.47 -7.53
N SER C 511 24.32 -31.51 -8.36
CA SER C 511 24.10 -32.85 -7.82
C SER C 511 25.24 -33.23 -6.88
N GLU C 512 26.46 -32.94 -7.30
CA GLU C 512 27.63 -33.28 -6.52
C GLU C 512 27.64 -32.52 -5.19
N VAL C 513 27.34 -31.22 -5.20
CA VAL C 513 27.39 -30.42 -3.96
C VAL C 513 26.25 -30.82 -3.01
N ALA C 514 25.06 -31.05 -3.57
CA ALA C 514 23.92 -31.51 -2.80
C ALA C 514 24.24 -32.80 -2.07
N ALA C 515 24.85 -33.75 -2.76
CA ALA C 515 25.07 -35.05 -2.15
C ALA C 515 26.08 -34.95 -0.98
N GLU C 516 27.08 -34.09 -1.14
CA GLU C 516 28.00 -33.85 -0.05
C GLU C 516 27.25 -33.21 1.14
N ALA C 517 26.41 -32.22 0.85
CA ALA C 517 25.70 -31.51 1.89
C ALA C 517 24.84 -32.43 2.74
N VAL C 518 24.16 -33.40 2.14
CA VAL C 518 23.26 -34.23 2.95
C VAL C 518 24.03 -35.31 3.68
N CYS C 519 25.23 -35.65 3.21
CA CYS C 519 26.09 -36.59 3.94
C CYS C 519 26.61 -36.00 5.24
N ALA C 520 26.82 -34.68 5.23
CA ALA C 520 27.17 -33.94 6.42
C ALA C 520 26.01 -33.98 7.43
N MET C 521 24.78 -33.81 6.93
CA MET C 521 23.57 -33.92 7.76
C MET C 521 23.37 -35.30 8.37
N ASN C 522 23.65 -36.35 7.60
CA ASN C 522 23.48 -37.71 8.07
C ASN C 522 24.56 -38.62 7.50
N PRO C 523 25.65 -38.80 8.27
CA PRO C 523 26.74 -39.66 7.80
C PRO C 523 26.36 -41.12 7.46
N ASP C 524 25.16 -41.60 7.78
CA ASP C 524 24.79 -42.95 7.35
C ASP C 524 24.76 -43.01 5.81
N LEU C 525 24.67 -41.88 5.14
CA LEU C 525 24.62 -41.89 3.69
C LEU C 525 26.01 -41.82 3.04
N LYS C 526 27.06 -41.63 3.84
CA LYS C 526 28.38 -41.57 3.29
C LYS C 526 28.55 -42.81 2.39
N GLY C 527 29.00 -42.58 1.15
CA GLY C 527 29.23 -43.64 0.19
C GLY C 527 28.01 -44.24 -0.50
N LYS C 528 26.82 -43.72 -0.21
CA LYS C 528 25.56 -44.33 -0.66
C LYS C 528 24.86 -43.50 -1.72
N ILE C 529 25.37 -42.31 -1.99
CA ILE C 529 24.79 -41.44 -3.00
C ILE C 529 25.69 -41.30 -4.24
N ASN C 530 25.15 -41.64 -5.38
CA ASN C 530 25.89 -41.55 -6.61
C ASN C 530 25.43 -40.27 -7.28
N ALA C 531 26.26 -39.23 -7.28
CA ALA C 531 25.90 -37.99 -7.96
C ALA C 531 26.36 -37.99 -9.40
N LYS C 532 25.41 -37.93 -10.33
CA LYS C 532 25.74 -37.90 -11.74
C LYS C 532 25.40 -36.52 -12.33
N ILE C 533 25.97 -36.26 -13.49
CA ILE C 533 26.03 -34.96 -14.13
C ILE C 533 25.29 -34.96 -15.48
N ASP C 534 24.51 -36.01 -15.73
CA ASP C 534 23.86 -36.20 -17.03
C ASP C 534 22.45 -35.62 -17.14
N LYS C 535 22.10 -35.18 -18.34
CA LYS C 535 20.73 -34.83 -18.67
C LYS C 535 19.98 -36.12 -18.94
N VAL C 536 18.72 -36.22 -18.48
CA VAL C 536 17.91 -37.41 -18.73
C VAL C 536 17.02 -37.20 -19.95
N GLY C 537 17.10 -38.13 -20.90
CA GLY C 537 16.37 -38.02 -22.17
C GLY C 537 16.89 -39.06 -23.15
N PRO C 538 16.44 -39.00 -24.42
CA PRO C 538 16.79 -40.03 -25.42
C PRO C 538 18.29 -40.12 -25.72
N GLU C 539 19.01 -39.01 -25.60
CA GLU C 539 20.43 -38.98 -25.90
C GLU C 539 21.33 -39.60 -24.80
N THR C 540 20.76 -40.05 -23.68
CA THR C 540 21.59 -40.65 -22.63
C THR C 540 21.21 -42.09 -22.24
N GLU C 541 20.50 -42.80 -23.11
CA GLU C 541 20.08 -44.15 -22.81
C GLU C 541 21.22 -45.17 -22.72
N GLU C 542 22.36 -44.90 -23.35
CA GLU C 542 23.53 -45.76 -23.19
C GLU C 542 24.09 -45.68 -21.76
N ILE C 543 23.77 -44.60 -21.05
CA ILE C 543 24.17 -44.43 -19.65
C ILE C 543 23.14 -45.02 -18.71
N PHE C 544 21.92 -44.49 -18.80
CA PHE C 544 20.79 -44.99 -18.01
C PHE C 544 20.08 -46.12 -18.77
N ASN C 545 20.72 -47.28 -18.77
CA ASN C 545 20.31 -48.41 -19.58
C ASN C 545 19.35 -49.38 -18.89
N ASP C 546 19.11 -50.51 -19.53
CA ASP C 546 18.21 -51.50 -18.99
C ASP C 546 18.63 -51.90 -17.58
N SER C 547 19.89 -52.23 -17.41
CA SER C 547 20.35 -52.70 -16.12
C SER C 547 20.18 -51.64 -15.02
N PHE C 548 20.33 -50.37 -15.39
CA PHE C 548 20.19 -49.29 -14.42
C PHE C 548 18.75 -49.11 -13.93
N TRP C 549 17.81 -49.04 -14.86
CA TRP C 549 16.41 -48.82 -14.51
C TRP C 549 15.80 -50.01 -13.75
N GLU C 550 16.10 -51.22 -14.22
CA GLU C 550 15.48 -52.43 -13.68
C GLU C 550 15.86 -52.72 -12.22
N SER C 551 17.01 -52.20 -11.81
CA SER C 551 17.54 -52.38 -10.47
C SER C 551 16.85 -51.46 -9.41
N LEU C 552 16.12 -50.45 -9.86
CA LEU C 552 15.49 -49.47 -8.97
C LEU C 552 14.20 -49.97 -8.31
N ASP C 553 13.92 -49.42 -7.14
CA ASP C 553 12.65 -49.66 -6.50
C ASP C 553 11.67 -48.61 -7.01
N PHE C 554 12.11 -47.36 -7.16
CA PHE C 554 11.25 -46.33 -7.73
C PHE C 554 11.98 -45.07 -8.16
N VAL C 555 11.23 -44.13 -8.74
CA VAL C 555 11.80 -42.94 -9.33
C VAL C 555 11.08 -41.70 -8.80
N THR C 556 11.85 -40.64 -8.62
CA THR C 556 11.32 -39.36 -8.15
C THR C 556 11.79 -38.24 -9.08
N ASN C 557 10.83 -37.50 -9.64
CA ASN C 557 11.09 -36.31 -10.42
C ASN C 557 11.32 -35.08 -9.54
N ALA C 558 12.21 -34.19 -9.98
CA ALA C 558 12.37 -32.89 -9.35
C ALA C 558 12.78 -31.91 -10.46
N LEU C 559 11.90 -31.80 -11.45
CA LEU C 559 12.21 -31.13 -12.69
C LEU C 559 11.48 -29.80 -12.89
N ASP C 560 11.84 -29.09 -13.96
CA ASP C 560 11.27 -27.78 -14.23
C ASP C 560 10.87 -27.65 -15.70
N ASN C 561 10.61 -28.76 -16.37
CA ASN C 561 10.04 -28.68 -17.71
C ASN C 561 9.19 -29.92 -18.03
N VAL C 562 8.22 -29.71 -18.91
CA VAL C 562 7.28 -30.75 -19.21
C VAL C 562 7.94 -31.88 -20.03
N ASP C 563 8.92 -31.54 -20.87
CA ASP C 563 9.57 -32.57 -21.69
C ASP C 563 10.30 -33.64 -20.87
N ALA C 564 11.03 -33.23 -19.84
CA ALA C 564 11.73 -34.19 -19.00
C ALA C 564 10.76 -35.09 -18.23
N ARG C 565 9.69 -34.50 -17.70
CA ARG C 565 8.64 -35.25 -17.02
C ARG C 565 8.02 -36.34 -17.91
N THR C 566 7.67 -35.98 -19.14
CA THR C 566 7.12 -36.92 -20.07
C THR C 566 8.11 -38.04 -20.36
N TYR C 567 9.38 -37.70 -20.52
CA TYR C 567 10.39 -38.70 -20.84
C TYR C 567 10.53 -39.71 -19.69
N VAL C 568 10.70 -39.22 -18.47
CA VAL C 568 10.83 -40.12 -17.30
C VAL C 568 9.56 -41.00 -17.20
N ASP C 569 8.39 -40.37 -17.33
CA ASP C 569 7.11 -41.08 -17.24
C ASP C 569 7.08 -42.24 -18.23
N ARG C 570 7.56 -41.99 -19.45
CA ARG C 570 7.61 -43.04 -20.48
C ARG C 570 8.58 -44.16 -20.14
N ARG C 571 9.73 -43.84 -19.54
CA ARG C 571 10.68 -44.88 -19.14
C ARG C 571 10.11 -45.71 -17.97
N CYS C 572 9.45 -44.99 -17.03
CA CYS C 572 8.84 -45.65 -15.88
C CYS C 572 7.75 -46.61 -16.30
N VAL C 573 6.92 -46.22 -17.25
CA VAL C 573 5.90 -47.13 -17.78
C VAL C 573 6.57 -48.33 -18.39
N PHE C 574 7.60 -48.09 -19.19
CA PHE C 574 8.28 -49.19 -19.88
C PHE C 574 8.96 -50.14 -18.90
N TYR C 575 9.55 -49.62 -17.84
CA TYR C 575 10.32 -50.49 -16.95
C TYR C 575 9.49 -50.93 -15.75
N ARG C 576 8.25 -50.44 -15.69
CA ARG C 576 7.28 -50.70 -14.63
C ARG C 576 7.80 -50.31 -13.25
N LYS C 577 8.15 -49.04 -13.11
CA LYS C 577 8.57 -48.51 -11.84
C LYS C 577 7.61 -47.39 -11.37
N PRO C 578 7.36 -47.31 -10.06
CA PRO C 578 6.55 -46.18 -9.59
C PRO C 578 7.25 -44.87 -9.88
N LEU C 579 6.48 -43.79 -10.06
CA LEU C 579 7.01 -42.46 -10.26
C LEU C 579 6.28 -41.52 -9.33
N LEU C 580 7.05 -40.74 -8.58
CA LEU C 580 6.53 -39.68 -7.72
C LEU C 580 6.85 -38.35 -8.39
N GLU C 581 5.81 -37.61 -8.75
CA GLU C 581 5.92 -36.38 -9.52
C GLU C 581 5.46 -35.14 -8.69
N SER C 582 6.08 -33.99 -8.92
CA SER C 582 5.66 -32.77 -8.25
C SER C 582 6.02 -31.51 -9.06
N GLY C 583 5.39 -30.39 -8.71
CA GLY C 583 5.64 -29.16 -9.41
C GLY C 583 5.28 -27.94 -8.58
N THR C 584 5.96 -26.82 -8.81
CA THR C 584 5.55 -25.53 -8.25
C THR C 584 5.51 -24.42 -9.29
N LEU C 585 4.78 -23.37 -8.92
CA LEU C 585 4.80 -22.08 -9.61
C LEU C 585 4.40 -21.02 -8.58
N GLY C 586 5.36 -20.26 -8.07
CA GLY C 586 5.08 -19.36 -6.96
C GLY C 586 4.51 -20.05 -5.72
N THR C 587 3.32 -19.64 -5.27
CA THR C 587 2.69 -20.24 -4.13
C THR C 587 1.88 -21.47 -4.52
N LYS C 588 1.78 -21.76 -5.82
CA LYS C 588 1.00 -22.92 -6.29
C LYS C 588 1.90 -24.14 -6.44
N GLY C 589 1.35 -25.32 -6.17
CA GLY C 589 2.12 -26.56 -6.31
C GLY C 589 1.19 -27.75 -6.51
N ASN C 590 1.75 -28.89 -6.93
CA ASN C 590 0.94 -30.09 -7.10
C ASN C 590 1.78 -31.33 -6.89
N THR C 591 1.14 -32.46 -6.59
CA THR C 591 1.86 -33.75 -6.53
C THR C 591 1.06 -34.80 -7.26
N GLN C 592 1.75 -35.75 -7.88
CA GLN C 592 1.07 -36.85 -8.57
C GLN C 592 1.79 -38.19 -8.34
N VAL C 593 1.01 -39.24 -8.15
CA VAL C 593 1.55 -40.59 -7.97
C VAL C 593 1.25 -41.45 -9.20
N ILE C 594 2.19 -42.29 -9.58
CA ILE C 594 2.02 -43.14 -10.77
C ILE C 594 2.47 -44.54 -10.40
N ILE C 595 1.51 -45.45 -10.35
CA ILE C 595 1.74 -46.78 -9.79
C ILE C 595 1.51 -47.86 -10.87
N PRO C 596 2.56 -48.66 -11.15
CA PRO C 596 2.46 -49.72 -12.14
C PRO C 596 1.25 -50.61 -11.91
N ARG C 597 0.60 -50.98 -13.00
CA ARG C 597 -0.61 -51.82 -12.98
C ARG C 597 -1.80 -51.26 -12.16
N LEU C 598 -1.78 -49.99 -11.83
CA LEU C 598 -2.84 -49.38 -11.01
C LEU C 598 -3.40 -48.06 -11.56
N THR C 599 -2.55 -47.08 -11.87
CA THR C 599 -3.00 -45.73 -12.23
C THR C 599 -2.68 -45.28 -13.66
N GLU C 600 -3.33 -44.20 -14.09
CA GLU C 600 -2.89 -43.38 -15.22
C GLU C 600 -1.44 -43.01 -14.96
N SER C 601 -0.72 -42.68 -16.01
CA SER C 601 0.63 -42.14 -15.86
C SER C 601 0.59 -40.64 -16.15
N TYR C 602 1.72 -39.97 -15.95
CA TYR C 602 1.79 -38.54 -16.17
C TYR C 602 1.25 -38.15 -17.57
N SER C 603 1.71 -38.86 -18.60
CA SER C 603 1.36 -38.57 -19.99
C SER C 603 -0.12 -38.82 -20.34
N SER C 604 -0.82 -39.58 -19.51
CA SER C 604 -2.23 -39.87 -19.77
C SER C 604 -3.12 -38.63 -19.85
N SER C 605 -2.64 -37.49 -19.36
CA SER C 605 -3.48 -36.31 -19.32
C SER C 605 -2.73 -35.07 -19.83
N ARG C 606 -3.49 -34.07 -20.29
CA ARG C 606 -2.92 -32.90 -20.96
C ARG C 606 -3.03 -31.65 -20.10
N ASP C 607 -1.98 -30.85 -20.14
CA ASP C 607 -1.98 -29.55 -19.51
C ASP C 607 -2.24 -28.47 -20.57
N PRO C 608 -2.81 -27.32 -20.16
CA PRO C 608 -2.99 -26.21 -21.10
C PRO C 608 -1.65 -25.75 -21.68
N PRO C 609 -1.60 -25.54 -23.00
CA PRO C 609 -0.34 -25.26 -23.72
C PRO C 609 -0.01 -23.76 -23.80
N GLU C 610 1.23 -23.46 -24.15
CA GLU C 610 1.72 -22.08 -24.22
C GLU C 610 0.94 -21.28 -25.27
N LYS C 611 0.56 -20.06 -24.92
CA LYS C 611 -0.07 -19.14 -25.87
C LYS C 611 0.90 -18.81 -26.98
N SER C 612 0.37 -18.46 -28.15
CA SER C 612 1.22 -18.09 -29.28
C SER C 612 0.77 -16.75 -29.89
N ILE C 613 1.71 -15.82 -30.05
CA ILE C 613 1.38 -14.52 -30.63
C ILE C 613 1.44 -14.54 -32.16
N PRO C 614 0.34 -14.19 -32.82
CA PRO C 614 0.35 -14.12 -34.29
C PRO C 614 1.46 -13.21 -34.84
N LEU C 615 2.14 -13.68 -35.88
CA LEU C 615 3.30 -12.99 -36.44
C LEU C 615 3.02 -11.56 -36.86
N CYS C 616 1.84 -11.35 -37.44
CA CYS C 616 1.44 -10.03 -37.91
C CYS C 616 1.41 -9.05 -36.74
N THR C 617 0.98 -9.53 -35.57
CA THR C 617 0.87 -8.67 -34.42
C THR C 617 2.27 -8.27 -33.97
N LEU C 618 3.21 -9.21 -34.01
CA LEU C 618 4.58 -8.91 -33.58
C LEU C 618 5.26 -7.95 -34.53
N ARG C 619 5.07 -8.21 -35.82
CA ARG C 619 5.80 -7.51 -36.87
C ARG C 619 5.26 -6.08 -37.09
N SER C 620 3.94 -5.88 -36.98
CA SER C 620 3.35 -4.60 -37.39
C SER C 620 2.35 -3.94 -36.44
N PHE C 621 1.67 -4.72 -35.59
CA PHE C 621 0.55 -4.18 -34.80
C PHE C 621 0.54 -4.58 -33.33
N PRO C 622 1.62 -4.27 -32.59
CA PRO C 622 1.67 -4.57 -31.16
C PRO C 622 0.74 -3.69 -30.34
N ASN C 623 0.22 -4.21 -29.23
CA ASN C 623 -0.60 -3.43 -28.32
C ASN C 623 -0.27 -3.75 -26.86
N LYS C 624 0.70 -4.64 -26.62
CA LYS C 624 1.10 -5.07 -25.28
C LYS C 624 2.63 -5.05 -25.21
N ILE C 625 3.19 -4.80 -24.03
CA ILE C 625 4.65 -4.81 -23.85
C ILE C 625 5.24 -6.22 -24.15
N ASP C 626 4.43 -7.27 -24.03
CA ASP C 626 4.86 -8.62 -24.40
C ASP C 626 5.20 -8.70 -25.89
N HIS C 627 4.48 -7.94 -26.69
CA HIS C 627 4.70 -7.98 -28.11
C HIS C 627 6.00 -7.25 -28.43
N THR C 628 6.22 -6.11 -27.81
CA THR C 628 7.44 -5.37 -28.07
C THR C 628 8.70 -6.09 -27.49
N ILE C 629 8.56 -6.78 -26.36
CA ILE C 629 9.65 -7.56 -25.80
C ILE C 629 10.06 -8.72 -26.74
N ALA C 630 9.11 -9.41 -27.36
CA ALA C 630 9.41 -10.51 -28.24
C ALA C 630 10.12 -9.99 -29.49
N TRP C 631 9.62 -8.87 -30.01
CA TRP C 631 10.20 -8.23 -31.18
C TRP C 631 11.65 -7.89 -30.90
N ALA C 632 11.87 -7.23 -29.77
CA ALA C 632 13.21 -6.81 -29.41
C ALA C 632 14.11 -8.02 -29.16
N LYS C 633 13.58 -9.06 -28.52
CA LYS C 633 14.36 -10.28 -28.34
C LYS C 633 14.83 -10.88 -29.70
N SER C 634 13.97 -10.88 -30.71
CA SER C 634 14.38 -11.36 -32.05
C SER C 634 15.39 -10.44 -32.71
N LEU C 635 15.24 -9.13 -32.51
CA LEU C 635 16.17 -8.18 -33.07
C LEU C 635 17.55 -8.46 -32.50
N PHE C 636 17.59 -8.64 -31.17
CA PHE C 636 18.82 -8.92 -30.45
C PHE C 636 19.50 -10.16 -31.06
N GLN C 637 18.75 -11.24 -31.18
CA GLN C 637 19.19 -12.50 -31.77
C GLN C 637 19.81 -12.29 -33.18
N GLY C 638 19.08 -11.61 -34.06
CA GLY C 638 19.56 -11.30 -35.38
C GLY C 638 20.78 -10.36 -35.44
N TYR C 639 20.83 -9.37 -34.57
CA TYR C 639 21.92 -8.39 -34.63
C TYR C 639 23.25 -9.01 -34.21
N PHE C 640 23.22 -9.79 -33.11
CA PHE C 640 24.42 -10.13 -32.37
C PHE C 640 24.72 -11.63 -32.25
N THR C 641 23.82 -12.47 -32.79
CA THR C 641 24.06 -13.91 -32.81
C THR C 641 23.96 -14.50 -34.23
N ASP C 642 22.75 -14.57 -34.78
CA ASP C 642 22.54 -15.09 -36.12
C ASP C 642 23.47 -14.43 -37.16
N SER C 643 23.61 -13.10 -37.11
CA SER C 643 24.45 -12.39 -38.06
C SER C 643 25.88 -12.87 -38.06
N ALA C 644 26.40 -13.11 -36.86
CA ALA C 644 27.79 -13.49 -36.66
C ALA C 644 28.02 -14.91 -37.15
N GLU C 645 27.12 -15.81 -36.77
CA GLU C 645 27.23 -17.21 -37.15
C GLU C 645 27.15 -17.34 -38.68
N ASN C 646 26.29 -16.55 -39.30
CA ASN C 646 26.18 -16.52 -40.74
C ASN C 646 27.46 -16.04 -41.42
N VAL C 647 28.10 -15.01 -40.89
CA VAL C 647 29.34 -14.53 -41.51
C VAL C 647 30.41 -15.61 -41.40
N ASN C 648 30.55 -16.20 -40.21
CA ASN C 648 31.57 -17.22 -39.99
C ASN C 648 31.41 -18.42 -40.89
N MET C 649 30.15 -18.79 -41.17
CA MET C 649 29.85 -19.88 -42.09
C MET C 649 30.16 -19.51 -43.54
N TYR C 650 29.73 -18.31 -43.94
CA TYR C 650 29.98 -17.86 -45.31
C TYR C 650 31.47 -17.84 -45.58
N LEU C 651 32.28 -17.44 -44.60
CA LEU C 651 33.72 -17.28 -44.78
C LEU C 651 34.53 -18.57 -44.67
N THR C 652 33.90 -19.65 -44.21
CA THR C 652 34.60 -20.92 -44.07
C THR C 652 33.97 -22.05 -44.89
N GLN C 653 32.83 -21.77 -45.54
CA GLN C 653 32.19 -22.76 -46.42
C GLN C 653 31.96 -22.21 -47.83
N PRO C 654 32.70 -22.72 -48.82
CA PRO C 654 32.54 -22.17 -50.18
C PRO C 654 31.22 -22.55 -50.85
N ASN C 655 30.53 -23.54 -50.30
CA ASN C 655 29.20 -23.90 -50.81
C ASN C 655 28.05 -23.30 -50.00
N PHE C 656 28.35 -22.29 -49.19
CA PHE C 656 27.35 -21.73 -48.28
C PHE C 656 26.18 -21.06 -49.00
N VAL C 657 26.48 -20.21 -49.98
CA VAL C 657 25.44 -19.52 -50.72
C VAL C 657 24.55 -20.53 -51.43
N GLU C 658 25.17 -21.40 -52.23
CA GLU C 658 24.43 -22.40 -52.98
C GLU C 658 23.49 -23.16 -52.05
N GLN C 659 23.93 -23.49 -50.86
CA GLN C 659 23.06 -24.22 -49.95
C GLN C 659 21.96 -23.34 -49.40
N THR C 660 22.26 -22.06 -49.17
CA THR C 660 21.24 -21.15 -48.68
C THR C 660 20.12 -21.05 -49.71
N LEU C 661 20.49 -20.64 -50.92
CA LEU C 661 19.54 -20.42 -52.01
C LEU C 661 18.51 -21.55 -52.15
N LYS C 662 18.92 -22.78 -51.87
CA LYS C 662 18.01 -23.89 -52.06
C LYS C 662 17.38 -24.36 -50.77
N GLN C 663 18.01 -24.06 -49.64
CA GLN C 663 17.60 -24.69 -48.40
C GLN C 663 16.97 -23.74 -47.37
N SER C 664 17.18 -22.44 -47.56
CA SER C 664 16.60 -21.43 -46.67
C SER C 664 15.25 -20.94 -47.16
N GLY C 665 14.30 -20.80 -46.23
CA GLY C 665 13.04 -20.15 -46.53
C GLY C 665 13.25 -18.65 -46.71
N ASP C 666 14.09 -18.09 -45.85
CA ASP C 666 14.39 -16.65 -45.89
C ASP C 666 15.76 -16.37 -46.52
N VAL C 667 15.87 -16.65 -47.80
CA VAL C 667 17.13 -16.43 -48.50
C VAL C 667 17.54 -14.97 -48.42
N LYS C 668 16.65 -14.09 -48.82
CA LYS C 668 16.94 -12.66 -48.86
C LYS C 668 17.56 -12.20 -47.53
N GLY C 669 17.01 -12.68 -46.42
CA GLY C 669 17.42 -12.23 -45.11
C GLY C 669 18.83 -12.62 -44.72
N VAL C 670 19.16 -13.89 -44.97
CA VAL C 670 20.49 -14.41 -44.68
C VAL C 670 21.58 -13.70 -45.49
N LEU C 671 21.33 -13.50 -46.78
CA LEU C 671 22.32 -12.83 -47.62
C LEU C 671 22.45 -11.34 -47.28
N GLU C 672 21.36 -10.72 -46.86
CA GLU C 672 21.40 -9.31 -46.48
C GLU C 672 22.23 -9.16 -45.20
N SER C 673 21.98 -10.08 -44.28
CA SER C 673 22.75 -10.14 -43.04
C SER C 673 24.27 -10.15 -43.31
N ILE C 674 24.72 -11.00 -44.23
CA ILE C 674 26.14 -11.09 -44.54
C ILE C 674 26.64 -9.85 -45.28
N SER C 675 25.89 -9.41 -46.27
CA SER C 675 26.26 -8.20 -46.98
C SER C 675 26.45 -7.04 -46.01
N ASP C 676 25.47 -6.82 -45.12
CA ASP C 676 25.55 -5.73 -44.15
C ASP C 676 26.72 -5.92 -43.19
N SER C 677 26.87 -7.13 -42.67
CA SER C 677 27.91 -7.42 -41.69
C SER C 677 29.31 -7.13 -42.24
N LEU C 678 29.46 -7.08 -43.56
CA LEU C 678 30.80 -6.93 -44.15
C LEU C 678 31.04 -5.60 -44.88
N SER C 679 29.99 -4.84 -45.16
CA SER C 679 30.16 -3.53 -45.79
C SER C 679 30.34 -2.42 -44.74
N SER C 680 29.64 -2.52 -43.62
CA SER C 680 29.88 -1.55 -42.56
C SER C 680 31.34 -1.75 -42.14
N LYS C 681 31.58 -2.84 -41.40
CA LYS C 681 32.88 -3.11 -40.80
C LYS C 681 33.32 -1.89 -40.00
N PRO C 682 33.06 -1.88 -38.69
CA PRO C 682 33.55 -0.80 -37.83
C PRO C 682 35.04 -0.95 -37.57
N HIS C 683 35.73 0.18 -37.35
CA HIS C 683 37.17 0.12 -37.05
C HIS C 683 37.48 0.58 -35.63
N ASN C 684 36.58 1.36 -35.05
CA ASN C 684 36.74 1.85 -33.68
C ASN C 684 35.39 1.80 -32.94
N PHE C 685 35.39 2.18 -31.67
CA PHE C 685 34.14 2.20 -30.90
C PHE C 685 33.19 3.27 -31.44
N GLU C 686 33.75 4.34 -31.98
CA GLU C 686 32.93 5.43 -32.47
C GLU C 686 32.06 4.93 -33.61
N ASP C 687 32.62 4.06 -34.45
CA ASP C 687 31.89 3.47 -35.55
C ASP C 687 30.72 2.64 -34.99
N CYS C 688 30.91 1.95 -33.87
CA CYS C 688 29.82 1.18 -33.27
C CYS C 688 28.66 2.10 -32.80
N ILE C 689 29.00 3.26 -32.26
CA ILE C 689 27.98 4.21 -31.89
C ILE C 689 27.23 4.67 -33.11
N LYS C 690 27.95 5.07 -34.15
CA LYS C 690 27.30 5.52 -35.38
C LYS C 690 26.29 4.47 -35.89
N TRP C 691 26.70 3.21 -35.89
CA TRP C 691 25.83 2.12 -36.36
C TRP C 691 24.54 2.02 -35.53
N ALA C 692 24.69 1.96 -34.22
CA ALA C 692 23.56 1.85 -33.31
C ALA C 692 22.56 3.01 -33.47
N ARG C 693 23.08 4.24 -33.63
CA ARG C 693 22.23 5.42 -33.84
C ARG C 693 21.46 5.32 -35.16
N LEU C 694 22.15 4.81 -36.20
CA LEU C 694 21.50 4.58 -37.49
C LEU C 694 20.46 3.47 -37.39
N GLU C 695 20.71 2.41 -36.63
CA GLU C 695 19.66 1.41 -36.41
C GLU C 695 18.41 2.03 -35.71
N PHE C 696 18.65 2.93 -34.76
CA PHE C 696 17.55 3.63 -34.11
C PHE C 696 16.69 4.33 -35.18
N GLU C 697 17.34 5.10 -36.04
CA GLU C 697 16.61 5.75 -37.13
C GLU C 697 15.82 4.76 -38.01
N LYS C 698 16.41 3.62 -38.30
CA LYS C 698 15.79 2.63 -39.17
C LYS C 698 14.53 2.05 -38.51
N LYS C 699 14.70 1.53 -37.30
CA LYS C 699 13.62 0.81 -36.65
C LYS C 699 12.54 1.70 -36.00
N PHE C 700 12.89 2.89 -35.51
CA PHE C 700 11.93 3.66 -34.72
C PHE C 700 11.44 4.92 -35.43
N ASN C 701 12.03 5.21 -36.58
CA ASN C 701 11.61 6.35 -37.40
C ASN C 701 11.15 5.94 -38.82
N HIS C 702 12.10 5.44 -39.64
CA HIS C 702 11.84 5.16 -41.05
C HIS C 702 10.90 3.98 -41.26
N ASP C 703 11.05 2.92 -40.48
CA ASP C 703 10.17 1.77 -40.71
C ASP C 703 8.75 2.15 -40.32
N ILE C 704 8.61 3.04 -39.34
CA ILE C 704 7.30 3.46 -38.86
C ILE C 704 6.67 4.39 -39.90
N LYS C 705 7.48 5.29 -40.47
CA LYS C 705 7.02 6.13 -41.57
C LYS C 705 6.62 5.30 -42.79
N GLN C 706 7.31 4.17 -43.00
CA GLN C 706 6.99 3.28 -44.11
C GLN C 706 5.63 2.60 -43.87
N LEU C 707 5.41 2.18 -42.63
CA LEU C 707 4.13 1.62 -42.22
C LEU C 707 3.00 2.63 -42.41
N LEU C 708 3.20 3.88 -41.99
CA LEU C 708 2.18 4.93 -42.13
C LEU C 708 1.98 5.35 -43.58
N PHE C 709 2.92 4.99 -44.44
CA PHE C 709 2.82 5.29 -45.88
C PHE C 709 1.83 4.33 -46.54
N ASN C 710 1.87 3.06 -46.17
CA ASN C 710 0.91 2.06 -46.66
C ASN C 710 -0.44 2.20 -45.98
N PHE C 711 -0.44 2.62 -44.72
CA PHE C 711 -1.69 2.80 -43.98
C PHE C 711 -1.65 4.09 -43.19
N PRO C 712 -1.96 5.20 -43.85
CA PRO C 712 -2.14 6.49 -43.17
C PRO C 712 -3.07 6.34 -41.94
N LYS C 713 -2.99 7.24 -40.96
CA LYS C 713 -3.87 7.19 -39.79
C LYS C 713 -5.33 7.05 -40.21
N ASP C 714 -5.77 7.98 -41.06
CA ASP C 714 -7.18 8.06 -41.44
C ASP C 714 -7.55 7.10 -42.57
N ALA C 715 -6.72 6.08 -42.81
CA ALA C 715 -7.00 5.15 -43.90
C ALA C 715 -8.23 4.29 -43.62
N LYS C 716 -8.82 3.76 -44.68
CA LYS C 716 -9.96 2.86 -44.57
C LYS C 716 -9.72 1.52 -45.28
N THR C 717 -10.65 0.59 -45.14
CA THR C 717 -10.49 -0.76 -45.68
C THR C 717 -11.46 -1.04 -46.82
N SER C 718 -11.51 -2.30 -47.25
CA SER C 718 -12.46 -2.75 -48.27
C SER C 718 -13.81 -3.08 -47.65
N ASN C 719 -14.52 -2.03 -47.25
CA ASN C 719 -15.80 -2.12 -46.51
C ASN C 719 -16.18 -0.81 -45.83
N GLY C 720 -15.29 0.18 -45.94
CA GLY C 720 -15.57 1.55 -45.55
C GLY C 720 -15.07 1.84 -44.15
N GLU C 721 -14.47 0.84 -43.53
CA GLU C 721 -14.17 0.93 -42.11
C GLU C 721 -12.72 1.29 -41.84
N PRO C 722 -12.51 2.04 -40.75
CA PRO C 722 -11.21 2.58 -40.38
C PRO C 722 -10.17 1.50 -40.09
N PHE C 723 -9.05 1.56 -40.80
CA PHE C 723 -8.00 0.53 -40.72
C PHE C 723 -7.40 0.47 -39.31
N TRP C 724 -7.06 1.63 -38.75
CA TRP C 724 -6.50 1.73 -37.39
C TRP C 724 -7.64 1.77 -36.38
N SER C 725 -7.98 0.59 -35.86
CA SER C 725 -9.12 0.43 -34.98
C SER C 725 -8.96 -0.92 -34.32
N GLY C 726 -9.93 -1.30 -33.51
CA GLY C 726 -9.80 -2.52 -32.74
C GLY C 726 -8.53 -2.52 -31.92
N ALA C 727 -7.69 -3.53 -32.12
CA ALA C 727 -6.45 -3.68 -31.36
C ALA C 727 -5.22 -3.15 -32.12
N LYS C 728 -5.44 -2.42 -33.20
CA LYS C 728 -4.35 -1.78 -33.89
C LYS C 728 -4.27 -0.34 -33.41
N ARG C 729 -3.13 0.02 -32.85
CA ARG C 729 -2.84 1.37 -32.41
C ARG C 729 -1.98 2.06 -33.46
N ALA C 730 -2.40 3.23 -33.93
CA ALA C 730 -1.59 3.96 -34.91
C ALA C 730 -0.29 4.48 -34.30
N PRO C 731 0.87 4.05 -34.85
CA PRO C 731 2.18 4.41 -34.29
C PRO C 731 2.62 5.79 -34.73
N THR C 732 3.57 6.38 -34.02
CA THR C 732 4.13 7.67 -34.38
C THR C 732 5.67 7.56 -34.43
N PRO C 733 6.32 8.14 -35.45
CA PRO C 733 7.77 7.98 -35.46
C PRO C 733 8.47 8.68 -34.30
N LEU C 734 9.66 8.20 -33.94
CA LEU C 734 10.45 8.78 -32.87
C LEU C 734 11.51 9.77 -33.37
N GLU C 735 11.68 10.86 -32.61
CA GLU C 735 12.83 11.75 -32.80
C GLU C 735 13.92 11.50 -31.73
N PHE C 736 15.09 11.00 -32.13
CA PHE C 736 16.13 10.62 -31.17
C PHE C 736 16.39 11.71 -30.12
N ASP C 737 16.54 11.32 -28.86
CA ASP C 737 16.63 12.26 -27.74
C ASP C 737 17.53 11.57 -26.75
N ILE C 738 18.81 11.94 -26.77
CA ILE C 738 19.82 11.33 -25.88
C ILE C 738 19.42 11.43 -24.39
N TYR C 739 18.60 12.41 -24.01
CA TYR C 739 18.19 12.51 -22.60
C TYR C 739 17.03 11.58 -22.20
N ASN C 740 16.44 10.89 -23.17
CA ASN C 740 15.43 9.86 -22.90
C ASN C 740 16.13 8.54 -22.66
N ASN C 741 15.84 7.97 -21.51
CA ASN C 741 16.56 6.81 -21.00
C ASN C 741 16.63 5.67 -21.99
N ASP C 742 15.51 5.42 -22.67
CA ASP C 742 15.39 4.30 -23.61
C ASP C 742 16.17 4.58 -24.91
N HIS C 743 16.13 5.81 -25.41
CA HIS C 743 16.91 6.13 -26.59
C HIS C 743 18.39 5.94 -26.27
N PHE C 744 18.81 6.44 -25.11
CA PHE C 744 20.21 6.43 -24.74
C PHE C 744 20.72 5.00 -24.63
N HIS C 745 19.99 4.15 -23.91
CA HIS C 745 20.48 2.80 -23.68
C HIS C 745 20.42 1.93 -24.95
N PHE C 746 19.53 2.27 -25.86
CA PHE C 746 19.50 1.53 -27.10
C PHE C 746 20.85 1.70 -27.80
N VAL C 747 21.35 2.93 -27.83
CA VAL C 747 22.63 3.20 -28.45
C VAL C 747 23.81 2.63 -27.64
N VAL C 748 23.81 2.80 -26.33
CA VAL C 748 24.91 2.31 -25.52
C VAL C 748 25.03 0.79 -25.60
N ALA C 749 23.90 0.10 -25.45
CA ALA C 749 23.91 -1.35 -25.52
C ALA C 749 24.18 -1.84 -26.93
N GLY C 750 23.61 -1.18 -27.93
CA GLY C 750 23.87 -1.57 -29.31
C GLY C 750 25.34 -1.43 -29.67
N ALA C 751 25.92 -0.31 -29.29
CA ALA C 751 27.33 -0.06 -29.54
C ALA C 751 28.23 -1.10 -28.88
N SER C 752 28.02 -1.36 -27.60
CA SER C 752 28.91 -2.26 -26.86
C SER C 752 28.78 -3.70 -27.42
N LEU C 753 27.56 -4.10 -27.81
CA LEU C 753 27.31 -5.43 -28.36
C LEU C 753 27.96 -5.58 -29.74
N ARG C 754 27.74 -4.61 -30.62
CA ARG C 754 28.46 -4.55 -31.89
C ARG C 754 29.95 -4.71 -31.68
N ALA C 755 30.52 -3.88 -30.82
CA ALA C 755 31.96 -3.91 -30.55
C ALA C 755 32.47 -5.32 -30.17
N TYR C 756 31.69 -6.02 -29.34
CA TYR C 756 32.03 -7.37 -28.94
C TYR C 756 32.09 -8.35 -30.14
N ASN C 757 31.09 -8.24 -31.02
CA ASN C 757 31.03 -9.05 -32.25
C ASN C 757 32.27 -8.86 -33.09
N TYR C 758 32.75 -7.62 -33.14
CA TYR C 758 33.84 -7.25 -34.03
C TYR C 758 35.19 -7.13 -33.32
N GLY C 759 35.27 -7.60 -32.08
CA GLY C 759 36.53 -7.60 -31.34
C GLY C 759 37.12 -6.21 -31.13
N ILE C 760 36.24 -5.23 -30.92
CA ILE C 760 36.66 -3.83 -30.75
C ILE C 760 36.54 -3.45 -29.30
N LYS C 761 37.49 -2.67 -28.80
CA LYS C 761 37.44 -2.30 -27.38
C LYS C 761 36.40 -1.22 -27.12
N SER C 762 35.49 -1.50 -26.17
CA SER C 762 34.50 -0.53 -25.73
C SER C 762 35.17 0.61 -24.96
N ASP C 763 34.67 1.83 -25.15
CA ASP C 763 35.08 2.98 -24.34
C ASP C 763 34.45 2.91 -22.92
N ASP C 764 33.25 2.34 -22.80
CA ASP C 764 32.66 1.98 -21.50
C ASP C 764 33.03 0.55 -21.08
N SER C 765 34.28 0.15 -21.27
CA SER C 765 34.71 -1.21 -20.89
C SER C 765 35.16 -1.27 -19.43
N ASN C 766 35.58 -0.12 -18.89
CA ASN C 766 36.06 -0.04 -17.51
C ASN C 766 35.40 1.12 -16.78
N SER C 767 34.19 1.47 -17.21
CA SER C 767 33.50 2.64 -16.69
C SER C 767 31.99 2.55 -16.96
N LYS C 768 31.27 3.61 -16.59
CA LYS C 768 29.88 3.78 -16.99
C LYS C 768 29.84 4.63 -18.28
N PRO C 769 28.72 4.60 -19.00
CA PRO C 769 28.67 5.36 -20.25
C PRO C 769 28.49 6.86 -20.00
N ASN C 770 29.26 7.67 -20.72
CA ASN C 770 29.16 9.12 -20.58
C ASN C 770 28.31 9.75 -21.67
N VAL C 771 27.16 10.25 -21.26
CA VAL C 771 26.21 10.85 -22.19
C VAL C 771 26.84 11.87 -23.13
N ASP C 772 27.64 12.78 -22.61
CA ASP C 772 28.21 13.83 -23.45
C ASP C 772 29.18 13.29 -24.50
N GLU C 773 29.83 12.16 -24.19
CA GLU C 773 30.72 11.51 -25.16
C GLU C 773 29.90 10.92 -26.30
N TYR C 774 28.84 10.18 -25.96
CA TYR C 774 27.92 9.69 -26.97
C TYR C 774 27.35 10.86 -27.77
N LYS C 775 26.94 11.92 -27.05
CA LYS C 775 26.28 13.06 -27.68
C LYS C 775 27.19 13.65 -28.75
N SER C 776 28.45 13.83 -28.37
CA SER C 776 29.42 14.40 -29.26
C SER C 776 29.51 13.67 -30.60
N VAL C 777 29.60 12.34 -30.55
CA VAL C 777 29.66 11.51 -31.77
C VAL C 777 28.38 11.62 -32.59
N ILE C 778 27.23 11.52 -31.93
CA ILE C 778 25.95 11.56 -32.63
C ILE C 778 25.64 12.94 -33.27
N ASP C 779 26.07 14.00 -32.60
CA ASP C 779 25.78 15.37 -33.05
C ASP C 779 26.46 15.74 -34.37
N HIS C 780 27.56 15.06 -34.70
CA HIS C 780 28.27 15.39 -35.93
C HIS C 780 27.88 14.45 -37.05
N MET C 781 27.12 13.41 -36.74
CA MET C 781 26.57 12.52 -37.76
C MET C 781 25.59 13.24 -38.67
N ILE C 782 25.50 12.78 -39.90
CA ILE C 782 24.46 13.25 -40.81
C ILE C 782 23.51 12.10 -41.04
N ILE C 783 22.24 12.30 -40.67
CA ILE C 783 21.27 11.21 -40.70
C ILE C 783 20.46 11.28 -41.98
N PRO C 784 20.54 10.23 -42.83
CA PRO C 784 19.81 10.22 -44.11
C PRO C 784 18.30 10.30 -43.92
N GLU C 785 17.66 11.09 -44.77
CA GLU C 785 16.24 11.31 -44.67
C GLU C 785 15.44 10.09 -45.14
N PHE C 786 14.18 10.02 -44.72
CA PHE C 786 13.30 8.95 -45.16
C PHE C 786 12.84 9.15 -46.61
N THR C 787 13.04 8.14 -47.44
CA THR C 787 12.30 8.08 -48.69
C THR C 787 11.47 6.80 -48.72
N PRO C 788 10.15 6.94 -48.96
CA PRO C 788 9.25 5.79 -49.03
C PRO C 788 9.57 4.83 -50.18
N ASN C 789 9.03 3.63 -50.06
CA ASN C 789 9.09 2.62 -51.09
C ASN C 789 7.66 2.31 -51.49
N ALA C 790 7.28 2.70 -52.71
CA ALA C 790 5.88 2.69 -53.11
C ALA C 790 5.33 1.32 -53.51
N ASN C 791 6.20 0.31 -53.54
CA ASN C 791 5.83 -1.03 -53.96
C ASN C 791 5.90 -2.03 -52.82
N LEU C 792 6.14 -1.55 -51.62
CA LEU C 792 6.27 -2.45 -50.49
C LEU C 792 4.90 -2.90 -50.01
N LYS C 793 4.79 -4.19 -49.68
CA LYS C 793 3.57 -4.74 -49.15
C LYS C 793 3.80 -5.42 -47.78
N ILE C 794 2.83 -5.21 -46.90
CA ILE C 794 2.91 -5.63 -45.51
C ILE C 794 1.69 -6.49 -45.22
N GLN C 795 1.89 -7.70 -44.72
CA GLN C 795 0.73 -8.55 -44.48
C GLN C 795 -0.06 -8.09 -43.25
N VAL C 796 -1.37 -8.08 -43.41
CA VAL C 796 -2.28 -7.59 -42.40
C VAL C 796 -2.88 -8.76 -41.63
N ASN C 797 -3.04 -9.91 -42.29
CA ASN C 797 -3.46 -11.13 -41.63
C ASN C 797 -2.34 -12.15 -41.71
N ASP C 798 -2.30 -13.08 -40.76
CA ASP C 798 -1.38 -14.19 -40.87
C ASP C 798 -1.75 -15.00 -42.11
N ASP C 799 -2.96 -15.55 -42.08
CA ASP C 799 -3.51 -16.33 -43.20
C ASP C 799 -3.02 -15.82 -44.55
N ASP C 800 -3.17 -14.52 -44.77
CA ASP C 800 -2.84 -13.91 -46.05
C ASP C 800 -1.37 -14.06 -46.47
N PRO C 801 -1.06 -13.65 -47.71
CA PRO C 801 0.30 -13.71 -48.23
C PRO C 801 0.90 -12.32 -48.33
N ASP C 802 2.16 -12.20 -48.73
CA ASP C 802 3.01 -13.36 -49.06
C ASP C 802 4.09 -13.62 -47.99
N PRO C 803 5.04 -12.68 -47.81
CA PRO C 803 6.02 -12.87 -46.72
C PRO C 803 5.36 -13.04 -45.34
N ASP C 812 15.35 -11.88 -59.35
CA ASP C 812 16.18 -10.97 -60.14
C ASP C 812 17.03 -10.08 -59.23
N GLU C 813 16.61 -9.93 -57.99
CA GLU C 813 17.30 -9.08 -57.03
C GLU C 813 18.32 -9.88 -56.23
N ILE C 814 17.97 -11.12 -55.94
CA ILE C 814 18.85 -12.05 -55.23
C ILE C 814 20.17 -12.29 -55.98
N ASP C 815 20.16 -12.20 -57.31
CA ASP C 815 21.37 -12.38 -58.11
C ASP C 815 22.37 -11.28 -57.83
N GLN C 816 21.88 -10.05 -57.78
CA GLN C 816 22.71 -8.89 -57.52
C GLN C 816 23.21 -8.93 -56.08
N LEU C 817 22.39 -9.47 -55.21
CA LEU C 817 22.77 -9.61 -53.81
C LEU C 817 24.00 -10.47 -53.67
N VAL C 818 23.95 -11.63 -54.34
CA VAL C 818 25.05 -12.60 -54.31
C VAL C 818 26.34 -12.04 -54.90
N SER C 819 26.24 -11.19 -55.92
CA SER C 819 27.41 -10.60 -56.55
C SER C 819 28.02 -9.49 -55.68
N SER C 820 27.23 -8.98 -54.75
CA SER C 820 27.65 -7.88 -53.89
C SER C 820 28.56 -8.39 -52.78
N LEU C 821 28.47 -9.69 -52.52
CA LEU C 821 29.22 -10.30 -51.45
C LEU C 821 30.69 -10.29 -51.77
N PRO C 822 31.51 -9.94 -50.77
CA PRO C 822 32.96 -9.98 -50.95
C PRO C 822 33.44 -11.42 -50.93
N ASP C 823 34.56 -11.70 -51.58
CA ASP C 823 35.06 -13.07 -51.61
C ASP C 823 35.83 -13.33 -50.31
N PRO C 824 35.68 -14.53 -49.73
CA PRO C 824 36.42 -14.85 -48.51
C PRO C 824 37.93 -14.61 -48.63
N SER C 825 38.42 -14.56 -49.87
CA SER C 825 39.85 -14.34 -50.17
C SER C 825 40.32 -13.05 -49.51
N THR C 826 39.44 -12.06 -49.54
CA THR C 826 39.72 -10.73 -49.00
C THR C 826 39.81 -10.72 -47.48
N LEU C 827 39.20 -11.73 -46.86
CA LEU C 827 38.95 -11.70 -45.43
C LEU C 827 39.58 -12.88 -44.73
N ALA C 828 40.86 -13.12 -45.03
CA ALA C 828 41.62 -14.17 -44.37
C ALA C 828 41.69 -13.90 -42.87
N GLY C 829 41.23 -14.85 -42.07
CA GLY C 829 41.36 -14.77 -40.63
C GLY C 829 40.28 -13.93 -39.95
N PHE C 830 39.44 -13.28 -40.75
CA PHE C 830 38.36 -12.47 -40.21
C PHE C 830 37.28 -13.31 -39.56
N LYS C 831 36.97 -13.04 -38.30
CA LYS C 831 35.96 -13.82 -37.62
C LYS C 831 35.09 -12.89 -36.76
N LEU C 832 33.83 -13.25 -36.60
CA LEU C 832 32.94 -12.52 -35.70
C LEU C 832 32.67 -13.37 -34.46
N GLU C 833 32.45 -12.69 -33.35
CA GLU C 833 32.24 -13.33 -32.05
C GLU C 833 30.77 -13.22 -31.68
N PRO C 834 30.03 -14.33 -31.81
CA PRO C 834 28.59 -14.24 -31.56
C PRO C 834 28.29 -14.15 -30.07
N VAL C 835 27.16 -13.54 -29.75
CA VAL C 835 26.75 -13.35 -28.37
C VAL C 835 25.84 -14.50 -28.00
N ASP C 836 26.00 -15.01 -26.80
CA ASP C 836 25.10 -16.00 -26.25
C ASP C 836 24.18 -15.35 -25.18
N PHE C 837 22.88 -15.31 -25.44
CA PHE C 837 21.93 -14.66 -24.53
C PHE C 837 22.06 -15.18 -23.09
N GLU C 838 22.23 -14.26 -22.13
CA GLU C 838 22.43 -14.60 -20.73
C GLU C 838 21.68 -13.59 -19.86
N LYS C 839 20.45 -13.94 -19.50
CA LYS C 839 19.57 -13.06 -18.74
C LYS C 839 20.07 -12.68 -17.33
N ASP C 840 20.98 -13.48 -16.73
CA ASP C 840 21.33 -13.26 -15.32
C ASP C 840 22.72 -12.68 -15.12
N ASP C 841 23.29 -12.06 -16.14
CA ASP C 841 24.50 -11.26 -15.96
C ASP C 841 24.23 -9.80 -16.28
N ASP C 842 24.10 -9.00 -15.23
CA ASP C 842 23.67 -7.61 -15.32
C ASP C 842 24.71 -6.71 -15.96
N THR C 843 25.92 -7.20 -16.12
CA THR C 843 26.94 -6.39 -16.78
C THR C 843 27.04 -6.59 -18.30
N ASN C 844 26.31 -7.53 -18.87
CA ASN C 844 26.60 -7.91 -20.25
C ASN C 844 25.84 -7.09 -21.32
N HIS C 845 25.01 -6.15 -20.90
CA HIS C 845 24.22 -5.32 -21.81
C HIS C 845 23.04 -6.03 -22.50
N HIS C 846 22.79 -7.30 -22.22
CA HIS C 846 21.74 -8.02 -22.95
C HIS C 846 20.33 -7.56 -22.54
N ILE C 847 20.01 -7.61 -21.24
CA ILE C 847 18.73 -7.13 -20.78
C ILE C 847 18.68 -5.60 -20.96
N GLU C 848 19.81 -4.93 -20.81
CA GLU C 848 19.84 -3.49 -21.09
C GLU C 848 19.37 -3.23 -22.52
N PHE C 849 19.87 -4.02 -23.49
CA PHE C 849 19.49 -3.83 -24.89
C PHE C 849 18.01 -4.16 -25.16
N ILE C 850 17.56 -5.32 -24.68
CA ILE C 850 16.18 -5.71 -24.93
C ILE C 850 15.19 -4.78 -24.21
N THR C 851 15.51 -4.35 -23.00
CA THR C 851 14.61 -3.42 -22.32
C THR C 851 14.48 -2.10 -23.10
N ALA C 852 15.62 -1.54 -23.51
CA ALA C 852 15.61 -0.27 -24.22
C ALA C 852 14.92 -0.40 -25.61
N CYS C 853 15.25 -1.47 -26.33
CA CYS C 853 14.69 -1.72 -27.64
C CYS C 853 13.15 -1.93 -27.58
N SER C 854 12.69 -2.80 -26.68
CA SER C 854 11.26 -2.93 -26.45
C SER C 854 10.58 -1.59 -26.13
N ASN C 855 11.22 -0.81 -25.29
CA ASN C 855 10.62 0.44 -24.81
C ASN C 855 10.50 1.50 -25.91
N CYS C 856 11.52 1.63 -26.76
CA CYS C 856 11.43 2.49 -27.94
C CYS C 856 10.21 2.11 -28.79
N ARG C 857 10.11 0.84 -29.14
CA ARG C 857 8.96 0.39 -29.92
C ARG C 857 7.66 0.65 -29.14
N ALA C 858 7.70 0.51 -27.81
CA ALA C 858 6.53 0.85 -27.01
C ALA C 858 6.17 2.36 -27.16
N GLN C 859 7.17 3.25 -27.18
CA GLN C 859 6.91 4.67 -27.40
C GLN C 859 6.34 4.87 -28.80
N ASN C 860 6.80 4.13 -29.80
CA ASN C 860 6.19 4.22 -31.14
C ASN C 860 4.67 4.02 -31.08
N TYR C 861 4.22 3.00 -30.35
CA TYR C 861 2.83 2.58 -30.41
C TYR C 861 2.05 2.96 -29.14
N PHE C 862 2.58 3.93 -28.38
CA PHE C 862 1.86 4.43 -27.19
C PHE C 862 1.50 3.34 -26.19
N ILE C 863 2.41 2.39 -26.06
CA ILE C 863 2.33 1.34 -25.05
C ILE C 863 3.20 1.77 -23.86
N GLU C 864 2.71 1.59 -22.63
CA GLU C 864 3.50 1.96 -21.44
C GLU C 864 4.81 1.18 -21.39
N THR C 865 5.91 1.88 -21.16
CA THR C 865 7.21 1.21 -21.06
C THR C 865 7.30 0.31 -19.80
N ALA C 866 8.20 -0.67 -19.82
CA ALA C 866 8.41 -1.57 -18.69
C ALA C 866 9.87 -1.46 -18.21
N ASP C 867 10.15 -1.84 -16.97
CA ASP C 867 11.54 -1.74 -16.47
C ASP C 867 12.34 -3.01 -16.80
N ARG C 868 13.59 -3.05 -16.35
CA ARG C 868 14.46 -4.20 -16.61
C ARG C 868 13.97 -5.49 -15.96
N GLN C 869 13.40 -5.38 -14.77
CA GLN C 869 12.92 -6.55 -14.03
C GLN C 869 11.76 -7.24 -14.74
N LYS C 870 10.85 -6.44 -15.26
CA LYS C 870 9.69 -6.98 -15.92
C LYS C 870 10.13 -7.54 -17.29
N THR C 871 11.06 -6.84 -17.94
CA THR C 871 11.59 -7.30 -19.22
C THR C 871 12.39 -8.64 -19.09
N LYS C 872 13.16 -8.76 -18.01
CA LYS C 872 13.94 -9.94 -17.77
C LYS C 872 12.96 -11.10 -17.58
N PHE C 873 11.89 -10.84 -16.84
CA PHE C 873 10.92 -11.87 -16.55
C PHE C 873 10.31 -12.47 -17.83
N ILE C 874 9.86 -11.59 -18.72
CA ILE C 874 9.21 -12.02 -19.95
C ILE C 874 10.20 -12.59 -20.98
N ALA C 875 11.28 -11.88 -21.25
CA ALA C 875 12.24 -12.34 -22.24
C ALA C 875 13.04 -13.55 -21.76
N GLY C 876 13.26 -13.63 -20.44
CA GLY C 876 14.04 -14.70 -19.85
C GLY C 876 13.19 -15.89 -19.48
N ARG C 877 11.87 -15.73 -19.57
CA ARG C 877 10.92 -16.81 -19.27
C ARG C 877 11.17 -17.41 -17.89
N ILE C 878 11.41 -16.54 -16.93
CA ILE C 878 11.74 -16.95 -15.59
C ILE C 878 10.52 -17.48 -14.87
N ILE C 879 10.68 -18.59 -14.15
CA ILE C 879 9.56 -19.12 -13.38
C ILE C 879 9.64 -18.63 -11.94
N PRO C 880 8.59 -17.95 -11.48
CA PRO C 880 8.59 -17.49 -10.08
C PRO C 880 8.70 -18.67 -9.10
N ALA C 881 9.51 -18.52 -8.05
CA ALA C 881 9.76 -19.63 -7.12
C ALA C 881 10.12 -19.18 -5.73
N ILE C 882 9.70 -19.96 -4.76
CA ILE C 882 9.97 -19.65 -3.36
C ILE C 882 10.16 -20.95 -2.57
N ALA C 883 10.99 -20.92 -1.53
CA ALA C 883 11.30 -22.10 -0.73
C ALA C 883 10.08 -22.69 0.02
N THR C 884 9.21 -21.83 0.54
CA THR C 884 8.04 -22.29 1.28
C THR C 884 7.18 -23.35 0.52
N THR C 885 6.79 -23.02 -0.70
CA THR C 885 6.03 -23.94 -1.52
C THR C 885 6.84 -25.20 -1.87
N THR C 886 8.14 -25.01 -2.08
CA THR C 886 9.00 -26.10 -2.42
C THR C 886 9.07 -27.10 -1.27
N SER C 887 9.30 -26.61 -0.05
CA SER C 887 9.31 -27.49 1.12
C SER C 887 8.03 -28.25 1.30
N LEU C 888 6.92 -27.55 1.22
CA LEU C 888 5.64 -28.13 1.54
C LEU C 888 5.26 -29.23 0.55
N VAL C 889 5.44 -28.96 -0.73
CA VAL C 889 5.15 -29.93 -1.79
C VAL C 889 6.07 -31.17 -1.65
N THR C 890 7.34 -30.97 -1.30
CA THR C 890 8.25 -32.10 -1.10
C THR C 890 7.76 -32.92 0.10
N GLY C 891 7.24 -32.22 1.10
CA GLY C 891 6.60 -32.88 2.22
C GLY C 891 5.51 -33.83 1.78
N LEU C 892 4.60 -33.37 0.91
CA LEU C 892 3.50 -34.24 0.50
C LEU C 892 4.04 -35.46 -0.26
N VAL C 893 4.97 -35.21 -1.18
CA VAL C 893 5.62 -36.29 -1.91
C VAL C 893 6.12 -37.36 -0.93
N ASN C 894 6.75 -36.95 0.16
CA ASN C 894 7.30 -37.95 1.07
C ASN C 894 6.26 -38.68 1.96
N LEU C 895 5.04 -38.17 2.04
CA LEU C 895 3.99 -38.94 2.71
C LEU C 895 3.45 -40.05 1.76
N GLU C 896 3.55 -39.78 0.47
CA GLU C 896 3.16 -40.71 -0.58
C GLU C 896 4.21 -41.82 -0.72
N LEU C 897 5.48 -41.48 -0.55
CA LEU C 897 6.60 -42.43 -0.61
C LEU C 897 6.39 -43.65 0.31
N TYR C 898 5.87 -43.42 1.50
CA TYR C 898 5.60 -44.49 2.45
C TYR C 898 4.71 -45.59 1.86
N LYS C 899 3.81 -45.18 0.97
CA LYS C 899 2.85 -46.09 0.40
C LYS C 899 3.51 -46.96 -0.65
N LEU C 900 4.55 -46.44 -1.31
CA LEU C 900 5.37 -47.26 -2.21
C LEU C 900 6.17 -48.33 -1.46
N ILE C 901 6.67 -47.99 -0.30
CA ILE C 901 7.45 -48.93 0.48
C ILE C 901 6.58 -50.13 0.91
N ASP C 902 5.27 -49.92 1.02
CA ASP C 902 4.33 -50.96 1.44
C ASP C 902 3.66 -51.60 0.20
N ASN C 903 4.08 -51.18 -0.99
CA ASN C 903 3.57 -51.78 -2.22
C ASN C 903 2.04 -51.75 -2.27
N LYS C 904 1.46 -50.65 -1.82
CA LYS C 904 0.00 -50.56 -1.69
C LYS C 904 -0.67 -50.75 -3.05
N THR C 905 -1.72 -51.57 -3.09
CA THR C 905 -2.41 -51.84 -4.34
C THR C 905 -3.85 -51.35 -4.37
N ASP C 906 -4.29 -50.67 -3.30
CA ASP C 906 -5.60 -50.03 -3.24
C ASP C 906 -5.47 -48.55 -3.64
N ILE C 907 -5.94 -48.24 -4.84
CA ILE C 907 -5.88 -46.88 -5.39
C ILE C 907 -6.43 -45.82 -4.41
N GLU C 908 -7.38 -46.20 -3.56
CA GLU C 908 -8.07 -45.24 -2.68
C GLU C 908 -7.12 -44.69 -1.60
N GLN C 909 -6.00 -45.36 -1.38
CA GLN C 909 -5.06 -44.99 -0.36
C GLN C 909 -4.11 -43.90 -0.82
N TYR C 910 -3.97 -43.73 -2.13
CA TYR C 910 -3.02 -42.74 -2.64
C TYR C 910 -3.71 -41.39 -2.82
N LYS C 911 -2.90 -40.33 -2.87
CA LYS C 911 -3.37 -38.96 -2.87
C LYS C 911 -2.53 -38.12 -3.84
N ASN C 912 -3.17 -37.59 -4.87
CA ASN C 912 -2.60 -36.49 -5.62
C ASN C 912 -2.96 -35.22 -4.88
N GLY C 913 -2.00 -34.32 -4.70
CA GLY C 913 -2.22 -33.03 -4.06
C GLY C 913 -2.20 -31.82 -4.99
N PHE C 914 -3.02 -30.84 -4.64
CA PHE C 914 -3.04 -29.56 -5.29
C PHE C 914 -3.08 -28.46 -4.20
N VAL C 915 -2.15 -27.49 -4.29
CA VAL C 915 -2.08 -26.42 -3.29
C VAL C 915 -1.87 -25.02 -3.86
N ASN C 916 -2.46 -24.04 -3.19
CA ASN C 916 -2.03 -22.65 -3.35
C ASN C 916 -1.88 -21.96 -1.97
N LEU C 917 -0.61 -21.81 -1.52
CA LEU C 917 -0.31 -21.19 -0.23
C LEU C 917 -0.86 -19.76 -0.08
N ALA C 918 -1.18 -19.11 -1.21
CA ALA C 918 -1.66 -17.72 -1.17
C ALA C 918 -3.06 -17.58 -0.57
N LEU C 919 -3.87 -18.63 -0.64
CA LEU C 919 -5.30 -18.49 -0.41
C LEU C 919 -5.77 -18.60 1.06
N PRO C 920 -5.27 -19.58 1.83
CA PRO C 920 -4.48 -20.77 1.47
C PRO C 920 -5.41 -21.94 1.14
N PHE C 921 -5.07 -22.73 0.13
CA PHE C 921 -5.92 -23.85 -0.30
C PHE C 921 -5.14 -25.17 -0.40
N PHE C 922 -5.75 -26.25 0.07
CA PHE C 922 -5.21 -27.59 -0.11
C PHE C 922 -6.31 -28.56 -0.54
N GLY C 923 -6.06 -29.24 -1.66
CA GLY C 923 -6.98 -30.27 -2.14
C GLY C 923 -6.29 -31.57 -2.55
N PHE C 924 -6.98 -32.67 -2.31
CA PHE C 924 -6.40 -33.98 -2.63
C PHE C 924 -7.38 -34.84 -3.39
N SER C 925 -6.86 -35.74 -4.20
CA SER C 925 -7.76 -36.63 -4.94
C SER C 925 -7.12 -37.98 -5.21
N GLU C 926 -7.97 -38.98 -5.26
CA GLU C 926 -7.56 -40.32 -5.54
C GLU C 926 -7.06 -40.38 -7.02
N PRO C 927 -5.93 -41.04 -7.26
CA PRO C 927 -5.41 -41.13 -8.63
C PRO C 927 -6.42 -41.77 -9.58
N ILE C 928 -6.37 -41.42 -10.86
CA ILE C 928 -7.26 -42.04 -11.85
C ILE C 928 -6.76 -43.45 -12.18
N ALA C 929 -7.65 -44.44 -12.19
CA ALA C 929 -7.29 -45.81 -12.56
C ALA C 929 -6.82 -45.91 -14.01
N SER C 930 -5.85 -46.79 -14.26
CA SER C 930 -5.43 -47.05 -15.64
C SER C 930 -6.61 -47.60 -16.48
N PRO C 931 -6.72 -47.12 -17.70
CA PRO C 931 -7.76 -47.67 -18.58
C PRO C 931 -7.50 -49.13 -18.93
N LYS C 932 -8.58 -49.92 -18.92
CA LYS C 932 -8.51 -51.36 -19.17
C LYS C 932 -9.16 -51.71 -20.51
N GLY C 933 -8.72 -52.84 -21.05
CA GLY C 933 -9.26 -53.41 -22.27
C GLY C 933 -9.51 -54.89 -22.11
N GLU C 934 -9.99 -55.52 -23.18
CA GLU C 934 -10.41 -56.91 -23.18
C GLU C 934 -10.23 -57.47 -24.60
N TYR C 935 -9.67 -58.67 -24.73
CA TYR C 935 -9.74 -59.41 -26.00
C TYR C 935 -10.02 -60.88 -25.66
N ASN C 936 -11.00 -61.50 -26.34
CA ASN C 936 -11.34 -62.89 -26.01
C ASN C 936 -11.65 -63.07 -24.51
N ASN C 937 -12.36 -62.10 -23.92
CA ASN C 937 -12.70 -62.17 -22.49
C ASN C 937 -11.52 -62.05 -21.49
N LYS C 938 -10.32 -61.84 -21.99
CA LYS C 938 -9.13 -61.72 -21.17
C LYS C 938 -8.87 -60.23 -20.92
N LYS C 939 -8.98 -59.79 -19.67
CA LYS C 939 -8.78 -58.39 -19.35
C LYS C 939 -7.30 -58.01 -19.40
N TYR C 940 -6.99 -56.77 -19.78
CA TYR C 940 -5.61 -56.29 -19.76
C TYR C 940 -5.57 -54.78 -19.49
N ASP C 941 -4.43 -54.30 -19.01
CA ASP C 941 -4.21 -52.89 -18.69
C ASP C 941 -3.59 -52.16 -19.91
N LYS C 942 -4.31 -51.18 -20.46
CA LYS C 942 -3.90 -50.52 -21.70
C LYS C 942 -2.64 -49.70 -21.60
N ILE C 943 -2.20 -49.40 -20.38
CA ILE C 943 -0.95 -48.64 -20.19
C ILE C 943 0.19 -49.59 -19.86
N TRP C 944 -0.04 -50.48 -18.91
CA TRP C 944 1.05 -51.21 -18.26
C TRP C 944 1.33 -52.59 -18.84
N ASP C 945 0.34 -53.22 -19.48
CA ASP C 945 0.51 -54.62 -19.93
C ASP C 945 1.20 -54.72 -21.30
N ARG C 946 2.04 -55.74 -21.48
CA ARG C 946 2.69 -55.98 -22.76
C ARG C 946 3.04 -57.45 -22.91
N PHE C 947 3.22 -57.90 -24.15
CA PHE C 947 3.70 -59.25 -24.41
C PHE C 947 5.23 -59.28 -24.35
N ASP C 948 5.79 -59.86 -23.31
CA ASP C 948 7.23 -59.99 -23.22
C ASP C 948 7.58 -61.25 -23.94
N ILE C 949 8.63 -61.20 -24.74
CA ILE C 949 9.07 -62.34 -25.52
C ILE C 949 10.56 -62.52 -25.39
N LYS C 950 11.01 -63.73 -25.13
CA LYS C 950 12.43 -63.95 -24.91
C LYS C 950 13.09 -64.38 -26.20
N GLY C 951 14.04 -63.59 -26.66
CA GLY C 951 14.90 -64.02 -27.74
C GLY C 951 14.49 -63.46 -29.09
N ASP C 952 15.46 -63.50 -30.00
CA ASP C 952 15.29 -63.07 -31.36
C ASP C 952 14.42 -64.10 -32.10
N ILE C 953 13.16 -64.17 -31.71
CA ILE C 953 12.22 -65.18 -32.22
C ILE C 953 11.95 -65.08 -33.73
N LYS C 954 11.81 -66.22 -34.40
CA LYS C 954 11.38 -66.25 -35.79
C LYS C 954 9.92 -65.70 -35.96
N LEU C 955 9.67 -64.95 -37.01
CA LEU C 955 8.32 -64.45 -37.35
C LEU C 955 7.24 -65.53 -37.30
N SER C 956 7.49 -66.65 -37.97
CA SER C 956 6.53 -67.74 -37.98
C SER C 956 6.23 -68.21 -36.55
N ASP C 957 7.25 -68.28 -35.72
CA ASP C 957 7.09 -68.74 -34.35
C ASP C 957 6.28 -67.76 -33.52
N LEU C 958 6.47 -66.48 -33.76
CA LEU C 958 5.73 -65.43 -33.09
C LEU C 958 4.22 -65.50 -33.42
N ILE C 959 3.90 -65.66 -34.71
CA ILE C 959 2.52 -65.74 -35.17
C ILE C 959 1.84 -66.95 -34.54
N GLU C 960 2.55 -68.06 -34.47
CA GLU C 960 1.96 -69.25 -33.89
C GLU C 960 1.79 -69.10 -32.38
N HIS C 961 2.76 -68.49 -31.71
CA HIS C 961 2.69 -68.28 -30.28
C HIS C 961 1.41 -67.52 -30.01
N PHE C 962 1.13 -66.50 -30.81
CA PHE C 962 0.00 -65.65 -30.49
C PHE C 962 -1.36 -66.32 -30.70
N GLU C 963 -1.45 -67.14 -31.72
CA GLU C 963 -2.68 -67.88 -31.93
C GLU C 963 -2.89 -68.92 -30.83
N LYS C 964 -1.86 -69.72 -30.53
CA LYS C 964 -2.01 -70.80 -29.56
C LYS C 964 -2.19 -70.27 -28.16
N ASP C 965 -1.41 -69.27 -27.77
CA ASP C 965 -1.40 -68.88 -26.36
C ASP C 965 -2.32 -67.71 -26.07
N GLU C 966 -2.64 -66.91 -27.09
CA GLU C 966 -3.47 -65.73 -26.84
C GLU C 966 -4.78 -65.72 -27.63
N GLY C 967 -5.00 -66.71 -28.49
CA GLY C 967 -6.14 -66.70 -29.38
C GLY C 967 -6.17 -65.46 -30.25
N LEU C 968 -5.01 -64.92 -30.61
CA LEU C 968 -4.97 -63.75 -31.47
C LEU C 968 -4.37 -64.06 -32.86
N GLU C 969 -5.08 -63.65 -33.92
CA GLU C 969 -4.52 -63.77 -35.26
C GLU C 969 -3.79 -62.49 -35.60
N ILE C 970 -2.46 -62.56 -35.65
CA ILE C 970 -1.71 -61.36 -36.01
C ILE C 970 -2.00 -60.94 -37.43
N THR C 971 -2.17 -59.65 -37.59
CA THR C 971 -2.70 -59.08 -38.80
C THR C 971 -1.75 -58.03 -39.36
N MET C 972 -1.00 -57.37 -38.48
CA MET C 972 -0.01 -56.39 -38.87
C MET C 972 1.07 -56.33 -37.80
N LEU C 973 2.32 -56.24 -38.23
CA LEU C 973 3.45 -56.14 -37.32
C LEU C 973 4.39 -55.06 -37.81
N SER C 974 4.80 -54.17 -36.92
CA SER C 974 5.64 -53.05 -37.33
C SER C 974 6.67 -52.73 -36.25
N TYR C 975 7.82 -52.22 -36.69
CA TYR C 975 8.89 -51.77 -35.83
C TYR C 975 9.14 -50.34 -36.18
N GLY C 976 8.83 -49.44 -35.24
CA GLY C 976 8.85 -48.02 -35.52
C GLY C 976 7.98 -47.68 -36.71
N VAL C 977 8.61 -47.17 -37.76
CA VAL C 977 7.89 -46.60 -38.88
C VAL C 977 7.85 -47.56 -40.09
N SER C 978 8.42 -48.76 -39.89
CA SER C 978 8.45 -49.75 -40.96
C SER C 978 7.63 -51.03 -40.71
N LEU C 979 6.93 -51.45 -41.77
CA LEU C 979 6.00 -52.57 -41.75
C LEU C 979 6.78 -53.85 -41.99
N LEU C 980 6.65 -54.80 -41.06
CA LEU C 980 7.44 -56.02 -41.10
C LEU C 980 6.64 -57.21 -41.59
N TYR C 981 5.32 -57.17 -41.35
CA TYR C 981 4.44 -58.27 -41.70
C TYR C 981 2.97 -57.83 -41.80
N ALA C 982 2.27 -58.40 -42.77
CA ALA C 982 0.83 -58.16 -42.93
C ALA C 982 0.14 -59.41 -43.43
N SER C 983 -1.03 -59.70 -42.89
CA SER C 983 -1.74 -60.90 -43.23
C SER C 983 -2.13 -60.88 -44.71
N PHE C 984 -2.08 -59.73 -45.35
CA PHE C 984 -2.46 -59.64 -46.75
C PHE C 984 -1.25 -59.74 -47.71
N PHE C 985 -0.07 -60.06 -47.18
CA PHE C 985 1.12 -60.19 -48.02
C PHE C 985 1.02 -61.38 -48.95
N PRO C 986 1.57 -61.25 -50.15
CA PRO C 986 1.63 -62.39 -51.08
C PRO C 986 2.63 -63.45 -50.59
N PRO C 987 2.48 -64.70 -51.05
CA PRO C 987 3.42 -65.80 -50.74
C PRO C 987 4.90 -65.49 -51.02
N LYS C 988 5.21 -64.76 -52.08
CA LYS C 988 6.60 -64.47 -52.38
C LYS C 988 7.22 -63.71 -51.21
N LYS C 989 6.54 -62.65 -50.77
CA LYS C 989 6.99 -61.86 -49.64
C LYS C 989 7.00 -62.72 -48.37
N LEU C 990 5.94 -63.46 -48.11
CA LEU C 990 5.89 -64.27 -46.90
C LEU C 990 7.05 -65.26 -46.82
N LYS C 991 7.45 -65.81 -47.96
CA LYS C 991 8.51 -66.80 -47.96
C LYS C 991 9.84 -66.16 -47.60
N GLU C 992 10.04 -64.91 -48.00
CA GLU C 992 11.25 -64.16 -47.67
C GLU C 992 11.36 -63.81 -46.18
N ARG C 993 10.23 -63.82 -45.48
CA ARG C 993 10.15 -63.22 -44.14
C ARG C 993 9.83 -64.17 -43.00
N LEU C 994 9.03 -65.20 -43.26
CA LEU C 994 8.53 -66.06 -42.20
C LEU C 994 9.61 -66.78 -41.41
N ASN C 995 10.74 -67.11 -42.07
CA ASN C 995 11.77 -67.81 -41.31
C ASN C 995 12.86 -66.95 -40.66
N LEU C 996 12.66 -65.65 -40.66
CA LEU C 996 13.66 -64.72 -40.15
C LEU C 996 13.45 -64.39 -38.67
N PRO C 997 14.52 -64.50 -37.88
CA PRO C 997 14.54 -63.85 -36.56
C PRO C 997 14.15 -62.39 -36.74
N ILE C 998 13.52 -61.80 -35.73
CA ILE C 998 13.01 -60.44 -35.82
C ILE C 998 14.08 -59.42 -36.22
N THR C 999 15.29 -59.54 -35.66
CA THR C 999 16.34 -58.57 -36.01
C THR C 999 16.64 -58.66 -37.51
N GLN C 1000 16.63 -59.89 -38.04
CA GLN C 1000 16.96 -60.11 -39.44
C GLN C 1000 15.84 -59.61 -40.34
N LEU C 1001 14.62 -59.73 -39.85
CA LEU C 1001 13.47 -59.18 -40.56
C LEU C 1001 13.56 -57.67 -40.63
N VAL C 1002 13.94 -57.03 -39.52
CA VAL C 1002 14.15 -55.59 -39.52
C VAL C 1002 15.24 -55.19 -40.52
N LYS C 1003 16.37 -55.89 -40.51
CA LYS C 1003 17.44 -55.59 -41.45
C LYS C 1003 16.96 -55.73 -42.90
N LEU C 1004 16.15 -56.77 -43.15
CA LEU C 1004 15.68 -57.03 -44.50
C LEU C 1004 14.87 -55.86 -45.02
N VAL C 1005 14.16 -55.17 -44.15
CA VAL C 1005 13.20 -54.17 -44.58
C VAL C 1005 13.78 -52.77 -44.54
N THR C 1006 14.55 -52.49 -43.50
CA THR C 1006 15.10 -51.15 -43.30
C THR C 1006 16.45 -50.99 -43.96
N LYS C 1007 17.09 -52.13 -44.29
CA LYS C 1007 18.44 -52.13 -44.86
C LYS C 1007 19.52 -51.68 -43.85
N LYS C 1008 19.10 -51.40 -42.61
CA LYS C 1008 20.00 -51.02 -41.53
C LYS C 1008 20.01 -52.14 -40.52
N ASP C 1009 21.19 -52.50 -40.01
CA ASP C 1009 21.27 -53.53 -38.98
C ASP C 1009 20.94 -52.91 -37.61
N ILE C 1010 20.66 -53.76 -36.63
CA ILE C 1010 20.43 -53.28 -35.28
C ILE C 1010 21.78 -52.94 -34.69
N PRO C 1011 21.88 -51.79 -34.00
CA PRO C 1011 23.15 -51.47 -33.36
C PRO C 1011 23.30 -52.32 -32.11
N ALA C 1012 24.53 -52.58 -31.67
CA ALA C 1012 24.75 -53.57 -30.61
C ALA C 1012 24.25 -53.17 -29.22
N HIS C 1013 24.26 -51.87 -28.92
CA HIS C 1013 23.80 -51.43 -27.60
C HIS C 1013 22.30 -51.75 -27.37
N VAL C 1014 21.57 -52.02 -28.44
CA VAL C 1014 20.14 -52.29 -28.34
C VAL C 1014 19.82 -53.69 -27.79
N SER C 1015 19.00 -53.70 -26.74
CA SER C 1015 18.69 -54.93 -26.02
C SER C 1015 17.21 -55.29 -26.06
N THR C 1016 16.36 -54.28 -26.28
CA THR C 1016 14.93 -54.52 -26.48
C THR C 1016 14.45 -53.86 -27.77
N MET C 1017 13.37 -54.44 -28.32
CA MET C 1017 12.69 -53.89 -29.46
C MET C 1017 11.22 -53.91 -29.18
N ILE C 1018 10.57 -52.75 -29.33
CA ILE C 1018 9.13 -52.69 -29.20
C ILE C 1018 8.46 -52.87 -30.57
N LEU C 1019 7.50 -53.78 -30.64
CA LEU C 1019 6.74 -54.00 -31.86
C LEU C 1019 5.29 -53.68 -31.62
N GLU C 1020 4.67 -52.97 -32.55
CA GLU C 1020 3.22 -52.78 -32.53
C GLU C 1020 2.54 -53.87 -33.35
N ILE C 1021 1.37 -54.33 -32.91
CA ILE C 1021 0.56 -55.21 -33.72
C ILE C 1021 -0.92 -54.85 -33.82
N CYS C 1022 -1.48 -55.16 -34.99
CA CYS C 1022 -2.91 -55.30 -35.10
C CYS C 1022 -3.24 -56.81 -35.08
N ALA C 1023 -4.43 -57.16 -34.60
CA ALA C 1023 -4.79 -58.57 -34.47
C ALA C 1023 -6.29 -58.79 -34.52
N ASP C 1024 -6.68 -59.99 -34.96
CA ASP C 1024 -8.07 -60.41 -34.83
C ASP C 1024 -8.30 -61.40 -33.71
N ASP C 1025 -9.45 -61.27 -33.09
CA ASP C 1025 -9.81 -62.13 -31.97
C ASP C 1025 -10.55 -63.34 -32.54
N LYS C 1026 -10.98 -64.25 -31.68
CA LYS C 1026 -11.60 -65.49 -32.15
C LYS C 1026 -12.96 -65.29 -32.85
N GLU C 1027 -13.41 -64.06 -33.00
CA GLU C 1027 -14.66 -63.78 -33.71
C GLU C 1027 -14.37 -63.24 -35.10
N GLY C 1028 -13.09 -63.09 -35.43
CA GLY C 1028 -12.68 -62.51 -36.68
C GLY C 1028 -12.69 -60.99 -36.66
N GLU C 1029 -12.80 -60.38 -35.48
CA GLU C 1029 -12.84 -58.93 -35.39
C GLU C 1029 -11.50 -58.36 -34.92
N ASP C 1030 -11.15 -57.20 -35.47
CA ASP C 1030 -9.98 -56.46 -35.05
C ASP C 1030 -10.16 -56.06 -33.58
N VAL C 1031 -9.12 -56.24 -32.78
CA VAL C 1031 -9.18 -55.84 -31.36
C VAL C 1031 -7.92 -55.13 -30.95
N GLU C 1032 -8.07 -54.12 -30.10
CA GLU C 1032 -6.95 -53.42 -29.50
C GLU C 1032 -6.21 -54.38 -28.58
N VAL C 1033 -4.89 -54.46 -28.70
CA VAL C 1033 -4.13 -55.32 -27.80
C VAL C 1033 -2.87 -54.59 -27.29
N PRO C 1034 -2.25 -55.12 -26.23
CA PRO C 1034 -0.96 -54.62 -25.75
C PRO C 1034 0.13 -54.72 -26.83
N PHE C 1035 1.22 -53.96 -26.65
CA PHE C 1035 2.37 -54.02 -27.54
C PHE C 1035 3.29 -55.17 -27.15
N ILE C 1036 4.29 -55.42 -27.98
CA ILE C 1036 5.24 -56.53 -27.78
C ILE C 1036 6.63 -55.99 -27.46
N THR C 1037 7.27 -56.57 -26.46
CA THR C 1037 8.67 -56.28 -26.22
C THR C 1037 9.48 -57.52 -26.51
N ILE C 1038 10.40 -57.41 -27.47
CA ILE C 1038 11.36 -58.46 -27.75
C ILE C 1038 12.61 -58.24 -26.92
N HIS C 1039 13.01 -59.23 -26.12
CA HIS C 1039 14.23 -59.15 -25.33
C HIS C 1039 15.34 -59.91 -26.00
N LEU C 1040 16.30 -59.16 -26.51
CA LEU C 1040 17.40 -59.77 -27.24
C LEU C 1040 18.41 -60.43 -26.30
N ALA D 3 -32.99 -28.80 -10.31
CA ALA D 3 -32.71 -27.39 -10.69
C ALA D 3 -31.94 -26.75 -9.54
N MET D 4 -30.63 -26.97 -9.54
CA MET D 4 -29.72 -26.59 -8.46
C MET D 4 -28.48 -25.77 -8.85
N GLN D 5 -27.86 -25.16 -7.86
CA GLN D 5 -26.62 -24.41 -8.05
C GLN D 5 -25.41 -25.06 -7.41
N ILE D 6 -24.29 -25.07 -8.12
CA ILE D 6 -23.03 -25.47 -7.50
C ILE D 6 -21.95 -24.46 -7.82
N PHE D 7 -20.82 -24.59 -7.15
CA PHE D 7 -19.73 -23.64 -7.28
C PHE D 7 -18.46 -24.34 -7.74
N VAL D 8 -17.66 -23.62 -8.54
CA VAL D 8 -16.37 -24.12 -8.95
C VAL D 8 -15.32 -23.07 -8.57
N LYS D 9 -14.42 -23.43 -7.67
CA LYS D 9 -13.35 -22.53 -7.26
C LYS D 9 -12.11 -22.92 -8.01
N THR D 10 -11.39 -21.94 -8.57
CA THR D 10 -10.19 -22.30 -9.29
C THR D 10 -8.94 -22.14 -8.40
N LEU D 11 -7.78 -22.56 -8.89
CA LEU D 11 -6.59 -22.56 -8.06
C LEU D 11 -6.11 -21.14 -7.82
N THR D 12 -6.65 -20.20 -8.58
CA THR D 12 -6.26 -18.82 -8.43
C THR D 12 -7.20 -18.08 -7.48
N GLY D 13 -8.22 -18.74 -6.96
CA GLY D 13 -9.14 -18.06 -6.04
C GLY D 13 -10.46 -17.60 -6.65
N LYS D 14 -10.60 -17.76 -7.96
CA LYS D 14 -11.82 -17.34 -8.65
C LYS D 14 -13.01 -18.26 -8.33
N THR D 15 -14.19 -17.70 -8.15
CA THR D 15 -15.36 -18.53 -7.89
C THR D 15 -16.34 -18.41 -9.03
N ILE D 16 -16.67 -19.56 -9.62
CA ILE D 16 -17.63 -19.67 -10.72
C ILE D 16 -18.94 -20.30 -10.22
N THR D 17 -20.09 -19.75 -10.61
CA THR D 17 -21.39 -20.32 -10.24
C THR D 17 -22.05 -21.03 -11.43
N LEU D 18 -22.55 -22.25 -11.23
CA LEU D 18 -23.20 -22.97 -12.31
C LEU D 18 -24.63 -23.35 -11.92
N GLU D 19 -25.49 -23.49 -12.90
CA GLU D 19 -26.84 -24.02 -12.70
C GLU D 19 -26.87 -25.35 -13.45
N VAL D 20 -27.20 -26.40 -12.72
CA VAL D 20 -27.16 -27.76 -13.24
C VAL D 20 -28.32 -28.52 -12.63
N GLU D 21 -28.64 -29.66 -13.21
CA GLU D 21 -29.56 -30.60 -12.58
C GLU D 21 -28.72 -31.79 -12.13
N SER D 22 -29.16 -32.49 -11.08
CA SER D 22 -28.35 -33.54 -10.45
C SER D 22 -28.00 -34.72 -11.36
N SER D 23 -28.68 -34.82 -12.50
CA SER D 23 -28.44 -35.90 -13.45
C SER D 23 -27.48 -35.48 -14.55
N ASP D 24 -26.91 -34.28 -14.46
CA ASP D 24 -26.01 -33.86 -15.51
C ASP D 24 -24.72 -34.68 -15.45
N THR D 25 -24.10 -34.90 -16.60
CA THR D 25 -22.85 -35.63 -16.65
C THR D 25 -21.66 -34.72 -16.33
N ILE D 26 -20.51 -35.31 -16.04
CA ILE D 26 -19.31 -34.52 -15.82
C ILE D 26 -19.01 -33.78 -17.11
N ASP D 27 -19.24 -34.47 -18.20
CA ASP D 27 -19.12 -33.92 -19.53
C ASP D 27 -19.89 -32.59 -19.66
N ASN D 28 -21.15 -32.62 -19.25
CA ASN D 28 -22.03 -31.44 -19.28
C ASN D 28 -21.39 -30.29 -18.52
N VAL D 29 -20.94 -30.60 -17.31
CA VAL D 29 -20.40 -29.59 -16.43
C VAL D 29 -19.15 -28.97 -17.00
N LYS D 30 -18.28 -29.82 -17.55
CA LYS D 30 -17.03 -29.33 -18.13
C LYS D 30 -17.29 -28.38 -19.30
N SER D 31 -18.33 -28.67 -20.08
CA SER D 31 -18.65 -27.81 -21.20
C SER D 31 -19.19 -26.47 -20.67
N LYS D 32 -19.92 -26.49 -19.55
CA LYS D 32 -20.40 -25.23 -18.97
C LYS D 32 -19.19 -24.40 -18.50
N ILE D 33 -18.16 -25.08 -18.06
CA ILE D 33 -16.99 -24.38 -17.61
C ILE D 33 -16.27 -23.81 -18.83
N GLN D 34 -16.30 -24.51 -19.96
CA GLN D 34 -15.70 -23.98 -21.18
C GLN D 34 -16.43 -22.70 -21.63
N ASP D 35 -17.75 -22.75 -21.63
CA ASP D 35 -18.51 -21.58 -22.03
C ASP D 35 -18.27 -20.39 -21.12
N LYS D 36 -17.70 -20.63 -19.96
CA LYS D 36 -17.59 -19.57 -18.97
C LYS D 36 -16.14 -19.11 -18.77
N GLU D 37 -15.20 -20.04 -18.93
CA GLU D 37 -13.80 -19.82 -18.63
C GLU D 37 -12.92 -19.92 -19.87
N GLY D 38 -13.37 -20.66 -20.88
CA GLY D 38 -12.61 -20.75 -22.10
C GLY D 38 -11.71 -21.97 -22.11
N ILE D 39 -11.56 -22.67 -20.98
CA ILE D 39 -10.75 -23.88 -20.95
C ILE D 39 -11.43 -25.05 -21.67
N PRO D 40 -10.66 -25.87 -22.40
CA PRO D 40 -11.40 -26.94 -23.05
C PRO D 40 -11.50 -28.14 -22.15
N PRO D 41 -12.59 -28.91 -22.28
CA PRO D 41 -12.85 -29.97 -21.31
C PRO D 41 -11.66 -30.93 -21.07
N ASP D 42 -10.90 -31.28 -22.10
CA ASP D 42 -9.75 -32.18 -21.96
C ASP D 42 -8.73 -31.61 -20.97
N GLN D 43 -8.65 -30.29 -20.82
CA GLN D 43 -7.62 -29.68 -19.96
C GLN D 43 -8.07 -29.39 -18.52
N GLN D 44 -9.37 -29.55 -18.26
CA GLN D 44 -9.97 -29.28 -16.98
C GLN D 44 -9.73 -30.42 -16.03
N ARG D 45 -9.34 -30.08 -14.80
CA ARG D 45 -9.26 -31.09 -13.77
C ARG D 45 -10.07 -30.66 -12.60
N LEU D 46 -11.13 -31.42 -12.33
CA LEU D 46 -12.06 -31.09 -11.28
C LEU D 46 -12.02 -32.13 -10.17
N ILE D 47 -11.91 -31.68 -8.93
CA ILE D 47 -11.91 -32.61 -7.81
C ILE D 47 -12.99 -32.24 -6.81
N PHE D 48 -13.57 -33.26 -6.19
CA PHE D 48 -14.56 -33.06 -5.14
C PHE D 48 -14.52 -34.14 -4.05
N ALA D 49 -14.40 -33.74 -2.80
CA ALA D 49 -14.43 -34.69 -1.70
C ALA D 49 -13.53 -35.90 -1.88
N GLY D 50 -12.29 -35.66 -2.29
CA GLY D 50 -11.35 -36.75 -2.36
C GLY D 50 -11.30 -37.42 -3.72
N LYS D 51 -12.26 -37.14 -4.61
CA LYS D 51 -12.31 -37.80 -5.92
C LYS D 51 -12.05 -36.82 -7.06
N GLN D 52 -11.34 -37.25 -8.10
CA GLN D 52 -11.24 -36.50 -9.35
C GLN D 52 -12.41 -36.88 -10.27
N LEU D 53 -13.09 -35.91 -10.86
CA LEU D 53 -14.31 -36.23 -11.61
C LEU D 53 -14.01 -36.68 -13.05
N GLU D 54 -14.49 -37.88 -13.37
CA GLU D 54 -14.27 -38.53 -14.66
C GLU D 54 -15.41 -38.34 -15.66
N ASP D 55 -15.06 -38.30 -16.94
CA ASP D 55 -15.98 -37.84 -18.00
C ASP D 55 -17.29 -38.63 -18.15
N GLY D 56 -17.32 -39.91 -17.84
CA GLY D 56 -18.53 -40.64 -18.16
C GLY D 56 -19.66 -40.62 -17.12
N ARG D 57 -19.40 -40.03 -15.97
CA ARG D 57 -20.30 -40.12 -14.82
C ARG D 57 -21.18 -38.91 -14.65
N THR D 58 -22.07 -39.00 -13.67
CA THR D 58 -22.99 -37.91 -13.37
C THR D 58 -22.63 -37.22 -12.05
N LEU D 59 -23.23 -36.07 -11.82
CA LEU D 59 -23.01 -35.41 -10.56
C LEU D 59 -23.52 -36.29 -9.43
N SER D 60 -24.58 -37.03 -9.69
CA SER D 60 -25.17 -37.89 -8.67
C SER D 60 -24.22 -39.01 -8.22
N ASP D 61 -23.37 -39.50 -9.13
CA ASP D 61 -22.43 -40.58 -8.85
C ASP D 61 -21.34 -40.20 -7.84
N TYR D 62 -21.16 -38.90 -7.63
CA TYR D 62 -20.15 -38.37 -6.73
C TYR D 62 -20.83 -37.67 -5.55
N ASN D 63 -22.11 -37.98 -5.36
CA ASN D 63 -22.95 -37.31 -4.36
C ASN D 63 -22.76 -35.81 -4.25
N ILE D 64 -22.77 -35.13 -5.39
CA ILE D 64 -22.71 -33.67 -5.42
C ILE D 64 -24.10 -33.10 -5.23
N GLN D 65 -24.21 -32.27 -4.19
CA GLN D 65 -25.47 -31.70 -3.75
C GLN D 65 -25.45 -30.22 -4.05
N LYS D 66 -26.61 -29.60 -3.88
CA LYS D 66 -26.77 -28.18 -4.12
C LYS D 66 -25.91 -27.42 -3.14
N GLU D 67 -25.32 -26.33 -3.64
CA GLU D 67 -24.44 -25.50 -2.84
C GLU D 67 -23.03 -26.13 -2.72
N SER D 68 -22.80 -27.30 -3.35
CA SER D 68 -21.48 -27.93 -3.27
C SER D 68 -20.42 -27.09 -4.01
N THR D 69 -19.16 -27.23 -3.62
CA THR D 69 -18.11 -26.47 -4.25
C THR D 69 -17.12 -27.46 -4.86
N LEU D 70 -16.86 -27.35 -6.16
CA LEU D 70 -15.87 -28.20 -6.81
C LEU D 70 -14.57 -27.39 -6.93
N HIS D 71 -13.44 -28.04 -7.15
CA HIS D 71 -12.20 -27.29 -7.35
C HIS D 71 -11.57 -27.60 -8.69
N LEU D 72 -11.23 -26.55 -9.44
CA LEU D 72 -10.58 -26.74 -10.74
C LEU D 72 -9.11 -26.53 -10.43
N VAL D 73 -8.28 -27.55 -10.66
CA VAL D 73 -6.84 -27.51 -10.33
C VAL D 73 -5.92 -27.78 -11.50
N LEU D 74 -4.65 -27.45 -11.29
CA LEU D 74 -3.59 -27.53 -12.31
C LEU D 74 -2.30 -28.27 -11.98
N ARG D 75 -1.63 -28.86 -12.96
CA ARG D 75 -0.29 -29.36 -12.67
C ARG D 75 0.74 -28.22 -12.96
N LEU D 76 1.70 -27.98 -12.05
CA LEU D 76 2.67 -26.87 -12.26
C LEU D 76 3.98 -27.45 -12.82
N ARG D 77 4.67 -26.71 -13.67
CA ARG D 77 5.87 -27.24 -14.34
CA ARG D 77 5.87 -27.21 -14.36
C ARG D 77 7.21 -26.81 -13.71
N GLY D 78 7.20 -26.09 -12.60
CA GLY D 78 8.52 -25.64 -12.16
C GLY D 78 9.00 -26.48 -10.98
N GLY D 79 10.24 -26.27 -10.60
CA GLY D 79 10.79 -26.95 -9.44
C GLY D 79 12.30 -27.09 -9.47
N ALA E 3 -41.71 -8.18 -38.69
CA ALA E 3 -40.90 -7.24 -39.50
C ALA E 3 -40.27 -6.16 -38.62
N MET E 4 -39.15 -6.48 -37.99
CA MET E 4 -38.56 -5.54 -37.03
C MET E 4 -37.08 -5.27 -37.32
N GLN E 5 -36.54 -4.20 -36.73
CA GLN E 5 -35.13 -3.87 -36.88
C GLN E 5 -34.28 -4.06 -35.62
N ILE E 6 -33.08 -4.64 -35.77
CA ILE E 6 -32.09 -4.67 -34.70
C ILE E 6 -30.74 -4.23 -35.25
N PHE E 7 -29.81 -3.98 -34.34
CA PHE E 7 -28.51 -3.47 -34.72
C PHE E 7 -27.45 -4.43 -34.22
N VAL E 8 -26.38 -4.58 -34.99
CA VAL E 8 -25.25 -5.41 -34.59
C VAL E 8 -23.92 -4.62 -34.64
N LYS E 9 -23.26 -4.47 -33.49
CA LYS E 9 -21.97 -3.78 -33.48
C LYS E 9 -20.77 -4.72 -33.50
N THR E 10 -19.84 -4.36 -34.38
CA THR E 10 -18.55 -5.05 -34.60
C THR E 10 -17.44 -4.31 -33.88
N LEU E 11 -16.28 -4.91 -33.98
CA LEU E 11 -15.10 -4.44 -33.27
C LEU E 11 -14.52 -3.13 -33.78
N THR E 12 -14.93 -2.73 -34.98
CA THR E 12 -14.43 -1.49 -35.60
C THR E 12 -15.33 -0.29 -35.36
N GLY E 13 -16.44 -0.51 -34.67
CA GLY E 13 -17.38 0.55 -34.37
C GLY E 13 -18.55 0.49 -35.33
N LYS E 14 -18.49 -0.40 -36.32
CA LYS E 14 -19.58 -0.50 -37.31
C LYS E 14 -20.85 -1.10 -36.72
N THR E 15 -21.96 -0.48 -37.12
CA THR E 15 -23.28 -0.90 -36.74
C THR E 15 -23.98 -1.39 -38.00
N ILE E 16 -24.47 -2.63 -37.92
CA ILE E 16 -25.17 -3.28 -39.02
C ILE E 16 -26.64 -3.31 -38.73
N THR E 17 -27.46 -2.98 -39.72
CA THR E 17 -28.90 -3.03 -39.54
C THR E 17 -29.45 -4.26 -40.24
N LEU E 18 -30.28 -4.99 -39.49
CA LEU E 18 -30.95 -6.21 -39.92
C LEU E 18 -32.46 -6.12 -39.80
N GLU E 19 -33.12 -6.92 -40.63
CA GLU E 19 -34.56 -7.07 -40.55
C GLU E 19 -34.88 -8.49 -40.10
N VAL E 20 -35.60 -8.59 -38.99
CA VAL E 20 -35.89 -9.87 -38.37
C VAL E 20 -37.27 -9.85 -37.71
N GLU E 21 -37.79 -11.05 -37.43
CA GLU E 21 -38.98 -11.20 -36.60
C GLU E 21 -38.54 -11.80 -35.26
N SER E 22 -39.30 -11.52 -34.21
CA SER E 22 -38.85 -11.92 -32.89
C SER E 22 -38.77 -13.45 -32.79
N SER E 23 -39.36 -14.17 -33.73
CA SER E 23 -39.32 -15.63 -33.67
C SER E 23 -38.16 -16.23 -34.50
N ASP E 24 -37.30 -15.39 -35.05
CA ASP E 24 -36.17 -15.89 -35.83
C ASP E 24 -35.15 -16.54 -34.89
N THR E 25 -34.44 -17.54 -35.36
CA THR E 25 -33.38 -18.18 -34.55
C THR E 25 -32.05 -17.41 -34.64
N ILE E 26 -31.11 -17.73 -33.76
CA ILE E 26 -29.80 -17.09 -33.85
C ILE E 26 -29.13 -17.46 -35.20
N ASP E 27 -29.29 -18.70 -35.70
CA ASP E 27 -28.80 -19.05 -37.04
C ASP E 27 -29.25 -18.09 -38.10
N ASN E 28 -30.55 -17.81 -38.10
CA ASN E 28 -31.17 -16.92 -39.07
C ASN E 28 -30.43 -15.61 -39.03
N VAL E 29 -30.23 -15.08 -37.84
CA VAL E 29 -29.61 -13.78 -37.70
C VAL E 29 -28.19 -13.89 -38.27
N LYS E 30 -27.50 -14.99 -37.97
CA LYS E 30 -26.13 -15.16 -38.48
C LYS E 30 -26.10 -15.26 -40.00
N SER E 31 -27.12 -15.91 -40.57
CA SER E 31 -27.25 -16.05 -42.02
C SER E 31 -27.66 -14.71 -42.66
N LYS E 32 -28.48 -13.93 -41.96
CA LYS E 32 -28.92 -12.61 -42.43
C LYS E 32 -27.72 -11.67 -42.47
N ILE E 33 -26.78 -11.87 -41.56
CA ILE E 33 -25.59 -11.04 -41.49
C ILE E 33 -24.72 -11.40 -42.68
N GLN E 34 -24.72 -12.67 -43.06
CA GLN E 34 -23.99 -13.13 -44.24
C GLN E 34 -24.50 -12.51 -45.55
N ASP E 35 -25.81 -12.52 -45.73
CA ASP E 35 -26.45 -11.97 -46.92
C ASP E 35 -26.26 -10.46 -47.11
N LYS E 36 -25.89 -9.76 -46.03
CA LYS E 36 -25.84 -8.30 -46.07
C LYS E 36 -24.40 -7.81 -45.96
N GLU E 37 -23.58 -8.54 -45.24
CA GLU E 37 -22.23 -8.11 -44.93
C GLU E 37 -21.18 -9.02 -45.53
N GLY E 38 -21.55 -10.28 -45.79
CA GLY E 38 -20.64 -11.21 -46.44
C GLY E 38 -19.88 -12.10 -45.47
N ILE E 39 -19.96 -11.79 -44.17
CA ILE E 39 -19.30 -12.64 -43.19
C ILE E 39 -20.11 -13.95 -43.11
N PRO E 40 -19.42 -15.09 -43.02
CA PRO E 40 -20.16 -16.36 -42.96
C PRO E 40 -20.52 -16.83 -41.54
N PRO E 41 -21.65 -17.56 -41.37
CA PRO E 41 -22.24 -17.97 -40.08
C PRO E 41 -21.27 -18.68 -39.13
N ASP E 42 -20.43 -19.54 -39.72
CA ASP E 42 -19.46 -20.29 -38.95
C ASP E 42 -18.54 -19.37 -38.18
N GLN E 43 -18.32 -18.17 -38.71
CA GLN E 43 -17.36 -17.26 -38.07
C GLN E 43 -17.99 -16.28 -37.09
N GLN E 44 -19.32 -16.17 -37.09
CA GLN E 44 -20.01 -15.22 -36.21
C GLN E 44 -20.23 -15.75 -34.81
N ARG E 45 -19.95 -14.90 -33.84
CA ARG E 45 -20.28 -15.14 -32.45
C ARG E 45 -21.04 -13.89 -31.97
N LEU E 46 -22.29 -14.08 -31.57
CA LEU E 46 -23.16 -12.96 -31.22
C LEU E 46 -23.44 -12.95 -29.74
N ILE E 47 -23.30 -11.77 -29.17
CA ILE E 47 -23.56 -11.60 -27.76
C ILE E 47 -24.62 -10.52 -27.49
N PHE E 48 -25.37 -10.72 -26.42
CA PHE E 48 -26.36 -9.77 -26.02
C PHE E 48 -26.32 -9.81 -24.50
N ALA E 49 -26.12 -8.62 -23.95
CA ALA E 49 -26.04 -8.37 -22.52
C ALA E 49 -25.06 -9.36 -21.87
N GLY E 50 -23.88 -9.52 -22.48
CA GLY E 50 -22.81 -10.28 -21.85
C GLY E 50 -22.76 -11.75 -22.15
N LYS E 51 -23.83 -12.22 -22.75
CA LYS E 51 -24.03 -13.64 -22.99
C LYS E 51 -23.90 -13.96 -24.45
N GLN E 52 -23.35 -15.12 -24.69
CA GLN E 52 -23.34 -15.69 -26.01
C GLN E 52 -24.65 -16.41 -26.29
N LEU E 53 -25.18 -16.10 -27.46
CA LEU E 53 -26.48 -16.51 -27.98
C LEU E 53 -26.35 -17.86 -28.69
N GLU E 54 -27.19 -18.83 -28.33
CA GLU E 54 -27.03 -20.15 -28.89
C GLU E 54 -27.85 -20.26 -30.14
N ASP E 55 -27.32 -21.01 -31.11
CA ASP E 55 -27.82 -20.97 -32.47
C ASP E 55 -29.30 -21.39 -32.60
N GLY E 56 -29.75 -22.28 -31.70
CA GLY E 56 -31.09 -22.84 -31.84
C GLY E 56 -32.20 -22.00 -31.22
N ARG E 57 -31.85 -20.92 -30.52
CA ARG E 57 -32.88 -20.23 -29.80
C ARG E 57 -33.30 -19.05 -30.63
N THR E 58 -34.32 -18.36 -30.17
CA THR E 58 -34.88 -17.24 -30.91
C THR E 58 -34.57 -15.91 -30.25
N LEU E 59 -34.81 -14.85 -30.98
CA LEU E 59 -34.62 -13.54 -30.40
C LEU E 59 -35.60 -13.42 -29.20
N SER E 60 -36.78 -14.02 -29.34
CA SER E 60 -37.78 -13.95 -28.29
C SER E 60 -37.32 -14.62 -26.99
N ASP E 61 -36.53 -15.68 -27.10
CA ASP E 61 -36.02 -16.41 -25.95
C ASP E 61 -35.08 -15.57 -25.12
N TYR E 62 -34.55 -14.50 -25.69
CA TYR E 62 -33.60 -13.65 -24.99
C TYR E 62 -34.19 -12.25 -24.75
N ASN E 63 -35.51 -12.14 -24.89
CA ASN E 63 -36.17 -10.84 -24.83
C ASN E 63 -35.38 -9.72 -25.54
N ILE E 64 -34.95 -10.03 -26.76
CA ILE E 64 -34.30 -9.07 -27.65
C ILE E 64 -35.45 -8.32 -28.35
N GLN E 65 -35.46 -7.00 -28.24
CA GLN E 65 -36.58 -6.23 -28.77
C GLN E 65 -36.14 -5.46 -29.99
N LYS E 66 -37.14 -4.88 -30.64
CA LYS E 66 -36.89 -4.07 -31.79
C LYS E 66 -36.06 -2.90 -31.26
N GLU E 67 -35.08 -2.46 -32.06
CA GLU E 67 -34.16 -1.37 -31.69
C GLU E 67 -33.05 -1.87 -30.74
N SER E 68 -33.05 -3.16 -30.41
CA SER E 68 -32.02 -3.75 -29.53
C SER E 68 -30.63 -3.79 -30.20
N THR E 69 -29.57 -3.83 -29.41
CA THR E 69 -28.23 -3.86 -29.98
C THR E 69 -27.49 -5.11 -29.53
N LEU E 70 -27.05 -5.92 -30.49
CA LEU E 70 -26.24 -7.10 -30.23
C LEU E 70 -24.78 -6.79 -30.53
N HIS E 71 -23.88 -7.64 -30.05
CA HIS E 71 -22.46 -7.46 -30.38
C HIS E 71 -21.93 -8.70 -31.11
N LEU E 72 -21.32 -8.38 -32.24
CA LEU E 72 -20.67 -9.29 -33.15
C LEU E 72 -19.17 -9.38 -33.04
N VAL E 73 -18.70 -10.59 -32.87
CA VAL E 73 -17.30 -10.83 -32.71
C VAL E 73 -17.08 -11.80 -33.87
N LEU E 74 -15.82 -12.01 -34.18
CA LEU E 74 -15.35 -12.82 -35.27
C LEU E 74 -14.58 -13.61 -34.25
N ARG E 75 -14.34 -14.87 -34.53
CA ARG E 75 -13.60 -15.71 -33.61
C ARG E 75 -12.17 -15.48 -33.93
N LEU E 76 -11.36 -15.36 -32.89
CA LEU E 76 -10.03 -14.90 -33.17
C LEU E 76 -8.91 -15.86 -33.47
N ARG E 77 -8.19 -15.34 -34.46
CA ARG E 77 -7.15 -16.03 -35.18
C ARG E 77 -5.82 -15.29 -35.34
N GLY E 78 -5.86 -14.46 -36.41
CA GLY E 78 -4.78 -13.69 -36.99
C GLY E 78 -4.90 -12.20 -36.67
N GLY E 79 -3.90 -11.44 -37.07
CA GLY E 79 -3.94 -9.99 -36.91
C GLY E 79 -2.55 -9.39 -36.85
#